data_2QJN
#
_entry.id   2QJN
#
_cell.length_a   116.269
_cell.length_b   165.241
_cell.length_c   167.039
_cell.angle_alpha   90.00
_cell.angle_beta   90.00
_cell.angle_gamma   90.00
#
_symmetry.space_group_name_H-M   'C 2 2 21'
#
loop_
_entity.id
_entity.type
_entity.pdbx_description
1 polymer 'Mandelate racemase/muconate lactonizing enzyme'
2 non-polymer 'MAGNESIUM ION'
3 non-polymer 2-KETO-3-DEOXYGLUCONATE
4 water water
#
_entity_poly.entity_id   1
_entity_poly.type   'polypeptide(L)'
_entity_poly.pdbx_seq_one_letter_code
;MKITAARVIITCPGRNFVTLKIETDQGVYGIGDATLNGRELSVVAYLQEHVAPCLIGMDPRRIEDIWQYVYRGAYWRRGP
VTMRAIAAVDMALWDIKAKMAGMPLYQLLGGRSRDGIMVYGHANGSDIAETVEAVGHYIDMGYKAIRAQTGVPGIKDAYG
VGRGKLYYEPADASLPSVTGWDTRKALNYVPKLFEELRKTYGFDHHLLHDGHHRYTPQEAANLGKMLEPYQLFWLEDCTP
AENQEAFRLVRQHTVTPLAVGEIFNTIWDAKDLIQNQLIDYIRATVVGAGGLTHLRRIADLASLYQVRTGCHGATDLSPV
TMGCALHFDTWVPNFGIQEYMRHTEETDAVFPHDYWFEKGELFVGETPGHGVDIDEELAAKYPYKPAYLPVARLEDGTMW
NW
;
_entity_poly.pdbx_strand_id   A,B,C,D
#
loop_
_chem_comp.id
_chem_comp.type
_chem_comp.name
_chem_comp.formula
KDG non-polymer 2-KETO-3-DEOXYGLUCONATE 'C6 H10 O6'
MG non-polymer 'MAGNESIUM ION' 'Mg 2'
#
# COMPACT_ATOMS: atom_id res chain seq x y z
N MET A 1 30.10 -2.25 -13.54
CA MET A 1 29.96 -3.56 -12.84
C MET A 1 28.97 -4.44 -13.59
N LYS A 2 29.33 -5.72 -13.77
CA LYS A 2 28.48 -6.63 -14.51
C LYS A 2 28.36 -8.03 -13.90
N ILE A 3 27.22 -8.67 -14.17
CA ILE A 3 26.97 -10.02 -13.71
C ILE A 3 27.72 -10.90 -14.71
N THR A 4 28.56 -11.80 -14.22
CA THR A 4 29.33 -12.67 -15.09
C THR A 4 28.76 -14.08 -15.14
N ALA A 5 28.01 -14.44 -14.11
CA ALA A 5 27.40 -15.76 -14.05
C ALA A 5 26.24 -15.80 -13.07
N ALA A 6 25.26 -16.63 -13.39
CA ALA A 6 24.08 -16.80 -12.55
C ALA A 6 23.88 -18.32 -12.56
N ARG A 7 24.46 -18.99 -11.57
CA ARG A 7 24.41 -20.43 -11.51
C ARG A 7 23.41 -21.03 -10.52
N VAL A 8 22.79 -22.13 -10.93
CA VAL A 8 21.83 -22.81 -10.10
C VAL A 8 22.51 -24.03 -9.48
N ILE A 9 22.41 -24.12 -8.16
CA ILE A 9 23.01 -25.24 -7.43
C ILE A 9 21.91 -26.03 -6.73
N ILE A 10 21.91 -27.34 -6.92
CA ILE A 10 20.92 -28.22 -6.31
C ILE A 10 21.59 -29.15 -5.32
N THR A 11 20.98 -29.31 -4.14
CA THR A 11 21.54 -30.19 -3.12
C THR A 11 20.41 -30.71 -2.23
N CYS A 12 20.58 -31.91 -1.70
CA CYS A 12 19.57 -32.53 -0.84
C CYS A 12 20.12 -33.00 0.50
N PRO A 13 20.52 -32.06 1.37
CA PRO A 13 21.06 -32.41 2.69
C PRO A 13 19.94 -32.64 3.72
N GLY A 14 19.11 -33.64 3.47
CA GLY A 14 18.00 -33.92 4.37
C GLY A 14 16.71 -33.72 3.61
N ARG A 15 16.75 -32.79 2.65
CA ARG A 15 15.61 -32.48 1.79
C ARG A 15 16.17 -31.62 0.66
N ASN A 16 15.42 -31.46 -0.42
CA ASN A 16 15.88 -30.68 -1.56
C ASN A 16 15.90 -29.18 -1.36
N PHE A 17 16.94 -28.54 -1.89
CA PHE A 17 17.11 -27.09 -1.83
C PHE A 17 17.72 -26.62 -3.15
N VAL A 18 17.22 -25.52 -3.68
CA VAL A 18 17.73 -24.96 -4.92
C VAL A 18 18.24 -23.56 -4.60
N THR A 19 19.47 -23.29 -5.00
CA THR A 19 20.09 -21.99 -4.74
C THR A 19 20.62 -21.33 -6.01
N LEU A 20 20.48 -20.02 -6.09
CA LEU A 20 21.00 -19.27 -7.23
C LEU A 20 22.22 -18.50 -6.75
N LYS A 21 23.30 -18.56 -7.51
CA LYS A 21 24.52 -17.83 -7.16
C LYS A 21 24.83 -16.87 -8.29
N ILE A 22 24.81 -15.57 -7.98
CA ILE A 22 25.12 -14.55 -8.97
C ILE A 22 26.52 -14.03 -8.73
N GLU A 23 27.38 -14.20 -9.74
CA GLU A 23 28.77 -13.75 -9.65
C GLU A 23 28.97 -12.49 -10.48
N THR A 24 29.92 -11.66 -10.08
CA THR A 24 30.19 -10.41 -10.78
C THR A 24 31.65 -10.29 -11.23
N ASP A 25 31.92 -9.35 -12.12
CA ASP A 25 33.28 -9.16 -12.60
C ASP A 25 34.16 -8.47 -11.55
N GLN A 26 33.52 -7.93 -10.52
CA GLN A 26 34.25 -7.27 -9.44
C GLN A 26 34.79 -8.33 -8.48
N GLY A 27 34.08 -9.45 -8.41
CA GLY A 27 34.50 -10.53 -7.51
C GLY A 27 33.40 -10.91 -6.53
N VAL A 28 32.72 -9.92 -5.97
CA VAL A 28 31.65 -10.18 -5.01
C VAL A 28 30.55 -11.03 -5.65
N TYR A 29 29.89 -11.84 -4.83
CA TYR A 29 28.81 -12.68 -5.31
C TYR A 29 27.69 -12.70 -4.29
N GLY A 30 26.51 -13.14 -4.70
CA GLY A 30 25.39 -13.23 -3.80
C GLY A 30 24.62 -14.50 -4.10
N ILE A 31 23.86 -14.98 -3.13
CA ILE A 31 23.08 -16.20 -3.34
C ILE A 31 21.64 -15.99 -2.89
N GLY A 32 20.72 -16.72 -3.50
CA GLY A 32 19.33 -16.62 -3.15
C GLY A 32 18.64 -17.97 -3.21
N ASP A 33 17.58 -18.13 -2.42
CA ASP A 33 16.84 -19.39 -2.39
C ASP A 33 15.82 -19.41 -3.53
N ALA A 34 15.64 -20.58 -4.13
CA ALA A 34 14.70 -20.74 -5.24
C ALA A 34 13.91 -22.04 -5.05
N THR A 35 13.95 -22.58 -3.84
CA THR A 35 13.28 -23.83 -3.53
C THR A 35 11.75 -23.78 -3.57
N LEU A 36 11.15 -24.65 -4.37
CA LEU A 36 9.69 -24.76 -4.47
C LEU A 36 9.37 -26.21 -4.17
N ASN A 37 9.04 -26.48 -2.91
CA ASN A 37 8.77 -27.83 -2.45
C ASN A 37 7.84 -28.68 -3.32
N GLY A 38 8.36 -29.82 -3.78
CA GLY A 38 7.58 -30.73 -4.60
C GLY A 38 7.58 -30.43 -6.10
N ARG A 39 8.13 -29.29 -6.49
CA ARG A 39 8.17 -28.88 -7.89
C ARG A 39 9.51 -28.17 -8.16
N GLU A 40 10.51 -28.49 -7.34
CA GLU A 40 11.83 -27.86 -7.41
C GLU A 40 12.48 -27.69 -8.77
N LEU A 41 12.47 -28.73 -9.60
CA LEU A 41 13.13 -28.64 -10.90
C LEU A 41 12.51 -27.71 -11.93
N SER A 42 11.24 -27.35 -11.76
CA SER A 42 10.61 -26.43 -12.70
C SER A 42 11.25 -25.05 -12.55
N VAL A 43 11.64 -24.69 -11.32
CA VAL A 43 12.29 -23.40 -11.08
C VAL A 43 13.72 -23.46 -11.60
N VAL A 44 14.36 -24.62 -11.42
CA VAL A 44 15.73 -24.81 -11.91
C VAL A 44 15.75 -24.51 -13.41
N ALA A 45 14.80 -25.08 -14.14
CA ALA A 45 14.72 -24.85 -15.58
C ALA A 45 14.39 -23.40 -15.89
N TYR A 46 13.45 -22.82 -15.14
CA TYR A 46 13.04 -21.43 -15.35
C TYR A 46 14.25 -20.50 -15.25
N LEU A 47 15.08 -20.72 -14.23
CA LEU A 47 16.26 -19.89 -14.02
C LEU A 47 17.41 -20.24 -14.96
N GLN A 48 17.77 -21.50 -15.00
CA GLN A 48 18.88 -21.98 -15.81
C GLN A 48 18.72 -21.81 -17.32
N GLU A 49 17.56 -22.16 -17.84
CA GLU A 49 17.33 -22.07 -19.28
C GLU A 49 16.81 -20.74 -19.81
N HIS A 50 16.14 -19.96 -18.96
CA HIS A 50 15.57 -18.71 -19.42
C HIS A 50 16.05 -17.41 -18.79
N VAL A 51 15.88 -17.27 -17.48
CA VAL A 51 16.28 -16.03 -16.80
C VAL A 51 17.80 -15.79 -16.76
N ALA A 52 18.54 -16.78 -16.29
CA ALA A 52 20.00 -16.67 -16.17
C ALA A 52 20.71 -16.04 -17.37
N PRO A 53 20.46 -16.56 -18.59
CA PRO A 53 21.12 -16.00 -19.78
C PRO A 53 20.84 -14.51 -19.97
N CYS A 54 19.68 -14.05 -19.52
CA CYS A 54 19.32 -12.64 -19.66
C CYS A 54 20.07 -11.76 -18.67
N LEU A 55 20.38 -12.30 -17.50
CA LEU A 55 21.07 -11.55 -16.46
C LEU A 55 22.52 -11.21 -16.77
N ILE A 56 23.19 -12.08 -17.54
CA ILE A 56 24.59 -11.87 -17.88
C ILE A 56 24.82 -10.49 -18.50
N GLY A 57 25.77 -9.76 -17.95
CA GLY A 57 26.08 -8.44 -18.48
C GLY A 57 25.30 -7.31 -17.82
N MET A 58 24.26 -7.65 -17.06
CA MET A 58 23.49 -6.62 -16.39
C MET A 58 24.22 -6.08 -15.17
N ASP A 59 23.87 -4.86 -14.77
CA ASP A 59 24.47 -4.20 -13.61
C ASP A 59 23.73 -4.72 -12.37
N PRO A 60 24.37 -5.61 -11.59
CA PRO A 60 23.77 -6.18 -10.38
C PRO A 60 23.31 -5.18 -9.32
N ARG A 61 23.78 -3.94 -9.42
CA ARG A 61 23.39 -2.90 -8.47
C ARG A 61 21.95 -2.40 -8.73
N ARG A 62 21.45 -2.67 -9.93
CA ARG A 62 20.09 -2.22 -10.29
C ARG A 62 19.06 -3.26 -9.89
N ILE A 63 18.89 -3.43 -8.58
CA ILE A 63 17.97 -4.42 -8.05
C ILE A 63 16.53 -4.23 -8.53
N GLU A 64 16.02 -3.01 -8.41
CA GLU A 64 14.64 -2.71 -8.82
C GLU A 64 14.43 -2.90 -10.32
N ASP A 65 15.38 -2.43 -11.13
CA ASP A 65 15.24 -2.58 -12.58
C ASP A 65 15.22 -4.05 -12.98
N ILE A 66 16.09 -4.85 -12.36
CA ILE A 66 16.15 -6.27 -12.68
C ILE A 66 14.88 -6.98 -12.20
N TRP A 67 14.32 -6.54 -11.07
CA TRP A 67 13.10 -7.15 -10.56
C TRP A 67 12.00 -6.92 -11.58
N GLN A 68 11.85 -5.67 -12.01
CA GLN A 68 10.83 -5.28 -12.98
C GLN A 68 11.06 -5.99 -14.32
N TYR A 69 12.33 -6.14 -14.68
CA TYR A 69 12.68 -6.79 -15.93
C TYR A 69 12.21 -8.24 -15.95
N VAL A 70 12.52 -8.98 -14.89
CA VAL A 70 12.13 -10.38 -14.84
C VAL A 70 10.63 -10.56 -14.59
N TYR A 71 10.05 -9.65 -13.82
CA TYR A 71 8.61 -9.73 -13.52
C TYR A 71 7.77 -9.38 -14.75
N ARG A 72 7.97 -8.19 -15.30
CA ARG A 72 7.22 -7.74 -16.46
C ARG A 72 7.69 -8.44 -17.73
N GLY A 73 9.01 -8.58 -17.88
CA GLY A 73 9.57 -9.20 -19.07
C GLY A 73 9.12 -10.61 -19.38
N ALA A 74 8.71 -11.34 -18.35
CA ALA A 74 8.25 -12.72 -18.55
C ALA A 74 6.97 -12.75 -19.38
N TYR A 75 6.25 -11.62 -19.38
CA TYR A 75 4.99 -11.46 -20.09
C TYR A 75 3.87 -12.19 -19.35
N TRP A 76 4.07 -13.48 -19.11
CA TRP A 76 3.10 -14.27 -18.35
C TRP A 76 3.49 -13.96 -16.91
N ARG A 77 2.65 -13.22 -16.20
CA ARG A 77 3.00 -12.79 -14.84
C ARG A 77 2.50 -13.61 -13.66
N ARG A 78 3.19 -13.42 -12.52
CA ARG A 78 2.87 -14.08 -11.27
C ARG A 78 3.11 -15.59 -11.33
N GLY A 79 2.70 -16.31 -10.29
CA GLY A 79 2.87 -17.75 -10.28
C GLY A 79 3.96 -18.22 -9.33
N PRO A 80 3.78 -19.40 -8.72
CA PRO A 80 4.77 -19.95 -7.78
C PRO A 80 6.16 -20.15 -8.39
N VAL A 81 6.21 -20.69 -9.60
CA VAL A 81 7.48 -20.94 -10.27
C VAL A 81 8.13 -19.60 -10.63
N THR A 82 7.37 -18.75 -11.31
CA THR A 82 7.83 -17.43 -11.73
C THR A 82 8.39 -16.61 -10.58
N MET A 83 7.61 -16.44 -9.52
CA MET A 83 8.03 -15.65 -8.37
C MET A 83 9.19 -16.25 -7.58
N ARG A 84 9.31 -17.58 -7.59
CA ARG A 84 10.40 -18.22 -6.88
C ARG A 84 11.72 -17.83 -7.56
N ALA A 85 11.70 -17.80 -8.89
CA ALA A 85 12.88 -17.43 -9.66
C ALA A 85 13.25 -15.97 -9.42
N ILE A 86 12.24 -15.12 -9.45
CA ILE A 86 12.44 -13.69 -9.23
C ILE A 86 12.99 -13.46 -7.82
N ALA A 87 12.49 -14.22 -6.85
CA ALA A 87 12.94 -14.07 -5.47
C ALA A 87 14.40 -14.50 -5.30
N ALA A 88 14.80 -15.55 -6.01
CA ALA A 88 16.17 -16.04 -5.92
C ALA A 88 17.14 -14.98 -6.45
N VAL A 89 16.73 -14.32 -7.53
CA VAL A 89 17.54 -13.26 -8.11
C VAL A 89 17.59 -12.08 -7.16
N ASP A 90 16.42 -11.68 -6.64
CA ASP A 90 16.34 -10.53 -5.74
C ASP A 90 17.16 -10.74 -4.47
N MET A 91 17.08 -11.94 -3.88
CA MET A 91 17.84 -12.23 -2.67
C MET A 91 19.35 -12.12 -2.93
N ALA A 92 19.77 -12.71 -4.05
CA ALA A 92 21.19 -12.68 -4.42
C ALA A 92 21.68 -11.26 -4.64
N LEU A 93 20.86 -10.42 -5.27
CA LEU A 93 21.25 -9.03 -5.52
C LEU A 93 21.31 -8.20 -4.24
N TRP A 94 20.37 -8.40 -3.32
CA TRP A 94 20.40 -7.65 -2.07
C TRP A 94 21.61 -8.12 -1.24
N ASP A 95 21.93 -9.40 -1.37
CA ASP A 95 23.07 -9.98 -0.66
C ASP A 95 24.32 -9.24 -1.15
N ILE A 96 24.41 -9.04 -2.45
CA ILE A 96 25.53 -8.34 -3.07
C ILE A 96 25.61 -6.88 -2.63
N LYS A 97 24.47 -6.18 -2.67
CA LYS A 97 24.44 -4.78 -2.28
C LYS A 97 24.85 -4.56 -0.83
N ALA A 98 24.44 -5.48 0.05
CA ALA A 98 24.79 -5.35 1.47
C ALA A 98 26.28 -5.63 1.66
N LYS A 99 26.82 -6.60 0.92
CA LYS A 99 28.24 -6.93 1.02
C LYS A 99 29.05 -5.72 0.55
N MET A 100 28.61 -5.10 -0.52
CA MET A 100 29.29 -3.93 -1.08
C MET A 100 29.22 -2.74 -0.14
N ALA A 101 28.10 -2.59 0.57
CA ALA A 101 27.94 -1.49 1.51
C ALA A 101 28.67 -1.78 2.82
N GLY A 102 29.07 -3.04 3.01
CA GLY A 102 29.78 -3.43 4.22
C GLY A 102 28.85 -3.45 5.42
N MET A 103 27.60 -3.85 5.21
CA MET A 103 26.63 -3.89 6.30
C MET A 103 25.71 -5.10 6.24
N PRO A 104 25.20 -5.53 7.41
CA PRO A 104 24.29 -6.68 7.39
C PRO A 104 23.05 -6.14 6.66
N LEU A 105 22.32 -7.01 5.96
CA LEU A 105 21.17 -6.58 5.18
C LEU A 105 20.13 -5.68 5.89
N TYR A 106 19.79 -5.99 7.13
CA TYR A 106 18.78 -5.18 7.82
C TYR A 106 19.12 -3.69 7.88
N GLN A 107 20.41 -3.35 7.85
CA GLN A 107 20.82 -1.95 7.88
C GLN A 107 20.40 -1.22 6.59
N LEU A 108 20.46 -1.91 5.46
CA LEU A 108 20.07 -1.30 4.19
C LEU A 108 18.57 -1.09 4.08
N LEU A 109 17.80 -1.96 4.74
CA LEU A 109 16.35 -1.87 4.69
C LEU A 109 15.81 -0.71 5.52
N GLY A 110 16.60 -0.28 6.51
CA GLY A 110 16.16 0.83 7.34
C GLY A 110 16.63 0.71 8.78
N GLY A 111 17.47 -0.28 9.05
CA GLY A 111 17.99 -0.45 10.39
C GLY A 111 17.15 -1.32 11.30
N ARG A 112 17.67 -1.52 12.50
CA ARG A 112 17.02 -2.35 13.51
C ARG A 112 15.79 -1.72 14.17
N SER A 113 14.70 -2.48 14.23
CA SER A 113 13.48 -2.01 14.86
C SER A 113 13.27 -2.78 16.16
N ARG A 114 13.93 -3.92 16.26
CA ARG A 114 13.82 -4.77 17.45
C ARG A 114 15.09 -5.58 17.66
N ASP A 115 15.20 -6.20 18.82
CA ASP A 115 16.36 -7.01 19.13
C ASP A 115 16.15 -8.44 18.66
N GLY A 116 15.38 -9.21 19.42
CA GLY A 116 15.13 -10.58 19.03
C GLY A 116 13.90 -10.74 18.16
N ILE A 117 13.80 -11.89 17.49
CA ILE A 117 12.68 -12.18 16.61
C ILE A 117 11.85 -13.29 17.24
N MET A 118 10.64 -12.96 17.68
CA MET A 118 9.79 -13.97 18.29
C MET A 118 9.38 -15.00 17.26
N VAL A 119 9.44 -16.28 17.63
CA VAL A 119 9.06 -17.36 16.73
C VAL A 119 8.06 -18.29 17.40
N TYR A 120 7.52 -19.22 16.63
CA TYR A 120 6.62 -20.21 17.18
C TYR A 120 7.13 -21.55 16.73
N GLY A 121 6.91 -22.57 17.54
CA GLY A 121 7.35 -23.91 17.21
C GLY A 121 6.17 -24.80 16.87
N HIS A 122 6.46 -26.02 16.44
CA HIS A 122 5.43 -26.97 16.05
C HIS A 122 5.21 -28.13 17.01
N ALA A 123 4.15 -28.06 17.80
CA ALA A 123 3.81 -29.12 18.73
C ALA A 123 2.79 -29.99 18.01
N ASN A 124 3.14 -31.24 17.74
CA ASN A 124 2.25 -32.17 17.05
C ASN A 124 2.03 -33.44 17.88
N GLY A 125 0.83 -33.99 17.78
CA GLY A 125 0.50 -35.20 18.50
C GLY A 125 -0.55 -36.00 17.75
N SER A 126 -0.59 -37.31 18.00
CA SER A 126 -1.55 -38.19 17.34
C SER A 126 -2.95 -37.93 17.89
N ASP A 127 -3.02 -37.43 19.12
CA ASP A 127 -4.28 -37.10 19.76
C ASP A 127 -4.07 -35.94 20.73
N ILE A 128 -5.15 -35.47 21.35
CA ILE A 128 -5.07 -34.35 22.27
C ILE A 128 -4.07 -34.59 23.41
N ALA A 129 -4.10 -35.76 24.02
CA ALA A 129 -3.16 -36.06 25.10
C ALA A 129 -1.72 -35.83 24.64
N GLU A 130 -1.36 -36.42 23.51
CA GLU A 130 0.00 -36.27 22.98
C GLU A 130 0.33 -34.83 22.58
N THR A 131 -0.63 -34.13 21.97
CA THR A 131 -0.39 -32.75 21.55
C THR A 131 -0.21 -31.83 22.76
N VAL A 132 -0.97 -32.07 23.82
CA VAL A 132 -0.86 -31.27 25.03
C VAL A 132 0.55 -31.44 25.60
N GLU A 133 1.05 -32.66 25.60
CA GLU A 133 2.40 -32.94 26.09
C GLU A 133 3.43 -32.21 25.22
N ALA A 134 3.22 -32.24 23.91
CA ALA A 134 4.14 -31.58 22.98
C ALA A 134 4.19 -30.07 23.22
N VAL A 135 3.05 -29.45 23.49
CA VAL A 135 3.02 -28.02 23.74
C VAL A 135 3.82 -27.71 25.00
N GLY A 136 3.69 -28.58 26.01
CA GLY A 136 4.41 -28.38 27.24
C GLY A 136 5.91 -28.37 26.99
N HIS A 137 6.34 -29.18 26.03
CA HIS A 137 7.75 -29.27 25.66
C HIS A 137 8.24 -27.93 25.10
N TYR A 138 7.48 -27.33 24.20
CA TYR A 138 7.88 -26.05 23.64
C TYR A 138 7.85 -24.96 24.69
N ILE A 139 6.90 -25.04 25.62
CA ILE A 139 6.84 -24.05 26.68
C ILE A 139 8.13 -24.18 27.50
N ASP A 140 8.53 -25.42 27.79
CA ASP A 140 9.76 -25.68 28.56
C ASP A 140 10.96 -25.04 27.88
N MET A 141 11.04 -25.19 26.56
CA MET A 141 12.16 -24.67 25.79
C MET A 141 12.22 -23.14 25.70
N GLY A 142 11.22 -22.47 26.26
CA GLY A 142 11.23 -21.01 26.22
C GLY A 142 10.45 -20.36 25.10
N TYR A 143 9.65 -21.14 24.38
CA TYR A 143 8.85 -20.59 23.28
C TYR A 143 7.70 -19.78 23.84
N LYS A 144 7.52 -18.57 23.31
CA LYS A 144 6.45 -17.69 23.75
C LYS A 144 5.19 -18.02 22.95
N ALA A 145 5.36 -18.66 21.80
CA ALA A 145 4.26 -19.02 20.93
C ALA A 145 4.41 -20.44 20.41
N ILE A 146 3.32 -21.20 20.40
CA ILE A 146 3.34 -22.57 19.95
C ILE A 146 2.16 -22.91 19.03
N ARG A 147 2.46 -23.57 17.91
CA ARG A 147 1.39 -23.99 17.01
C ARG A 147 1.03 -25.40 17.44
N ALA A 148 -0.25 -25.64 17.70
CA ALA A 148 -0.69 -26.95 18.14
C ALA A 148 -1.56 -27.65 17.09
N GLN A 149 -1.11 -28.82 16.66
CA GLN A 149 -1.83 -29.62 15.67
C GLN A 149 -2.01 -31.02 16.23
N THR A 150 -3.20 -31.58 16.11
CA THR A 150 -3.45 -32.92 16.62
C THR A 150 -4.09 -33.83 15.58
N GLY A 151 -3.82 -35.12 15.68
CA GLY A 151 -4.44 -36.07 14.77
C GLY A 151 -5.88 -36.15 15.22
N VAL A 152 -6.79 -36.55 14.34
CA VAL A 152 -8.19 -36.66 14.69
C VAL A 152 -8.66 -38.10 14.61
N PRO A 153 -9.14 -38.66 15.73
CA PRO A 153 -9.63 -40.05 15.77
C PRO A 153 -10.68 -40.28 14.68
N GLY A 154 -10.53 -41.36 13.92
CA GLY A 154 -11.48 -41.65 12.86
C GLY A 154 -11.02 -41.13 11.51
N ILE A 155 -9.99 -40.30 11.51
CA ILE A 155 -9.44 -39.74 10.28
C ILE A 155 -8.10 -40.39 9.97
N ALA A 173 7.59 -38.17 0.08
CA ALA A 173 7.98 -39.49 -0.42
C ALA A 173 8.18 -39.46 -1.94
N SER A 174 8.59 -40.59 -2.50
CA SER A 174 8.84 -40.71 -3.94
C SER A 174 7.61 -40.35 -4.78
N LEU A 175 6.44 -40.49 -4.18
CA LEU A 175 5.18 -40.14 -4.83
C LEU A 175 4.29 -39.56 -3.74
N PRO A 176 3.34 -38.70 -4.11
CA PRO A 176 2.45 -38.09 -3.12
C PRO A 176 1.68 -39.07 -2.25
N SER A 177 1.80 -38.90 -0.93
CA SER A 177 1.07 -39.75 0.01
C SER A 177 -0.36 -39.22 0.03
N VAL A 178 -1.32 -40.10 0.19
CA VAL A 178 -2.73 -39.69 0.23
C VAL A 178 -3.23 -39.71 1.66
N THR A 179 -3.62 -38.55 2.16
CA THR A 179 -4.13 -38.46 3.53
C THR A 179 -5.64 -38.30 3.49
N GLY A 180 -6.31 -38.68 4.57
CA GLY A 180 -7.75 -38.58 4.62
C GLY A 180 -8.20 -37.36 5.39
N TRP A 181 -9.47 -37.00 5.23
CA TRP A 181 -10.00 -35.86 5.94
C TRP A 181 -11.51 -35.92 6.07
N ASP A 182 -12.01 -35.39 7.19
CA ASP A 182 -13.44 -35.30 7.44
C ASP A 182 -13.67 -34.10 8.35
N THR A 183 -14.36 -33.11 7.82
CA THR A 183 -14.61 -31.87 8.55
C THR A 183 -15.41 -32.00 9.83
N ARG A 184 -16.50 -32.76 9.81
CA ARG A 184 -17.31 -32.91 11.01
C ARG A 184 -16.51 -33.52 12.15
N LYS A 185 -15.67 -34.51 11.85
CA LYS A 185 -14.86 -35.13 12.90
C LYS A 185 -13.89 -34.13 13.49
N ALA A 186 -13.30 -33.30 12.63
CA ALA A 186 -12.35 -32.29 13.09
C ALA A 186 -13.07 -31.20 13.89
N LEU A 187 -14.24 -30.78 13.42
CA LEU A 187 -15.00 -29.73 14.11
C LEU A 187 -15.38 -30.16 15.53
N ASN A 188 -15.59 -31.46 15.72
CA ASN A 188 -15.96 -31.98 17.02
C ASN A 188 -14.75 -32.22 17.93
N TYR A 189 -13.55 -32.22 17.35
CA TYR A 189 -12.34 -32.50 18.12
C TYR A 189 -11.37 -31.34 18.36
N VAL A 190 -11.05 -30.58 17.32
CA VAL A 190 -10.10 -29.48 17.46
C VAL A 190 -10.39 -28.51 18.61
N PRO A 191 -11.66 -28.09 18.78
CA PRO A 191 -11.93 -27.16 19.88
C PRO A 191 -11.53 -27.74 21.25
N LYS A 192 -11.70 -29.04 21.40
CA LYS A 192 -11.35 -29.71 22.65
C LYS A 192 -9.86 -29.64 22.92
N LEU A 193 -9.06 -29.65 21.86
CA LEU A 193 -7.61 -29.55 22.01
C LEU A 193 -7.25 -28.25 22.72
N PHE A 194 -7.78 -27.14 22.20
CA PHE A 194 -7.47 -25.85 22.79
C PHE A 194 -8.10 -25.61 24.15
N GLU A 195 -9.24 -26.28 24.41
CA GLU A 195 -9.86 -26.15 25.71
C GLU A 195 -8.92 -26.83 26.71
N GLU A 196 -8.39 -28.00 26.34
CA GLU A 196 -7.48 -28.72 27.22
C GLU A 196 -6.16 -27.97 27.39
N LEU A 197 -5.70 -27.31 26.33
CA LEU A 197 -4.44 -26.55 26.41
C LEU A 197 -4.54 -25.41 27.41
N ARG A 198 -5.63 -24.66 27.37
CA ARG A 198 -5.83 -23.52 28.27
C ARG A 198 -6.06 -23.98 29.71
N LYS A 199 -6.77 -25.09 29.87
CA LYS A 199 -7.03 -25.63 31.20
C LYS A 199 -5.73 -26.11 31.83
N THR A 200 -4.84 -26.62 30.99
CA THR A 200 -3.56 -27.14 31.44
C THR A 200 -2.45 -26.10 31.62
N TYR A 201 -2.33 -25.20 30.65
CA TYR A 201 -1.27 -24.20 30.69
C TYR A 201 -1.70 -22.76 30.94
N GLY A 202 -3.00 -22.50 30.99
CA GLY A 202 -3.44 -21.14 31.21
C GLY A 202 -3.33 -20.29 29.94
N PHE A 203 -3.47 -18.99 30.09
CA PHE A 203 -3.44 -18.07 28.95
C PHE A 203 -2.17 -17.25 28.70
N ASP A 204 -1.07 -17.56 29.39
CA ASP A 204 0.16 -16.80 29.19
C ASP A 204 0.82 -16.95 27.82
N HIS A 205 0.76 -18.15 27.24
CA HIS A 205 1.40 -18.38 25.95
C HIS A 205 0.52 -18.19 24.73
N HIS A 206 1.15 -17.76 23.63
CA HIS A 206 0.45 -17.56 22.37
C HIS A 206 0.20 -18.96 21.77
N LEU A 207 -1.04 -19.25 21.43
CA LEU A 207 -1.36 -20.55 20.83
C LEU A 207 -1.89 -20.34 19.42
N LEU A 208 -1.29 -21.05 18.47
CA LEU A 208 -1.68 -20.95 17.07
C LEU A 208 -2.24 -22.25 16.51
N HIS A 209 -3.06 -22.15 15.46
CA HIS A 209 -3.60 -23.33 14.81
C HIS A 209 -3.63 -23.12 13.30
N ASP A 210 -3.30 -24.18 12.57
CA ASP A 210 -3.27 -24.14 11.12
C ASP A 210 -4.41 -24.99 10.56
N GLY A 211 -5.41 -24.32 9.99
CA GLY A 211 -6.55 -25.04 9.43
C GLY A 211 -6.16 -25.74 8.13
N HIS A 212 -5.01 -25.36 7.61
CA HIS A 212 -4.46 -25.95 6.40
C HIS A 212 -5.44 -26.16 5.23
N HIS A 213 -6.18 -25.09 4.89
CA HIS A 213 -7.12 -25.10 3.76
C HIS A 213 -8.26 -26.13 3.79
N ARG A 214 -8.53 -26.73 4.94
CA ARG A 214 -9.54 -27.77 5.01
C ARG A 214 -11.02 -27.38 5.09
N TYR A 215 -11.30 -26.17 5.54
CA TYR A 215 -12.66 -25.72 5.76
C TYR A 215 -13.27 -24.76 4.74
N THR A 216 -14.61 -24.73 4.70
CA THR A 216 -15.33 -23.80 3.83
C THR A 216 -15.42 -22.56 4.73
N PRO A 217 -15.80 -21.40 4.16
CA PRO A 217 -15.89 -20.20 4.98
C PRO A 217 -16.83 -20.36 6.19
N GLN A 218 -17.99 -20.98 5.98
CA GLN A 218 -18.95 -21.19 7.06
C GLN A 218 -18.40 -22.08 8.17
N GLU A 219 -17.73 -23.17 7.77
CA GLU A 219 -17.15 -24.09 8.76
C GLU A 219 -16.01 -23.40 9.51
N ALA A 220 -15.26 -22.56 8.80
CA ALA A 220 -14.14 -21.84 9.41
C ALA A 220 -14.71 -20.83 10.41
N ALA A 221 -15.85 -20.23 10.07
CA ALA A 221 -16.49 -19.27 10.96
C ALA A 221 -16.98 -20.00 12.20
N ASN A 222 -17.47 -21.22 11.97
CA ASN A 222 -17.97 -22.08 13.04
C ASN A 222 -16.80 -22.44 13.95
N LEU A 223 -15.71 -22.93 13.37
CA LEU A 223 -14.52 -23.29 14.13
C LEU A 223 -13.97 -22.05 14.85
N GLY A 224 -13.91 -20.93 14.15
CA GLY A 224 -13.40 -19.71 14.74
C GLY A 224 -14.14 -19.30 15.99
N LYS A 225 -15.47 -19.36 15.95
CA LYS A 225 -16.29 -19.01 17.10
C LYS A 225 -16.05 -19.98 18.25
N MET A 226 -15.96 -21.28 17.94
CA MET A 226 -15.73 -22.28 18.97
C MET A 226 -14.36 -22.13 19.64
N LEU A 227 -13.40 -21.55 18.92
CA LEU A 227 -12.05 -21.36 19.46
C LEU A 227 -11.90 -20.05 20.22
N GLU A 228 -12.86 -19.13 20.05
CA GLU A 228 -12.83 -17.83 20.71
C GLU A 228 -12.54 -17.83 22.21
N PRO A 229 -13.16 -18.73 22.99
CA PRO A 229 -12.88 -18.73 24.42
C PRO A 229 -11.43 -19.03 24.76
N TYR A 230 -10.70 -19.60 23.80
CA TYR A 230 -9.32 -19.97 24.04
C TYR A 230 -8.27 -18.95 23.60
N GLN A 231 -8.73 -17.80 23.12
CA GLN A 231 -7.84 -16.70 22.75
C GLN A 231 -6.61 -17.09 21.94
N LEU A 232 -6.81 -17.58 20.71
CA LEU A 232 -5.68 -17.97 19.90
C LEU A 232 -4.92 -16.79 19.30
N PHE A 233 -3.64 -17.01 19.00
CA PHE A 233 -2.79 -15.99 18.40
C PHE A 233 -3.30 -15.83 16.96
N TRP A 234 -3.66 -16.96 16.34
CA TRP A 234 -4.25 -16.97 15.01
C TRP A 234 -4.75 -18.33 14.59
N LEU A 235 -5.66 -18.30 13.62
CA LEU A 235 -6.23 -19.50 13.00
C LEU A 235 -5.72 -19.24 11.58
N GLU A 236 -4.88 -20.13 11.10
CA GLU A 236 -4.22 -20.00 9.80
C GLU A 236 -4.83 -20.76 8.62
N ASP A 237 -4.75 -20.14 7.44
CA ASP A 237 -5.24 -20.72 6.19
C ASP A 237 -6.52 -21.52 6.43
N CYS A 238 -7.49 -20.93 7.13
CA CYS A 238 -8.73 -21.64 7.44
C CYS A 238 -9.51 -22.16 6.24
N THR A 239 -9.47 -21.41 5.14
CA THR A 239 -10.19 -21.79 3.93
C THR A 239 -9.38 -21.37 2.69
N PRO A 240 -9.50 -22.11 1.58
CA PRO A 240 -8.76 -21.75 0.36
C PRO A 240 -9.01 -20.29 0.03
N ALA A 241 -7.98 -19.55 -0.37
CA ALA A 241 -8.15 -18.13 -0.63
C ALA A 241 -7.95 -17.57 -2.03
N GLU A 242 -8.05 -18.41 -3.06
CA GLU A 242 -7.89 -17.90 -4.43
C GLU A 242 -8.95 -16.82 -4.60
N ASN A 243 -10.11 -17.05 -4.00
CA ASN A 243 -11.21 -16.07 -4.02
C ASN A 243 -11.00 -15.30 -2.73
N GLN A 244 -10.53 -14.06 -2.83
CA GLN A 244 -10.27 -13.28 -1.63
C GLN A 244 -11.50 -12.91 -0.82
N GLU A 245 -12.68 -13.15 -1.39
CA GLU A 245 -13.93 -12.87 -0.68
C GLU A 245 -14.25 -14.02 0.29
N ALA A 246 -13.50 -15.12 0.19
CA ALA A 246 -13.72 -16.29 1.03
C ALA A 246 -13.59 -16.04 2.53
N PHE A 247 -12.81 -15.04 2.93
CA PHE A 247 -12.65 -14.73 4.34
C PHE A 247 -13.73 -13.81 4.91
N ARG A 248 -14.60 -13.29 4.04
CA ARG A 248 -15.65 -12.37 4.48
C ARG A 248 -16.54 -12.93 5.57
N LEU A 249 -17.11 -14.11 5.31
CA LEU A 249 -18.00 -14.76 6.26
C LEU A 249 -17.29 -15.08 7.58
N VAL A 250 -16.04 -15.51 7.49
CA VAL A 250 -15.27 -15.86 8.69
C VAL A 250 -15.09 -14.62 9.56
N ARG A 251 -14.59 -13.55 8.94
CA ARG A 251 -14.34 -12.29 9.64
C ARG A 251 -15.60 -11.69 10.25
N GLN A 252 -16.73 -11.88 9.60
CA GLN A 252 -17.99 -11.34 10.11
C GLN A 252 -18.49 -12.07 11.35
N HIS A 253 -18.18 -13.36 11.47
CA HIS A 253 -18.66 -14.14 12.61
C HIS A 253 -17.74 -14.47 13.79
N THR A 254 -16.44 -14.23 13.66
CA THR A 254 -15.55 -14.53 14.78
C THR A 254 -14.47 -13.48 14.96
N VAL A 255 -14.03 -13.33 16.21
CA VAL A 255 -12.97 -12.39 16.54
C VAL A 255 -11.64 -13.13 16.66
N THR A 256 -11.64 -14.42 16.37
CA THR A 256 -10.40 -15.19 16.43
C THR A 256 -9.49 -14.63 15.33
N PRO A 257 -8.22 -14.33 15.67
CA PRO A 257 -7.30 -13.78 14.67
C PRO A 257 -7.11 -14.70 13.47
N LEU A 258 -7.03 -14.12 12.28
CA LEU A 258 -6.88 -14.89 11.05
C LEU A 258 -5.56 -14.60 10.35
N ALA A 259 -4.91 -15.66 9.85
CA ALA A 259 -3.64 -15.52 9.14
C ALA A 259 -3.72 -16.32 7.85
N VAL A 260 -2.97 -15.90 6.83
CA VAL A 260 -2.99 -16.59 5.55
C VAL A 260 -1.85 -16.08 4.65
N GLY A 261 -1.47 -16.87 3.65
CA GLY A 261 -0.45 -16.39 2.74
C GLY A 261 0.82 -17.15 2.42
N GLU A 262 1.09 -18.27 3.08
CA GLU A 262 2.32 -18.98 2.77
C GLU A 262 2.41 -19.39 1.31
N ILE A 263 1.27 -19.68 0.68
CA ILE A 263 1.31 -20.08 -0.73
C ILE A 263 1.11 -18.92 -1.71
N PHE A 264 0.98 -17.70 -1.20
CA PHE A 264 0.81 -16.52 -2.07
C PHE A 264 2.17 -16.22 -2.70
N ASN A 265 2.17 -15.59 -3.88
CA ASN A 265 3.43 -15.24 -4.51
C ASN A 265 3.55 -13.76 -4.94
N THR A 266 2.45 -13.01 -4.81
CA THR A 266 2.47 -11.57 -5.14
C THR A 266 1.47 -10.84 -4.27
N ILE A 267 1.62 -9.52 -4.20
CA ILE A 267 0.73 -8.70 -3.41
C ILE A 267 -0.71 -8.76 -3.92
N TRP A 268 -0.87 -9.14 -5.19
CA TRP A 268 -2.20 -9.24 -5.81
C TRP A 268 -3.03 -10.36 -5.19
N ASP A 269 -2.36 -11.34 -4.57
CA ASP A 269 -3.07 -12.44 -3.94
C ASP A 269 -3.65 -12.02 -2.58
N ALA A 270 -3.15 -10.91 -2.05
CA ALA A 270 -3.59 -10.47 -0.72
C ALA A 270 -4.14 -9.05 -0.62
N LYS A 271 -4.08 -8.29 -1.70
CA LYS A 271 -4.54 -6.91 -1.66
C LYS A 271 -5.93 -6.73 -1.03
N ASP A 272 -6.90 -7.52 -1.47
CA ASP A 272 -8.25 -7.39 -0.95
C ASP A 272 -8.42 -7.91 0.48
N LEU A 273 -7.76 -9.02 0.80
CA LEU A 273 -7.82 -9.57 2.15
C LEU A 273 -7.34 -8.51 3.14
N ILE A 274 -6.31 -7.77 2.74
CA ILE A 274 -5.75 -6.72 3.58
C ILE A 274 -6.61 -5.46 3.66
N GLN A 275 -6.95 -4.90 2.51
CA GLN A 275 -7.74 -3.67 2.48
C GLN A 275 -9.15 -3.82 3.04
N ASN A 276 -9.70 -5.03 2.96
CA ASN A 276 -11.03 -5.27 3.51
C ASN A 276 -10.92 -5.73 4.96
N GLN A 277 -9.70 -5.68 5.49
CA GLN A 277 -9.43 -6.08 6.87
C GLN A 277 -10.01 -7.45 7.20
N LEU A 278 -9.66 -8.44 6.40
CA LEU A 278 -10.13 -9.80 6.60
C LEU A 278 -9.10 -10.68 7.30
N ILE A 279 -7.88 -10.18 7.46
CA ILE A 279 -6.83 -10.95 8.11
C ILE A 279 -6.03 -10.09 9.06
N ASP A 280 -5.35 -10.73 10.01
CA ASP A 280 -4.54 -10.02 10.99
C ASP A 280 -3.04 -10.21 10.72
N TYR A 281 -2.70 -11.30 10.05
CA TYR A 281 -1.30 -11.61 9.74
C TYR A 281 -1.12 -12.08 8.31
N ILE A 282 -0.14 -11.50 7.62
CA ILE A 282 0.15 -11.91 6.24
C ILE A 282 1.37 -12.85 6.32
N ARG A 283 1.21 -14.06 5.82
CA ARG A 283 2.24 -15.10 5.86
C ARG A 283 3.22 -15.19 4.69
N ALA A 284 3.10 -14.30 3.72
CA ALA A 284 3.99 -14.33 2.55
C ALA A 284 5.45 -14.32 2.99
N THR A 285 6.31 -14.96 2.19
CA THR A 285 7.73 -15.04 2.51
C THR A 285 8.62 -14.43 1.44
N VAL A 286 9.90 -14.28 1.77
CA VAL A 286 10.86 -13.70 0.83
C VAL A 286 11.01 -14.60 -0.40
N VAL A 287 11.01 -15.92 -0.20
CA VAL A 287 11.17 -16.83 -1.32
C VAL A 287 9.87 -17.03 -2.10
N GLY A 288 8.75 -17.02 -1.40
CA GLY A 288 7.48 -17.22 -2.06
C GLY A 288 6.93 -16.01 -2.79
N ALA A 289 7.20 -14.81 -2.27
CA ALA A 289 6.65 -13.59 -2.87
C ALA A 289 7.61 -12.61 -3.55
N GLY A 290 8.58 -13.13 -4.29
CA GLY A 290 9.49 -12.27 -5.03
C GLY A 290 10.60 -11.51 -4.33
N GLY A 291 11.13 -12.02 -3.23
CA GLY A 291 12.23 -11.36 -2.55
C GLY A 291 11.90 -10.20 -1.64
N LEU A 292 12.94 -9.53 -1.13
CA LEU A 292 12.79 -8.39 -0.24
C LEU A 292 12.09 -7.22 -0.94
N THR A 293 12.44 -7.01 -2.21
CA THR A 293 11.87 -5.93 -3.00
C THR A 293 10.34 -5.95 -2.99
N HIS A 294 9.76 -7.13 -3.20
CA HIS A 294 8.30 -7.24 -3.23
C HIS A 294 7.67 -7.43 -1.85
N LEU A 295 8.26 -8.28 -1.02
CA LEU A 295 7.72 -8.55 0.31
C LEU A 295 7.58 -7.25 1.10
N ARG A 296 8.50 -6.32 0.87
CA ARG A 296 8.48 -5.03 1.53
C ARG A 296 7.20 -4.27 1.21
N ARG A 297 6.77 -4.35 -0.04
CA ARG A 297 5.56 -3.66 -0.47
C ARG A 297 4.33 -4.31 0.15
N ILE A 298 4.35 -5.63 0.26
CA ILE A 298 3.26 -6.36 0.89
C ILE A 298 3.19 -5.93 2.36
N ALA A 299 4.32 -5.91 3.04
CA ALA A 299 4.35 -5.52 4.45
C ALA A 299 3.87 -4.08 4.65
N ASP A 300 4.26 -3.18 3.75
CA ASP A 300 3.83 -1.78 3.87
C ASP A 300 2.31 -1.64 3.70
N LEU A 301 1.73 -2.35 2.72
CA LEU A 301 0.29 -2.28 2.52
C LEU A 301 -0.42 -2.79 3.77
N ALA A 302 0.07 -3.91 4.30
CA ALA A 302 -0.51 -4.50 5.49
C ALA A 302 -0.49 -3.53 6.68
N SER A 303 0.61 -2.82 6.85
CA SER A 303 0.75 -1.87 7.95
C SER A 303 -0.33 -0.79 7.98
N LEU A 304 -0.80 -0.36 6.81
CA LEU A 304 -1.82 0.68 6.74
C LEU A 304 -3.11 0.25 7.45
N TYR A 305 -3.31 -1.06 7.54
CA TYR A 305 -4.50 -1.61 8.17
C TYR A 305 -4.15 -2.36 9.45
N GLN A 306 -2.94 -2.12 9.93
CA GLN A 306 -2.45 -2.75 11.16
C GLN A 306 -2.33 -4.27 11.08
N VAL A 307 -2.17 -4.79 9.86
CA VAL A 307 -1.99 -6.21 9.67
C VAL A 307 -0.49 -6.40 9.86
N ARG A 308 -0.09 -7.49 10.52
CA ARG A 308 1.32 -7.74 10.80
C ARG A 308 1.92 -8.91 10.02
N THR A 309 3.25 -8.96 9.95
CA THR A 309 3.91 -10.03 9.23
C THR A 309 3.97 -11.28 10.10
N GLY A 310 3.80 -12.43 9.47
CA GLY A 310 3.86 -13.70 10.16
C GLY A 310 4.46 -14.69 9.17
N CYS A 311 5.64 -14.35 8.67
CA CYS A 311 6.33 -15.15 7.67
C CYS A 311 6.38 -16.65 7.87
N HIS A 312 6.01 -17.36 6.82
CA HIS A 312 6.02 -18.82 6.76
C HIS A 312 7.50 -19.20 6.95
N GLY A 313 7.75 -20.34 7.59
CA GLY A 313 9.13 -20.74 7.82
C GLY A 313 9.36 -22.24 7.97
N ALA A 314 8.70 -23.03 7.15
CA ALA A 314 8.87 -24.48 7.20
C ALA A 314 10.28 -24.81 6.71
N THR A 315 10.69 -26.06 6.87
CA THR A 315 12.03 -26.45 6.46
C THR A 315 12.27 -26.39 4.96
N ASP A 316 11.22 -26.38 4.15
CA ASP A 316 11.41 -26.32 2.70
C ASP A 316 11.85 -24.94 2.23
N LEU A 317 12.11 -24.06 3.19
CA LEU A 317 12.63 -22.72 2.93
C LEU A 317 14.05 -22.83 3.48
N SER A 318 15.05 -22.78 2.60
CA SER A 318 16.44 -22.95 3.01
C SER A 318 16.97 -21.86 3.94
N PRO A 319 18.14 -22.11 4.56
CA PRO A 319 18.75 -21.14 5.47
C PRO A 319 18.96 -19.79 4.80
N VAL A 320 19.05 -19.79 3.47
CA VAL A 320 19.24 -18.54 2.74
C VAL A 320 17.97 -17.70 2.90
N THR A 321 16.81 -18.35 2.81
CA THR A 321 15.54 -17.65 2.98
C THR A 321 15.42 -17.18 4.43
N MET A 322 15.75 -18.05 5.38
CA MET A 322 15.65 -17.70 6.79
C MET A 322 16.53 -16.50 7.10
N GLY A 323 17.73 -16.48 6.52
CA GLY A 323 18.62 -15.37 6.75
C GLY A 323 17.98 -14.07 6.27
N CYS A 324 17.52 -14.08 5.01
CA CYS A 324 16.88 -12.89 4.46
C CYS A 324 15.64 -12.54 5.26
N ALA A 325 14.90 -13.55 5.68
CA ALA A 325 13.67 -13.35 6.46
C ALA A 325 13.96 -12.68 7.80
N LEU A 326 15.06 -13.07 8.42
CA LEU A 326 15.42 -12.51 9.71
C LEU A 326 15.90 -11.07 9.57
N HIS A 327 16.60 -10.76 8.50
CA HIS A 327 17.04 -9.38 8.29
C HIS A 327 15.79 -8.55 8.10
N PHE A 328 14.84 -9.10 7.34
CA PHE A 328 13.57 -8.44 7.09
C PHE A 328 12.81 -8.25 8.40
N ASP A 329 12.71 -9.32 9.19
CA ASP A 329 12.00 -9.29 10.48
C ASP A 329 12.61 -8.31 11.47
N THR A 330 13.92 -8.14 11.39
CA THR A 330 14.64 -7.25 12.30
C THR A 330 14.33 -5.78 12.03
N TRP A 331 13.97 -5.48 10.79
CA TRP A 331 13.66 -4.10 10.39
C TRP A 331 12.18 -3.75 10.30
N VAL A 332 11.40 -4.58 9.63
CA VAL A 332 9.99 -4.29 9.40
C VAL A 332 9.23 -3.83 10.64
N PRO A 333 8.64 -2.62 10.56
CA PRO A 333 7.89 -2.01 11.66
C PRO A 333 6.75 -2.88 12.20
N ASN A 334 5.91 -3.36 11.28
CA ASN A 334 4.76 -4.17 11.65
C ASN A 334 5.02 -5.68 11.72
N PHE A 335 6.12 -6.06 12.36
CA PHE A 335 6.47 -7.45 12.53
C PHE A 335 5.47 -8.08 13.48
N GLY A 336 5.08 -9.33 13.21
CA GLY A 336 4.13 -10.01 14.07
C GLY A 336 4.79 -11.22 14.73
N ILE A 337 5.31 -12.13 13.91
CA ILE A 337 5.97 -13.33 14.41
C ILE A 337 6.67 -14.03 13.24
N GLN A 338 7.58 -14.94 13.56
CA GLN A 338 8.30 -15.69 12.53
C GLN A 338 8.19 -17.17 12.82
N GLU A 339 7.73 -17.94 11.84
CA GLU A 339 7.62 -19.38 12.01
C GLU A 339 9.02 -19.97 11.98
N TYR A 340 9.29 -20.97 12.81
CA TYR A 340 10.62 -21.56 12.85
C TYR A 340 10.63 -23.09 12.97
N MET A 341 11.13 -23.73 11.92
CA MET A 341 11.27 -25.19 11.89
C MET A 341 12.76 -25.42 11.71
N ARG A 342 13.38 -26.14 12.63
CA ARG A 342 14.81 -26.40 12.57
C ARG A 342 15.25 -27.26 11.39
N HIS A 343 16.34 -26.86 10.75
CA HIS A 343 16.89 -27.61 9.63
C HIS A 343 17.78 -28.71 10.21
N THR A 344 18.15 -29.68 9.37
CA THR A 344 19.01 -30.76 9.83
C THR A 344 20.43 -30.23 9.96
N GLU A 345 21.28 -30.97 10.67
CA GLU A 345 22.66 -30.55 10.86
C GLU A 345 23.37 -30.46 9.50
N GLU A 346 23.05 -31.40 8.61
CA GLU A 346 23.65 -31.43 7.28
C GLU A 346 23.31 -30.16 6.51
N THR A 347 22.06 -29.74 6.57
CA THR A 347 21.62 -28.53 5.89
C THR A 347 22.36 -27.29 6.40
N ASP A 348 22.48 -27.16 7.72
CA ASP A 348 23.19 -26.02 8.29
C ASP A 348 24.64 -26.00 7.88
N ALA A 349 25.22 -27.18 7.64
CA ALA A 349 26.61 -27.29 7.23
C ALA A 349 26.76 -26.85 5.78
N VAL A 350 25.82 -27.24 4.93
CA VAL A 350 25.85 -26.84 3.52
C VAL A 350 25.61 -25.34 3.39
N PHE A 351 24.83 -24.79 4.31
CA PHE A 351 24.49 -23.38 4.30
C PHE A 351 24.93 -22.60 5.54
N PRO A 352 26.25 -22.33 5.67
CA PRO A 352 26.72 -21.59 6.85
C PRO A 352 25.99 -20.25 6.92
N HIS A 353 25.47 -19.92 8.09
CA HIS A 353 24.70 -18.70 8.27
C HIS A 353 25.05 -17.95 9.55
N ASP A 354 24.69 -16.67 9.58
CA ASP A 354 24.95 -15.85 10.75
C ASP A 354 23.65 -15.47 11.45
N TYR A 355 23.00 -16.47 12.03
CA TYR A 355 21.78 -16.26 12.80
C TYR A 355 21.68 -17.43 13.76
N TRP A 356 21.07 -17.21 14.92
CA TRP A 356 20.96 -18.27 15.92
C TRP A 356 19.66 -18.17 16.73
N PHE A 357 19.35 -19.27 17.41
CA PHE A 357 18.13 -19.35 18.22
C PHE A 357 18.49 -19.31 19.70
N GLU A 358 17.66 -18.63 20.49
CA GLU A 358 17.90 -18.55 21.92
C GLU A 358 16.62 -18.23 22.69
N LYS A 359 16.20 -19.18 23.53
CA LYS A 359 15.02 -19.04 24.36
C LYS A 359 13.78 -18.45 23.68
N GLY A 360 13.35 -19.08 22.59
CA GLY A 360 12.16 -18.62 21.89
C GLY A 360 12.33 -17.46 20.92
N GLU A 361 13.58 -17.09 20.64
CA GLU A 361 13.83 -15.99 19.72
C GLU A 361 14.96 -16.29 18.75
N LEU A 362 14.85 -15.76 17.55
CA LEU A 362 15.90 -15.91 16.55
C LEU A 362 16.60 -14.55 16.52
N PHE A 363 17.89 -14.57 16.18
CA PHE A 363 18.69 -13.36 16.12
C PHE A 363 19.51 -13.41 14.85
N VAL A 364 19.58 -12.30 14.13
CA VAL A 364 20.38 -12.27 12.91
C VAL A 364 21.72 -11.61 13.25
N GLY A 365 22.78 -12.07 12.61
CA GLY A 365 24.11 -11.55 12.88
C GLY A 365 24.49 -10.27 12.15
N GLU A 366 25.74 -9.85 12.33
CA GLU A 366 26.26 -8.62 11.73
C GLU A 366 27.07 -8.82 10.45
N THR A 367 27.14 -10.04 9.97
CA THR A 367 27.89 -10.32 8.76
C THR A 367 27.28 -9.58 7.56
N PRO A 368 28.11 -8.83 6.81
CA PRO A 368 27.60 -8.10 5.65
C PRO A 368 26.87 -9.06 4.71
N GLY A 369 25.83 -8.55 4.04
CA GLY A 369 25.04 -9.39 3.14
C GLY A 369 23.92 -9.95 3.99
N HIS A 370 23.25 -11.02 3.57
CA HIS A 370 22.21 -11.60 4.41
C HIS A 370 22.83 -12.55 5.43
N GLY A 371 24.15 -12.69 5.37
CA GLY A 371 24.85 -13.54 6.32
C GLY A 371 24.91 -15.02 6.04
N VAL A 372 24.34 -15.45 4.93
CA VAL A 372 24.36 -16.87 4.58
C VAL A 372 25.20 -17.11 3.35
N ASP A 373 25.75 -18.32 3.24
CA ASP A 373 26.55 -18.68 2.08
C ASP A 373 26.28 -20.15 1.79
N ILE A 374 26.87 -20.65 0.71
CA ILE A 374 26.70 -22.05 0.35
C ILE A 374 28.06 -22.71 0.10
N ASP A 375 28.26 -23.86 0.73
CA ASP A 375 29.50 -24.62 0.58
C ASP A 375 29.25 -25.54 -0.62
N GLU A 376 29.67 -25.11 -1.81
CA GLU A 376 29.44 -25.89 -3.01
C GLU A 376 30.03 -27.29 -3.00
N GLU A 377 31.23 -27.44 -2.43
CA GLU A 377 31.88 -28.75 -2.38
C GLU A 377 31.07 -29.72 -1.51
N LEU A 378 30.57 -29.23 -0.39
CA LEU A 378 29.78 -30.08 0.48
C LEU A 378 28.39 -30.35 -0.11
N ALA A 379 27.83 -29.34 -0.76
CA ALA A 379 26.51 -29.47 -1.38
C ALA A 379 26.48 -30.58 -2.42
N ALA A 380 27.58 -30.71 -3.16
CA ALA A 380 27.70 -31.72 -4.21
C ALA A 380 27.68 -33.15 -3.68
N LYS A 381 27.81 -33.32 -2.37
CA LYS A 381 27.83 -34.65 -1.78
C LYS A 381 26.42 -35.16 -1.46
N TYR A 382 25.41 -34.32 -1.66
CA TYR A 382 24.03 -34.69 -1.39
C TYR A 382 23.21 -34.51 -2.67
N PRO A 383 23.13 -35.56 -3.49
CA PRO A 383 22.38 -35.48 -4.74
C PRO A 383 20.87 -35.36 -4.57
N TYR A 384 20.25 -34.66 -5.52
CA TYR A 384 18.82 -34.44 -5.54
C TYR A 384 18.05 -35.76 -5.44
N LYS A 385 16.96 -35.75 -4.67
CA LYS A 385 16.13 -36.93 -4.55
C LYS A 385 14.67 -36.47 -4.54
N PRO A 386 13.90 -36.86 -5.57
CA PRO A 386 12.49 -36.48 -5.68
C PRO A 386 11.67 -36.73 -4.43
N ALA A 387 10.89 -35.72 -4.03
CA ALA A 387 10.03 -35.81 -2.85
C ALA A 387 8.79 -34.94 -3.09
N TYR A 388 7.62 -35.51 -2.85
CA TYR A 388 6.35 -34.81 -3.05
C TYR A 388 5.60 -34.49 -1.77
N LEU A 389 4.82 -33.41 -1.80
CA LEU A 389 4.00 -33.05 -0.66
C LEU A 389 2.81 -34.00 -0.75
N PRO A 390 2.14 -34.27 0.38
CA PRO A 390 0.98 -35.16 0.37
C PRO A 390 -0.23 -34.51 -0.29
N VAL A 391 -1.24 -35.33 -0.60
CA VAL A 391 -2.49 -34.84 -1.16
C VAL A 391 -3.55 -35.32 -0.18
N ALA A 392 -4.72 -34.70 -0.22
CA ALA A 392 -5.80 -35.09 0.69
C ALA A 392 -7.09 -35.40 -0.06
N ARG A 393 -7.79 -36.44 0.40
CA ARG A 393 -9.06 -36.84 -0.18
C ARG A 393 -10.07 -37.02 0.95
N LEU A 394 -11.34 -36.72 0.69
CA LEU A 394 -12.38 -36.89 1.69
C LEU A 394 -12.66 -38.39 1.79
N GLU A 395 -13.53 -38.78 2.70
CA GLU A 395 -13.85 -40.19 2.87
C GLU A 395 -14.48 -40.83 1.64
N ASP A 396 -15.20 -40.05 0.83
CA ASP A 396 -15.80 -40.62 -0.38
C ASP A 396 -14.86 -40.62 -1.58
N GLY A 397 -13.62 -40.17 -1.36
CA GLY A 397 -12.65 -40.15 -2.44
C GLY A 397 -12.48 -38.78 -3.10
N THR A 398 -13.32 -37.82 -2.71
CA THR A 398 -13.24 -36.48 -3.28
C THR A 398 -11.86 -35.85 -3.06
N MET A 399 -11.27 -35.35 -4.14
CA MET A 399 -9.96 -34.70 -4.07
C MET A 399 -10.16 -33.43 -3.22
N TRP A 400 -9.32 -33.25 -2.20
CA TRP A 400 -9.47 -32.09 -1.33
C TRP A 400 -8.17 -31.28 -1.24
N ASN A 401 -8.14 -30.37 -0.28
CA ASN A 401 -6.97 -29.52 -0.08
C ASN A 401 -6.16 -30.08 1.07
N TRP A 402 -4.88 -30.33 0.84
CA TRP A 402 -4.03 -30.85 1.89
C TRP A 402 -3.49 -29.69 2.72
N MET B 1 -8.55 -49.52 -16.71
CA MET B 1 -7.77 -48.71 -17.67
C MET B 1 -6.77 -47.83 -16.92
N LYS B 2 -5.53 -47.79 -17.40
CA LYS B 2 -4.49 -47.01 -16.74
C LYS B 2 -3.56 -46.27 -17.69
N ILE B 3 -2.99 -45.18 -17.19
CA ILE B 3 -2.04 -44.40 -17.96
C ILE B 3 -0.71 -45.15 -17.80
N THR B 4 -0.07 -45.48 -18.93
CA THR B 4 1.20 -46.20 -18.93
C THR B 4 2.40 -45.28 -19.12
N ALA B 5 2.15 -44.09 -19.64
CA ALA B 5 3.22 -43.13 -19.88
C ALA B 5 2.66 -41.74 -20.16
N ALA B 6 3.43 -40.73 -19.78
CA ALA B 6 3.07 -39.33 -20.00
C ALA B 6 4.39 -38.72 -20.43
N ARG B 7 4.61 -38.65 -21.74
CA ARG B 7 5.85 -38.13 -22.29
C ARG B 7 5.77 -36.72 -22.84
N VAL B 8 6.84 -35.96 -22.67
CA VAL B 8 6.92 -34.59 -23.14
C VAL B 8 7.78 -34.54 -24.40
N ILE B 9 7.22 -33.96 -25.46
CA ILE B 9 7.92 -33.84 -26.74
C ILE B 9 8.16 -32.38 -27.06
N ILE B 10 9.41 -32.05 -27.39
CA ILE B 10 9.78 -30.67 -27.72
C ILE B 10 10.20 -30.60 -29.19
N THR B 11 9.77 -29.57 -29.89
CA THR B 11 10.11 -29.43 -31.30
C THR B 11 10.08 -27.95 -31.68
N CYS B 12 10.75 -27.61 -32.78
CA CYS B 12 10.78 -26.22 -33.22
C CYS B 12 10.63 -26.08 -34.73
N PRO B 13 9.42 -26.35 -35.25
CA PRO B 13 9.18 -26.23 -36.70
C PRO B 13 8.81 -24.80 -37.08
N GLY B 14 9.71 -23.87 -36.77
CA GLY B 14 9.46 -22.46 -37.06
C GLY B 14 9.49 -21.68 -35.76
N ARG B 15 9.15 -22.37 -34.68
CA ARG B 15 9.15 -21.79 -33.33
C ARG B 15 8.97 -22.96 -32.37
N ASN B 16 9.24 -22.71 -31.09
CA ASN B 16 9.15 -23.77 -30.08
C ASN B 16 7.74 -24.18 -29.67
N PHE B 17 7.55 -25.49 -29.51
CA PHE B 17 6.28 -26.06 -29.07
C PHE B 17 6.58 -27.23 -28.14
N VAL B 18 5.84 -27.32 -27.04
CA VAL B 18 6.01 -28.42 -26.10
C VAL B 18 4.70 -29.17 -26.11
N THR B 19 4.77 -30.50 -26.21
CA THR B 19 3.57 -31.33 -26.25
C THR B 19 3.63 -32.49 -25.27
N LEU B 20 2.49 -32.79 -24.64
CA LEU B 20 2.41 -33.90 -23.71
C LEU B 20 1.58 -35.00 -24.36
N LYS B 21 2.09 -36.22 -24.35
CA LYS B 21 1.39 -37.36 -24.92
C LYS B 21 1.13 -38.39 -23.83
N ILE B 22 -0.14 -38.63 -23.54
CA ILE B 22 -0.53 -39.60 -22.53
C ILE B 22 -0.93 -40.92 -23.18
N GLU B 23 -0.21 -41.96 -22.84
CA GLU B 23 -0.48 -43.28 -23.40
C GLU B 23 -1.17 -44.17 -22.36
N THR B 24 -2.01 -45.09 -22.85
CA THR B 24 -2.75 -45.98 -21.96
C THR B 24 -2.50 -47.44 -22.27
N ASP B 25 -2.94 -48.32 -21.37
CA ASP B 25 -2.76 -49.75 -21.57
C ASP B 25 -3.85 -50.32 -22.49
N GLN B 26 -4.61 -49.42 -23.11
CA GLN B 26 -5.67 -49.83 -24.04
C GLN B 26 -5.43 -49.30 -25.45
N GLY B 27 -4.18 -48.98 -25.76
CA GLY B 27 -3.86 -48.49 -27.10
C GLY B 27 -4.11 -47.02 -27.34
N VAL B 28 -5.30 -46.54 -27.01
CA VAL B 28 -5.62 -45.13 -27.23
C VAL B 28 -4.68 -44.21 -26.46
N TYR B 29 -4.38 -43.05 -27.05
CA TYR B 29 -3.52 -42.06 -26.43
C TYR B 29 -4.05 -40.67 -26.73
N GLY B 30 -3.61 -39.68 -25.97
CA GLY B 30 -4.05 -38.31 -26.20
C GLY B 30 -2.88 -37.36 -26.09
N ILE B 31 -3.01 -36.17 -26.69
CA ILE B 31 -1.92 -35.20 -26.61
C ILE B 31 -2.46 -33.83 -26.23
N GLY B 32 -1.62 -33.06 -25.54
CA GLY B 32 -2.00 -31.73 -25.12
C GLY B 32 -0.86 -30.74 -25.27
N ASP B 33 -1.21 -29.48 -25.50
CA ASP B 33 -0.21 -28.42 -25.66
C ASP B 33 0.21 -27.92 -24.29
N ALA B 34 1.51 -27.66 -24.14
CA ALA B 34 2.06 -27.17 -22.87
C ALA B 34 3.02 -26.01 -23.13
N THR B 35 2.94 -25.44 -24.32
CA THR B 35 3.82 -24.35 -24.72
C THR B 35 3.62 -23.04 -23.97
N LEU B 36 4.70 -22.53 -23.38
CA LEU B 36 4.70 -21.26 -22.65
C LEU B 36 5.81 -20.45 -23.30
N ASN B 37 5.43 -19.61 -24.26
CA ASN B 37 6.38 -18.80 -25.03
C ASN B 37 7.41 -18.02 -24.19
N GLY B 38 8.68 -18.30 -24.45
CA GLY B 38 9.75 -17.62 -23.73
C GLY B 38 10.21 -18.30 -22.46
N ARG B 39 9.43 -19.24 -21.96
CA ARG B 39 9.76 -19.96 -20.72
C ARG B 39 9.38 -21.44 -20.90
N GLU B 40 9.46 -21.93 -22.13
CA GLU B 40 9.07 -23.30 -22.44
C GLU B 40 9.64 -24.44 -21.62
N LEU B 41 10.95 -24.41 -21.36
CA LEU B 41 11.56 -25.50 -20.62
C LEU B 41 11.15 -25.60 -19.16
N SER B 42 10.62 -24.52 -18.59
CA SER B 42 10.17 -24.57 -17.19
C SER B 42 8.96 -25.50 -17.10
N VAL B 43 8.10 -25.45 -18.13
CA VAL B 43 6.93 -26.32 -18.15
C VAL B 43 7.36 -27.76 -18.45
N VAL B 44 8.40 -27.91 -19.27
CA VAL B 44 8.90 -29.25 -19.60
C VAL B 44 9.34 -29.94 -18.31
N ALA B 45 10.03 -29.21 -17.45
CA ALA B 45 10.50 -29.78 -16.19
C ALA B 45 9.32 -30.06 -15.26
N TYR B 46 8.43 -29.08 -15.14
CA TYR B 46 7.26 -29.21 -14.27
C TYR B 46 6.54 -30.53 -14.57
N LEU B 47 6.35 -30.81 -15.86
CA LEU B 47 5.68 -32.04 -16.29
C LEU B 47 6.54 -33.29 -16.15
N GLN B 48 7.67 -33.28 -16.85
CA GLN B 48 8.59 -34.40 -16.89
C GLN B 48 9.13 -34.87 -15.53
N GLU B 49 9.57 -33.92 -14.72
CA GLU B 49 10.13 -34.25 -13.42
C GLU B 49 9.16 -34.41 -12.26
N HIS B 50 7.97 -33.81 -12.36
CA HIS B 50 7.04 -33.89 -11.23
C HIS B 50 5.65 -34.46 -11.48
N VAL B 51 4.92 -33.87 -12.42
CA VAL B 51 3.57 -34.35 -12.69
C VAL B 51 3.46 -35.72 -13.34
N ALA B 52 4.17 -35.92 -14.44
CA ALA B 52 4.12 -37.18 -15.19
C ALA B 52 4.28 -38.44 -14.33
N PRO B 53 5.27 -38.46 -13.43
CA PRO B 53 5.44 -39.65 -12.58
C PRO B 53 4.19 -39.94 -11.74
N CYS B 54 3.43 -38.91 -11.41
CA CYS B 54 2.23 -39.10 -10.60
C CYS B 54 1.06 -39.65 -11.42
N LEU B 55 1.05 -39.33 -12.71
CA LEU B 55 -0.03 -39.79 -13.60
C LEU B 55 0.00 -41.29 -13.87
N ILE B 56 1.19 -41.88 -13.84
CA ILE B 56 1.33 -43.30 -14.11
C ILE B 56 0.44 -44.15 -13.23
N GLY B 57 -0.37 -45.01 -13.84
CA GLY B 57 -1.25 -45.88 -13.08
C GLY B 57 -2.65 -45.33 -12.83
N MET B 58 -2.84 -44.03 -13.02
CA MET B 58 -4.15 -43.43 -12.81
C MET B 58 -5.12 -43.77 -13.94
N ASP B 59 -6.41 -43.69 -13.63
CA ASP B 59 -7.47 -43.97 -14.60
C ASP B 59 -7.65 -42.69 -15.43
N PRO B 60 -7.25 -42.73 -16.71
CA PRO B 60 -7.37 -41.58 -17.61
C PRO B 60 -8.79 -41.09 -17.87
N ARG B 61 -9.77 -41.91 -17.56
CA ARG B 61 -11.17 -41.54 -17.76
C ARG B 61 -11.61 -40.52 -16.71
N ARG B 62 -10.88 -40.45 -15.61
CA ARG B 62 -11.23 -39.52 -14.52
C ARG B 62 -10.62 -38.14 -14.74
N ILE B 63 -11.12 -37.44 -15.76
CA ILE B 63 -10.61 -36.12 -16.10
C ILE B 63 -10.71 -35.10 -14.96
N GLU B 64 -11.91 -34.96 -14.40
CA GLU B 64 -12.13 -34.01 -13.31
C GLU B 64 -11.23 -34.30 -12.11
N ASP B 65 -11.17 -35.57 -11.71
CA ASP B 65 -10.36 -35.96 -10.57
C ASP B 65 -8.89 -35.65 -10.79
N ILE B 66 -8.37 -35.97 -11.98
CA ILE B 66 -6.95 -35.70 -12.26
C ILE B 66 -6.71 -34.20 -12.27
N TRP B 67 -7.66 -33.44 -12.83
CA TRP B 67 -7.52 -31.99 -12.89
C TRP B 67 -7.40 -31.45 -11.46
N GLN B 68 -8.29 -31.89 -10.58
CA GLN B 68 -8.27 -31.44 -9.19
C GLN B 68 -6.99 -31.92 -8.50
N TYR B 69 -6.52 -33.10 -8.88
CA TYR B 69 -5.31 -33.69 -8.30
C TYR B 69 -4.09 -32.83 -8.58
N VAL B 70 -3.90 -32.47 -9.85
CA VAL B 70 -2.77 -31.66 -10.24
C VAL B 70 -2.92 -30.20 -9.78
N TYR B 71 -4.16 -29.69 -9.79
CA TYR B 71 -4.39 -28.32 -9.36
C TYR B 71 -4.22 -28.13 -7.84
N ARG B 72 -4.94 -28.93 -7.05
CA ARG B 72 -4.86 -28.84 -5.59
C ARG B 72 -3.58 -29.47 -5.04
N GLY B 73 -3.24 -30.64 -5.57
CA GLY B 73 -2.07 -31.37 -5.13
C GLY B 73 -0.74 -30.65 -5.22
N ALA B 74 -0.66 -29.66 -6.10
CA ALA B 74 0.57 -28.89 -6.27
C ALA B 74 0.88 -28.07 -5.01
N TYR B 75 -0.16 -27.78 -4.25
CA TYR B 75 -0.09 -26.98 -3.03
C TYR B 75 0.11 -25.50 -3.36
N TRP B 76 1.08 -25.21 -4.22
CA TRP B 76 1.32 -23.83 -4.65
C TRP B 76 0.41 -23.71 -5.88
N ARG B 77 -0.70 -23.01 -5.72
CA ARG B 77 -1.70 -22.88 -6.78
C ARG B 77 -1.59 -21.74 -7.79
N ARG B 78 -2.18 -21.97 -8.97
CA ARG B 78 -2.21 -21.00 -10.06
C ARG B 78 -0.84 -20.77 -10.68
N GLY B 79 -0.77 -19.85 -11.63
CA GLY B 79 0.50 -19.55 -12.26
C GLY B 79 0.62 -20.00 -13.70
N PRO B 80 1.38 -19.27 -14.53
CA PRO B 80 1.56 -19.62 -15.94
C PRO B 80 2.17 -21.00 -16.18
N VAL B 81 3.23 -21.33 -15.44
CA VAL B 81 3.87 -22.64 -15.62
C VAL B 81 2.94 -23.75 -15.13
N THR B 82 2.44 -23.56 -13.91
CA THR B 82 1.54 -24.53 -13.30
C THR B 82 0.31 -24.84 -14.17
N MET B 83 -0.38 -23.81 -14.63
CA MET B 83 -1.59 -24.03 -15.42
C MET B 83 -1.33 -24.55 -16.84
N ARG B 84 -0.15 -24.30 -17.37
CA ARG B 84 0.16 -24.80 -18.71
C ARG B 84 0.31 -26.32 -18.60
N ALA B 85 0.90 -26.77 -17.50
CA ALA B 85 1.08 -28.20 -17.28
C ALA B 85 -0.28 -28.86 -17.09
N ILE B 86 -1.13 -28.24 -16.29
CA ILE B 86 -2.46 -28.78 -16.03
C ILE B 86 -3.26 -28.83 -17.33
N ALA B 87 -3.15 -27.78 -18.14
CA ALA B 87 -3.85 -27.70 -19.42
C ALA B 87 -3.44 -28.82 -20.37
N ALA B 88 -2.14 -29.13 -20.43
CA ALA B 88 -1.64 -30.17 -21.31
C ALA B 88 -2.24 -31.52 -20.91
N VAL B 89 -2.29 -31.77 -19.61
CA VAL B 89 -2.85 -33.02 -19.10
C VAL B 89 -4.34 -33.08 -19.47
N ASP B 90 -5.05 -31.99 -19.19
CA ASP B 90 -6.48 -31.94 -19.45
C ASP B 90 -6.81 -32.11 -20.94
N MET B 91 -6.04 -31.47 -21.80
CA MET B 91 -6.27 -31.58 -23.24
C MET B 91 -6.07 -33.02 -23.71
N ALA B 92 -5.01 -33.66 -23.22
CA ALA B 92 -4.72 -35.03 -23.59
C ALA B 92 -5.82 -35.98 -23.11
N LEU B 93 -6.33 -35.72 -21.90
CA LEU B 93 -7.39 -36.58 -21.36
C LEU B 93 -8.73 -36.40 -22.09
N TRP B 94 -9.04 -35.19 -22.51
CA TRP B 94 -10.30 -34.97 -23.25
C TRP B 94 -10.13 -35.59 -24.63
N ASP B 95 -8.91 -35.59 -25.14
CA ASP B 95 -8.59 -36.16 -26.44
C ASP B 95 -8.89 -37.67 -26.35
N ILE B 96 -8.44 -38.28 -25.26
CA ILE B 96 -8.67 -39.70 -25.05
C ILE B 96 -10.15 -40.03 -24.89
N LYS B 97 -10.87 -39.22 -24.11
CA LYS B 97 -12.29 -39.48 -23.89
C LYS B 97 -13.10 -39.38 -25.18
N ALA B 98 -12.80 -38.37 -26.00
CA ALA B 98 -13.51 -38.19 -27.26
C ALA B 98 -13.20 -39.35 -28.22
N LYS B 99 -11.95 -39.81 -28.23
CA LYS B 99 -11.58 -40.93 -29.11
C LYS B 99 -12.34 -42.18 -28.65
N MET B 100 -12.38 -42.41 -27.34
CA MET B 100 -13.05 -43.56 -26.78
C MET B 100 -14.56 -43.52 -27.04
N ALA B 101 -15.12 -42.31 -27.11
CA ALA B 101 -16.54 -42.12 -27.35
C ALA B 101 -16.82 -42.19 -28.86
N GLY B 102 -15.75 -42.16 -29.65
CA GLY B 102 -15.90 -42.20 -31.10
C GLY B 102 -16.50 -40.93 -31.66
N MET B 103 -16.27 -39.80 -30.99
CA MET B 103 -16.84 -38.53 -31.44
C MET B 103 -15.84 -37.38 -31.44
N PRO B 104 -16.08 -36.36 -32.28
CA PRO B 104 -15.17 -35.21 -32.27
C PRO B 104 -15.45 -34.55 -30.93
N LEU B 105 -14.43 -33.97 -30.31
CA LEU B 105 -14.58 -33.35 -28.98
C LEU B 105 -15.79 -32.44 -28.74
N TYR B 106 -16.12 -31.57 -29.69
CA TYR B 106 -17.25 -30.66 -29.48
C TYR B 106 -18.57 -31.38 -29.17
N GLN B 107 -18.70 -32.62 -29.64
CA GLN B 107 -19.91 -33.39 -29.38
C GLN B 107 -20.03 -33.73 -27.89
N LEU B 108 -18.89 -33.99 -27.24
CA LEU B 108 -18.90 -34.32 -25.82
C LEU B 108 -19.17 -33.09 -24.95
N LEU B 109 -18.76 -31.92 -25.43
CA LEU B 109 -18.96 -30.69 -24.68
C LEU B 109 -20.44 -30.27 -24.65
N GLY B 110 -21.21 -30.81 -25.59
CA GLY B 110 -22.63 -30.47 -25.64
C GLY B 110 -23.16 -30.30 -27.05
N GLY B 111 -22.33 -30.54 -28.04
CA GLY B 111 -22.77 -30.40 -29.42
C GLY B 111 -22.51 -29.05 -30.06
N ARG B 112 -22.75 -28.98 -31.36
CA ARG B 112 -22.54 -27.77 -32.15
C ARG B 112 -23.56 -26.65 -31.93
N SER B 113 -23.07 -25.44 -31.69
CA SER B 113 -23.96 -24.27 -31.50
C SER B 113 -23.90 -23.38 -32.74
N ARG B 114 -22.90 -23.61 -33.59
CA ARG B 114 -22.72 -22.82 -34.80
C ARG B 114 -22.00 -23.63 -35.86
N ASP B 115 -21.97 -23.10 -37.08
CA ASP B 115 -21.31 -23.79 -38.16
C ASP B 115 -19.85 -23.38 -38.23
N GLY B 116 -19.61 -22.14 -38.65
CA GLY B 116 -18.25 -21.65 -38.75
C GLY B 116 -17.85 -20.79 -37.55
N ILE B 117 -16.55 -20.66 -37.36
CA ILE B 117 -15.99 -19.87 -36.26
C ILE B 117 -15.38 -18.59 -36.83
N MET B 118 -15.98 -17.45 -36.52
CA MET B 118 -15.46 -16.18 -37.00
C MET B 118 -14.10 -15.89 -36.38
N VAL B 119 -13.14 -15.47 -37.20
CA VAL B 119 -11.81 -15.15 -36.71
C VAL B 119 -11.42 -13.74 -37.13
N TYR B 120 -10.28 -13.26 -36.64
CA TYR B 120 -9.78 -11.96 -37.05
C TYR B 120 -8.32 -12.16 -37.41
N GLY B 121 -7.83 -11.35 -38.34
CA GLY B 121 -6.45 -11.46 -38.77
C GLY B 121 -5.62 -10.28 -38.28
N HIS B 122 -4.33 -10.33 -38.52
CA HIS B 122 -3.43 -9.27 -38.06
C HIS B 122 -2.90 -8.37 -39.18
N ALA B 123 -3.45 -7.16 -39.26
CA ALA B 123 -3.01 -6.19 -40.25
C ALA B 123 -2.05 -5.25 -39.52
N ASN B 124 -0.77 -5.32 -39.87
CA ASN B 124 0.25 -4.49 -39.24
C ASN B 124 0.91 -3.57 -40.26
N GLY B 125 1.43 -2.44 -39.79
CA GLY B 125 2.09 -1.50 -40.66
C GLY B 125 3.05 -0.64 -39.87
N SER B 126 4.07 -0.08 -40.53
CA SER B 126 5.04 0.76 -39.87
C SER B 126 4.47 2.16 -39.63
N ASP B 127 3.42 2.49 -40.37
CA ASP B 127 2.73 3.77 -40.23
C ASP B 127 1.28 3.61 -40.66
N ILE B 128 0.47 4.65 -40.49
CA ILE B 128 -0.94 4.58 -40.85
C ILE B 128 -1.17 4.16 -42.30
N ALA B 129 -0.44 4.76 -43.23
CA ALA B 129 -0.60 4.42 -44.65
C ALA B 129 -0.42 2.93 -44.90
N GLU B 130 0.66 2.36 -44.39
CA GLU B 130 0.92 0.95 -44.57
C GLU B 130 -0.11 0.06 -43.87
N THR B 131 -0.57 0.49 -42.70
CA THR B 131 -1.55 -0.30 -41.96
C THR B 131 -2.89 -0.30 -42.68
N VAL B 132 -3.26 0.84 -43.26
CA VAL B 132 -4.51 0.94 -44.00
C VAL B 132 -4.49 -0.03 -45.17
N GLU B 133 -3.32 -0.17 -45.78
CA GLU B 133 -3.14 -1.07 -46.91
C GLU B 133 -3.32 -2.52 -46.43
N ALA B 134 -2.68 -2.84 -45.31
CA ALA B 134 -2.76 -4.19 -44.76
C ALA B 134 -4.20 -4.60 -44.45
N VAL B 135 -4.99 -3.69 -43.91
CA VAL B 135 -6.38 -4.00 -43.59
C VAL B 135 -7.13 -4.30 -44.88
N GLY B 136 -6.85 -3.52 -45.92
CA GLY B 136 -7.50 -3.74 -47.21
C GLY B 136 -7.20 -5.13 -47.73
N HIS B 137 -5.98 -5.60 -47.50
CA HIS B 137 -5.56 -6.94 -47.92
C HIS B 137 -6.40 -7.99 -47.21
N TYR B 138 -6.55 -7.86 -45.88
CA TYR B 138 -7.35 -8.81 -45.12
C TYR B 138 -8.81 -8.77 -45.54
N ILE B 139 -9.29 -7.58 -45.90
CA ILE B 139 -10.67 -7.44 -46.35
C ILE B 139 -10.85 -8.22 -47.66
N ASP B 140 -9.86 -8.14 -48.54
CA ASP B 140 -9.91 -8.85 -49.82
C ASP B 140 -9.82 -10.37 -49.64
N MET B 141 -9.23 -10.81 -48.53
CA MET B 141 -9.10 -12.25 -48.27
C MET B 141 -10.39 -12.83 -47.68
N GLY B 142 -11.39 -11.99 -47.48
CA GLY B 142 -12.64 -12.47 -46.94
C GLY B 142 -12.81 -12.39 -45.42
N TYR B 143 -11.90 -11.72 -44.73
CA TYR B 143 -12.01 -11.58 -43.29
C TYR B 143 -13.14 -10.63 -42.93
N LYS B 144 -13.88 -10.96 -41.88
CA LYS B 144 -15.00 -10.14 -41.42
C LYS B 144 -14.52 -9.21 -40.32
N ALA B 145 -13.40 -9.58 -39.69
CA ALA B 145 -12.83 -8.81 -38.59
C ALA B 145 -11.32 -8.73 -38.74
N ILE B 146 -10.77 -7.55 -38.51
CA ILE B 146 -9.35 -7.32 -38.64
C ILE B 146 -8.77 -6.51 -37.50
N ARG B 147 -7.67 -6.99 -36.92
CA ARG B 147 -7.00 -6.26 -35.85
C ARG B 147 -5.98 -5.37 -36.56
N ALA B 148 -6.02 -4.08 -36.28
CA ALA B 148 -5.10 -3.13 -36.90
C ALA B 148 -4.09 -2.55 -35.92
N GLN B 149 -2.80 -2.76 -36.20
CA GLN B 149 -1.73 -2.24 -35.36
C GLN B 149 -0.77 -1.44 -36.25
N THR B 150 -0.35 -0.28 -35.77
CA THR B 150 0.57 0.56 -36.54
C THR B 150 1.77 0.99 -35.72
N GLY B 151 2.91 1.16 -36.39
CA GLY B 151 4.10 1.62 -35.69
C GLY B 151 3.82 3.09 -35.42
N VAL B 152 4.50 3.67 -34.44
CA VAL B 152 4.29 5.08 -34.10
C VAL B 152 5.53 5.90 -34.37
N PRO B 153 5.46 6.87 -35.29
CA PRO B 153 6.59 7.73 -35.62
C PRO B 153 7.17 8.38 -34.37
N GLY B 154 8.47 8.21 -34.14
CA GLY B 154 9.09 8.80 -32.97
C GLY B 154 9.30 7.80 -31.86
N ILE B 155 8.83 6.57 -32.07
CA ILE B 155 8.98 5.50 -31.09
C ILE B 155 9.79 4.37 -31.69
N ALA B 173 15.88 -13.81 -31.90
CA ALA B 173 15.36 -13.58 -30.56
C ALA B 173 16.17 -14.37 -29.53
N SER B 174 17.47 -14.50 -29.79
CA SER B 174 18.40 -15.20 -28.91
C SER B 174 18.27 -14.69 -27.48
N LEU B 175 18.13 -13.38 -27.35
CA LEU B 175 17.94 -12.72 -26.07
C LEU B 175 16.79 -11.74 -26.31
N PRO B 176 16.11 -11.30 -25.24
CA PRO B 176 14.99 -10.37 -25.42
C PRO B 176 15.36 -9.06 -26.11
N SER B 177 14.65 -8.71 -27.18
CA SER B 177 14.89 -7.45 -27.87
C SER B 177 14.24 -6.38 -27.00
N VAL B 178 14.81 -5.17 -27.00
CA VAL B 178 14.26 -4.07 -26.22
C VAL B 178 13.55 -3.11 -27.15
N THR B 179 12.24 -2.93 -26.95
CA THR B 179 11.46 -2.02 -27.78
C THR B 179 11.17 -0.76 -26.98
N GLY B 180 11.03 0.36 -27.67
CA GLY B 180 10.75 1.61 -26.99
C GLY B 180 9.26 1.91 -26.98
N TRP B 181 8.85 2.81 -26.10
CA TRP B 181 7.46 3.21 -26.01
C TRP B 181 7.29 4.60 -25.42
N ASP B 182 6.28 5.30 -25.90
CA ASP B 182 5.95 6.64 -25.41
C ASP B 182 4.43 6.79 -25.56
N THR B 183 3.74 6.93 -24.43
CA THR B 183 2.29 7.06 -24.42
C THR B 183 1.74 8.28 -25.14
N ARG B 184 2.30 9.46 -24.86
CA ARG B 184 1.81 10.67 -25.50
C ARG B 184 1.87 10.57 -27.03
N LYS B 185 2.98 10.03 -27.56
CA LYS B 185 3.11 9.88 -29.01
C LYS B 185 2.03 8.95 -29.55
N ALA B 186 1.80 7.84 -28.85
CA ALA B 186 0.78 6.87 -29.26
C ALA B 186 -0.61 7.49 -29.21
N LEU B 187 -0.93 8.16 -28.10
CA LEU B 187 -2.23 8.81 -27.94
C LEU B 187 -2.54 9.78 -29.07
N ASN B 188 -1.51 10.44 -29.59
CA ASN B 188 -1.69 11.41 -30.67
C ASN B 188 -1.76 10.77 -32.06
N TYR B 189 -1.38 9.49 -32.15
CA TYR B 189 -1.35 8.81 -33.44
C TYR B 189 -2.39 7.70 -33.66
N VAL B 190 -2.55 6.83 -32.67
CA VAL B 190 -3.48 5.71 -32.79
C VAL B 190 -4.90 6.06 -33.24
N PRO B 191 -5.51 7.10 -32.65
CA PRO B 191 -6.87 7.42 -33.08
C PRO B 191 -6.94 7.74 -34.57
N LYS B 192 -5.90 8.39 -35.10
CA LYS B 192 -5.86 8.74 -36.51
C LYS B 192 -5.89 7.51 -37.41
N LEU B 193 -5.32 6.41 -36.95
CA LEU B 193 -5.32 5.17 -37.72
C LEU B 193 -6.75 4.72 -37.98
N PHE B 194 -7.53 4.64 -36.91
CA PHE B 194 -8.91 4.20 -37.02
C PHE B 194 -9.82 5.20 -37.72
N GLU B 195 -9.46 6.47 -37.66
CA GLU B 195 -10.24 7.48 -38.35
C GLU B 195 -10.06 7.23 -39.85
N GLU B 196 -8.82 6.98 -40.27
CA GLU B 196 -8.53 6.72 -41.68
C GLU B 196 -9.13 5.39 -42.15
N LEU B 197 -9.09 4.38 -41.30
CA LEU B 197 -9.65 3.09 -41.67
C LEU B 197 -11.15 3.17 -41.98
N ARG B 198 -11.91 3.85 -41.11
CA ARG B 198 -13.35 3.99 -41.33
C ARG B 198 -13.64 4.89 -42.53
N LYS B 199 -12.78 5.87 -42.74
CA LYS B 199 -12.94 6.80 -43.84
C LYS B 199 -12.68 6.05 -45.15
N THR B 200 -11.75 5.10 -45.10
CA THR B 200 -11.38 4.33 -46.27
C THR B 200 -12.26 3.11 -46.55
N TYR B 201 -12.62 2.37 -45.51
CA TYR B 201 -13.41 1.15 -45.70
C TYR B 201 -14.83 1.16 -45.13
N GLY B 202 -15.21 2.23 -44.45
CA GLY B 202 -16.55 2.27 -43.89
C GLY B 202 -16.69 1.49 -42.60
N PHE B 203 -17.93 1.24 -42.21
CA PHE B 203 -18.23 0.53 -40.96
C PHE B 203 -18.73 -0.91 -41.06
N ASP B 204 -18.61 -1.53 -42.23
CA ASP B 204 -19.08 -2.91 -42.40
C ASP B 204 -18.22 -3.94 -41.67
N HIS B 205 -16.92 -3.71 -41.61
CA HIS B 205 -16.02 -4.67 -40.97
C HIS B 205 -15.74 -4.43 -39.50
N HIS B 206 -15.48 -5.53 -38.79
CA HIS B 206 -15.15 -5.44 -37.36
C HIS B 206 -13.68 -5.04 -37.31
N LEU B 207 -13.37 -3.99 -36.56
CA LEU B 207 -11.99 -3.56 -36.43
C LEU B 207 -11.57 -3.70 -34.98
N LEU B 208 -10.40 -4.27 -34.75
CA LEU B 208 -9.90 -4.50 -33.40
C LEU B 208 -8.55 -3.82 -33.16
N HIS B 209 -8.27 -3.50 -31.90
CA HIS B 209 -6.98 -2.91 -31.56
C HIS B 209 -6.45 -3.51 -30.26
N ASP B 210 -5.15 -3.77 -30.22
CA ASP B 210 -4.50 -4.36 -29.05
C ASP B 210 -3.66 -3.29 -28.34
N GLY B 211 -4.08 -2.88 -27.15
CA GLY B 211 -3.34 -1.89 -26.39
C GLY B 211 -2.06 -2.45 -25.82
N HIS B 212 -1.99 -3.77 -25.79
CA HIS B 212 -0.82 -4.49 -25.29
C HIS B 212 -0.20 -3.97 -23.99
N HIS B 213 -1.04 -3.81 -22.97
CA HIS B 213 -0.62 -3.39 -21.63
C HIS B 213 0.16 -2.08 -21.51
N ARG B 214 0.11 -1.21 -22.50
CA ARG B 214 0.91 0.03 -22.48
C ARG B 214 0.36 1.25 -21.74
N TYR B 215 -0.94 1.27 -21.47
CA TYR B 215 -1.55 2.43 -20.84
C TYR B 215 -1.96 2.28 -19.38
N THR B 216 -2.11 3.42 -18.71
CA THR B 216 -2.58 3.43 -17.32
C THR B 216 -4.10 3.46 -17.51
N PRO B 217 -4.87 3.26 -16.43
CA PRO B 217 -6.34 3.28 -16.61
C PRO B 217 -6.86 4.60 -17.21
N GLN B 218 -6.36 5.73 -16.72
CA GLN B 218 -6.81 7.03 -17.23
C GLN B 218 -6.47 7.20 -18.72
N GLU B 219 -5.30 6.74 -19.12
CA GLU B 219 -4.88 6.86 -20.51
C GLU B 219 -5.71 5.94 -21.40
N ALA B 220 -6.08 4.78 -20.86
CA ALA B 220 -6.89 3.82 -21.61
C ALA B 220 -8.29 4.40 -21.81
N ALA B 221 -8.79 5.10 -20.79
CA ALA B 221 -10.11 5.72 -20.87
C ALA B 221 -10.07 6.82 -21.93
N ASN B 222 -8.97 7.56 -21.93
CA ASN B 222 -8.74 8.65 -22.88
C ASN B 222 -8.74 8.08 -24.30
N LEU B 223 -7.92 7.07 -24.53
CA LEU B 223 -7.84 6.42 -25.84
C LEU B 223 -9.18 5.82 -26.25
N GLY B 224 -9.81 5.08 -25.34
CA GLY B 224 -11.09 4.47 -25.64
C GLY B 224 -12.11 5.49 -26.10
N LYS B 225 -12.13 6.64 -25.42
CA LYS B 225 -13.04 7.72 -25.74
C LYS B 225 -12.76 8.24 -27.16
N MET B 226 -11.49 8.44 -27.47
CA MET B 226 -11.11 8.93 -28.79
C MET B 226 -11.42 7.92 -29.90
N LEU B 227 -11.51 6.65 -29.54
CA LEU B 227 -11.80 5.61 -30.54
C LEU B 227 -13.30 5.35 -30.71
N GLU B 228 -14.11 5.89 -29.81
CA GLU B 228 -15.56 5.69 -29.86
C GLU B 228 -16.26 5.96 -31.19
N PRO B 229 -15.92 7.07 -31.85
CA PRO B 229 -16.59 7.33 -33.13
C PRO B 229 -16.25 6.31 -34.22
N TYR B 230 -15.25 5.47 -33.99
CA TYR B 230 -14.86 4.48 -34.98
C TYR B 230 -15.43 3.08 -34.76
N GLN B 231 -16.27 2.93 -33.74
CA GLN B 231 -16.94 1.67 -33.48
C GLN B 231 -16.06 0.42 -33.51
N LEU B 232 -15.11 0.30 -32.60
CA LEU B 232 -14.25 -0.87 -32.59
C LEU B 232 -14.93 -2.11 -32.02
N PHE B 233 -14.50 -3.28 -32.50
CA PHE B 233 -15.02 -4.55 -32.02
C PHE B 233 -14.53 -4.65 -30.57
N TRP B 234 -13.30 -4.18 -30.34
CA TRP B 234 -12.73 -4.14 -29.00
C TRP B 234 -11.38 -3.47 -28.91
N LEU B 235 -11.07 -3.03 -27.69
CA LEU B 235 -9.78 -2.45 -27.36
C LEU B 235 -9.30 -3.50 -26.36
N GLU B 236 -8.23 -4.18 -26.72
CA GLU B 236 -7.68 -5.29 -25.92
C GLU B 236 -6.51 -4.95 -24.99
N ASP B 237 -6.48 -5.62 -23.84
CA ASP B 237 -5.42 -5.46 -22.84
C ASP B 237 -4.98 -4.00 -22.71
N CYS B 238 -5.92 -3.08 -22.61
CA CYS B 238 -5.56 -1.66 -22.52
C CYS B 238 -4.63 -1.29 -21.37
N THR B 239 -4.77 -1.96 -20.24
CA THR B 239 -3.93 -1.67 -19.08
C THR B 239 -3.65 -2.96 -18.31
N PRO B 240 -2.48 -3.07 -17.65
CA PRO B 240 -2.16 -4.28 -16.88
C PRO B 240 -3.34 -4.59 -15.96
N ALA B 241 -3.68 -5.87 -15.81
CA ALA B 241 -4.85 -6.25 -15.00
C ALA B 241 -4.64 -7.14 -13.77
N GLU B 242 -3.45 -7.15 -13.19
CA GLU B 242 -3.22 -7.97 -11.99
C GLU B 242 -4.21 -7.43 -10.96
N ASN B 243 -4.43 -6.12 -11.00
CA ASN B 243 -5.38 -5.45 -10.12
C ASN B 243 -6.64 -5.38 -10.97
N GLN B 244 -7.62 -6.22 -10.67
CA GLN B 244 -8.84 -6.23 -11.46
C GLN B 244 -9.68 -4.96 -11.36
N GLU B 245 -9.29 -4.05 -10.48
CA GLU B 245 -10.01 -2.78 -10.34
C GLU B 245 -9.48 -1.79 -11.38
N ALA B 246 -8.39 -2.16 -12.05
CA ALA B 246 -7.77 -1.29 -13.05
C ALA B 246 -8.67 -0.91 -14.22
N PHE B 247 -9.63 -1.76 -14.56
CA PHE B 247 -10.54 -1.48 -15.67
C PHE B 247 -11.73 -0.61 -15.25
N ARG B 248 -11.83 -0.30 -13.97
CA ARG B 248 -12.96 0.51 -13.46
C ARG B 248 -13.07 1.88 -14.11
N LEU B 249 -11.97 2.63 -14.11
CA LEU B 249 -11.97 3.97 -14.70
C LEU B 249 -12.23 3.93 -16.20
N VAL B 250 -11.70 2.92 -16.86
CA VAL B 250 -11.87 2.78 -18.29
C VAL B 250 -13.35 2.57 -18.64
N ARG B 251 -13.95 1.58 -17.97
CA ARG B 251 -15.35 1.22 -18.19
C ARG B 251 -16.31 2.36 -17.89
N GLN B 252 -15.95 3.18 -16.90
CA GLN B 252 -16.78 4.30 -16.50
C GLN B 252 -16.78 5.44 -17.52
N HIS B 253 -15.68 5.60 -18.25
CA HIS B 253 -15.57 6.69 -19.20
C HIS B 253 -15.74 6.42 -20.69
N THR B 254 -15.80 5.16 -21.10
CA THR B 254 -15.97 4.89 -22.53
C THR B 254 -16.86 3.69 -22.83
N VAL B 255 -17.48 3.69 -24.00
CA VAL B 255 -18.33 2.59 -24.42
C VAL B 255 -17.61 1.70 -25.44
N THR B 256 -16.34 2.00 -25.71
CA THR B 256 -15.57 1.17 -26.62
C THR B 256 -15.48 -0.19 -25.94
N PRO B 257 -15.77 -1.29 -26.65
CA PRO B 257 -15.72 -2.62 -26.04
C PRO B 257 -14.31 -2.95 -25.54
N LEU B 258 -14.25 -3.65 -24.41
CA LEU B 258 -12.97 -4.00 -23.80
C LEU B 258 -12.75 -5.51 -23.75
N ALA B 259 -11.52 -5.93 -24.04
CA ALA B 259 -11.16 -7.35 -24.01
C ALA B 259 -9.87 -7.52 -23.23
N VAL B 260 -9.71 -8.67 -22.56
CA VAL B 260 -8.50 -8.93 -21.78
C VAL B 260 -8.40 -10.41 -21.41
N GLY B 261 -7.19 -10.87 -21.07
CA GLY B 261 -7.06 -12.24 -20.63
C GLY B 261 -6.12 -13.25 -21.26
N GLU B 262 -5.44 -12.92 -22.35
CA GLU B 262 -4.54 -13.91 -22.95
C GLU B 262 -3.48 -14.40 -21.95
N ILE B 263 -3.06 -13.55 -21.03
CA ILE B 263 -2.05 -14.00 -20.07
C ILE B 263 -2.63 -14.54 -18.77
N PHE B 264 -3.96 -14.60 -18.66
CA PHE B 264 -4.60 -15.14 -17.46
C PHE B 264 -4.42 -16.66 -17.46
N ASN B 265 -4.44 -17.27 -16.27
CA ASN B 265 -4.32 -18.72 -16.18
C ASN B 265 -5.36 -19.42 -15.32
N THR B 266 -6.23 -18.65 -14.67
CA THR B 266 -7.33 -19.23 -13.87
C THR B 266 -8.50 -18.27 -13.86
N ILE B 267 -9.65 -18.78 -13.45
CA ILE B 267 -10.87 -17.97 -13.39
C ILE B 267 -10.70 -16.86 -12.34
N TRP B 268 -9.81 -17.07 -11.39
CA TRP B 268 -9.56 -16.10 -10.33
C TRP B 268 -8.94 -14.80 -10.85
N ASP B 269 -8.35 -14.86 -12.05
CA ASP B 269 -7.74 -13.67 -12.65
C ASP B 269 -8.76 -12.79 -13.32
N ALA B 270 -9.96 -13.32 -13.54
CA ALA B 270 -11.00 -12.58 -14.25
C ALA B 270 -12.37 -12.49 -13.57
N LYS B 271 -12.54 -13.19 -12.46
CA LYS B 271 -13.81 -13.19 -11.74
C LYS B 271 -14.42 -11.80 -11.50
N ASP B 272 -13.61 -10.88 -10.99
CA ASP B 272 -14.10 -9.53 -10.70
C ASP B 272 -14.32 -8.69 -11.97
N LEU B 273 -13.43 -8.84 -12.94
CA LEU B 273 -13.56 -8.11 -14.19
C LEU B 273 -14.90 -8.48 -14.84
N ILE B 274 -15.28 -9.74 -14.70
CA ILE B 274 -16.52 -10.23 -15.28
C ILE B 274 -17.75 -9.83 -14.46
N GLN B 275 -17.73 -10.15 -13.17
CA GLN B 275 -18.87 -9.85 -12.31
C GLN B 275 -19.15 -8.36 -12.16
N ASN B 276 -18.11 -7.53 -12.30
CA ASN B 276 -18.31 -6.09 -12.19
C ASN B 276 -18.58 -5.51 -13.59
N GLN B 277 -18.68 -6.40 -14.58
CA GLN B 277 -18.95 -6.03 -15.96
C GLN B 277 -18.00 -4.95 -16.47
N LEU B 278 -16.71 -5.22 -16.37
CA LEU B 278 -15.68 -4.28 -16.82
C LEU B 278 -15.15 -4.68 -18.19
N ILE B 279 -15.52 -5.87 -18.66
CA ILE B 279 -15.06 -6.34 -19.97
C ILE B 279 -16.18 -6.93 -20.80
N ASP B 280 -15.97 -6.97 -22.11
CA ASP B 280 -16.96 -7.53 -23.03
C ASP B 280 -16.51 -8.88 -23.58
N TYR B 281 -15.21 -9.11 -23.58
CA TYR B 281 -14.65 -10.36 -24.09
C TYR B 281 -13.54 -10.89 -23.20
N ILE B 282 -13.60 -12.18 -22.89
CA ILE B 282 -12.56 -12.81 -22.08
C ILE B 282 -11.67 -13.57 -23.06
N ARG B 283 -10.37 -13.26 -23.03
CA ARG B 283 -9.39 -13.85 -23.96
C ARG B 283 -8.66 -15.11 -23.50
N ALA B 284 -8.99 -15.62 -22.31
CA ALA B 284 -8.33 -16.82 -21.77
C ALA B 284 -8.40 -17.96 -22.79
N THR B 285 -7.37 -18.80 -22.82
CA THR B 285 -7.30 -19.93 -23.76
C THR B 285 -7.25 -21.30 -23.08
N VAL B 286 -7.42 -22.34 -23.87
CA VAL B 286 -7.36 -23.71 -23.36
C VAL B 286 -5.99 -24.04 -22.78
N VAL B 287 -4.92 -23.56 -23.42
CA VAL B 287 -3.58 -23.86 -22.91
C VAL B 287 -3.18 -22.92 -21.78
N GLY B 288 -3.64 -21.68 -21.84
CA GLY B 288 -3.28 -20.73 -20.80
C GLY B 288 -4.01 -20.89 -19.49
N ALA B 289 -5.29 -21.26 -19.55
CA ALA B 289 -6.10 -21.40 -18.35
C ALA B 289 -6.58 -22.78 -17.90
N GLY B 290 -5.70 -23.78 -17.95
CA GLY B 290 -6.07 -25.10 -17.47
C GLY B 290 -6.94 -26.08 -18.25
N GLY B 291 -6.91 -26.02 -19.57
CA GLY B 291 -7.69 -26.98 -20.36
C GLY B 291 -9.17 -26.69 -20.53
N LEU B 292 -9.87 -27.61 -21.19
CA LEU B 292 -11.31 -27.47 -21.43
C LEU B 292 -12.06 -27.44 -20.11
N THR B 293 -11.63 -28.30 -19.18
CA THR B 293 -12.28 -28.39 -17.88
C THR B 293 -12.44 -27.04 -17.20
N HIS B 294 -11.37 -26.25 -17.18
CA HIS B 294 -11.42 -24.96 -16.53
C HIS B 294 -11.92 -23.82 -17.41
N LEU B 295 -11.55 -23.83 -18.68
CA LEU B 295 -11.99 -22.76 -19.58
C LEU B 295 -13.51 -22.73 -19.68
N ARG B 296 -14.12 -23.90 -19.58
CA ARG B 296 -15.57 -24.03 -19.64
C ARG B 296 -16.19 -23.27 -18.46
N ARG B 297 -15.53 -23.32 -17.31
CA ARG B 297 -16.03 -22.64 -16.13
C ARG B 297 -15.91 -21.13 -16.29
N ILE B 298 -14.83 -20.69 -16.92
CA ILE B 298 -14.62 -19.28 -17.16
C ILE B 298 -15.70 -18.77 -18.13
N ALA B 299 -15.96 -19.53 -19.18
CA ALA B 299 -16.96 -19.15 -20.17
C ALA B 299 -18.35 -19.08 -19.55
N ASP B 300 -18.68 -20.05 -18.72
CA ASP B 300 -20.00 -20.08 -18.09
C ASP B 300 -20.21 -18.86 -17.18
N LEU B 301 -19.19 -18.49 -16.41
CA LEU B 301 -19.29 -17.32 -15.55
C LEU B 301 -19.49 -16.08 -16.42
N ALA B 302 -18.70 -15.99 -17.50
CA ALA B 302 -18.81 -14.86 -18.40
C ALA B 302 -20.21 -14.74 -19.00
N SER B 303 -20.80 -15.87 -19.38
CA SER B 303 -22.14 -15.86 -19.97
C SER B 303 -23.20 -15.23 -19.08
N LEU B 304 -23.02 -15.32 -17.77
CA LEU B 304 -24.00 -14.74 -16.84
C LEU B 304 -24.11 -13.22 -16.98
N TYR B 305 -23.04 -12.61 -17.46
CA TYR B 305 -22.99 -11.16 -17.64
C TYR B 305 -22.88 -10.78 -19.11
N GLN B 306 -23.20 -11.74 -19.97
CA GLN B 306 -23.16 -11.56 -21.42
C GLN B 306 -21.78 -11.24 -21.98
N VAL B 307 -20.75 -11.64 -21.24
CA VAL B 307 -19.37 -11.46 -21.68
C VAL B 307 -19.15 -12.64 -22.62
N ARG B 308 -18.52 -12.40 -23.77
CA ARG B 308 -18.28 -13.45 -24.74
C ARG B 308 -16.82 -13.89 -24.83
N THR B 309 -16.60 -15.08 -25.38
CA THR B 309 -15.24 -15.59 -25.52
C THR B 309 -14.53 -14.94 -26.70
N GLY B 310 -13.23 -14.70 -26.54
CA GLY B 310 -12.45 -14.10 -27.60
C GLY B 310 -11.06 -14.71 -27.51
N CYS B 311 -11.02 -16.04 -27.44
CA CYS B 311 -9.77 -16.77 -27.29
C CYS B 311 -8.56 -16.28 -28.07
N HIS B 312 -7.48 -16.09 -27.31
CA HIS B 312 -6.19 -15.68 -27.83
C HIS B 312 -5.80 -16.81 -28.79
N GLY B 313 -5.06 -16.48 -29.85
CA GLY B 313 -4.68 -17.51 -30.80
C GLY B 313 -3.44 -17.21 -31.62
N ALA B 314 -2.42 -16.64 -30.97
CA ALA B 314 -1.17 -16.31 -31.63
C ALA B 314 -0.45 -17.61 -31.99
N THR B 315 0.61 -17.52 -32.78
CA THR B 315 1.33 -18.71 -33.21
C THR B 315 2.03 -19.51 -32.09
N ASP B 316 2.27 -18.88 -30.94
CA ASP B 316 2.92 -19.60 -29.84
C ASP B 316 1.97 -20.60 -29.18
N LEU B 317 0.75 -20.69 -29.70
CA LEU B 317 -0.23 -21.67 -29.22
C LEU B 317 -0.20 -22.68 -30.37
N SER B 318 0.20 -23.92 -30.09
CA SER B 318 0.31 -24.94 -31.13
C SER B 318 -1.02 -25.39 -31.72
N PRO B 319 -0.98 -26.11 -32.85
CA PRO B 319 -2.21 -26.59 -33.48
C PRO B 319 -3.03 -27.48 -32.54
N VAL B 320 -2.38 -28.03 -31.52
CA VAL B 320 -3.11 -28.86 -30.57
C VAL B 320 -4.08 -27.97 -29.81
N THR B 321 -3.62 -26.80 -29.41
CA THR B 321 -4.47 -25.84 -28.70
C THR B 321 -5.55 -25.32 -29.64
N MET B 322 -5.17 -25.02 -30.88
CA MET B 322 -6.15 -24.51 -31.84
C MET B 322 -7.25 -25.53 -32.05
N GLY B 323 -6.87 -26.81 -32.13
CA GLY B 323 -7.86 -27.86 -32.31
C GLY B 323 -8.84 -27.85 -31.15
N CYS B 324 -8.30 -27.87 -29.94
CA CYS B 324 -9.13 -27.84 -28.75
C CYS B 324 -9.98 -26.55 -28.68
N ALA B 325 -9.34 -25.42 -29.02
CA ALA B 325 -10.03 -24.13 -28.99
C ALA B 325 -11.20 -24.10 -29.96
N LEU B 326 -11.02 -24.70 -31.14
CA LEU B 326 -12.07 -24.73 -32.14
C LEU B 326 -13.23 -25.63 -31.74
N HIS B 327 -12.93 -26.76 -31.09
CA HIS B 327 -13.99 -27.64 -30.63
C HIS B 327 -14.79 -26.86 -29.58
N PHE B 328 -14.06 -26.18 -28.70
CA PHE B 328 -14.66 -25.36 -27.65
C PHE B 328 -15.53 -24.26 -28.29
N ASP B 329 -14.96 -23.52 -29.25
CA ASP B 329 -15.67 -22.43 -29.94
C ASP B 329 -16.93 -22.91 -30.66
N THR B 330 -16.88 -24.13 -31.19
CA THR B 330 -18.00 -24.69 -31.93
C THR B 330 -19.21 -24.97 -31.03
N TRP B 331 -18.94 -25.28 -29.77
CA TRP B 331 -20.00 -25.58 -28.81
C TRP B 331 -20.43 -24.41 -27.93
N VAL B 332 -19.46 -23.70 -27.35
CA VAL B 332 -19.76 -22.63 -26.41
C VAL B 332 -20.82 -21.64 -26.89
N PRO B 333 -21.90 -21.46 -26.11
CA PRO B 333 -23.00 -20.54 -26.43
C PRO B 333 -22.58 -19.09 -26.60
N ASN B 334 -21.86 -18.57 -25.61
CA ASN B 334 -21.43 -17.18 -25.64
C ASN B 334 -20.12 -16.94 -26.39
N PHE B 335 -20.02 -17.56 -27.56
CA PHE B 335 -18.84 -17.40 -28.41
C PHE B 335 -18.80 -15.97 -28.94
N GLY B 336 -17.62 -15.38 -28.99
CA GLY B 336 -17.49 -14.02 -29.50
C GLY B 336 -16.70 -14.01 -30.79
N ILE B 337 -15.43 -14.41 -30.70
CA ILE B 337 -14.56 -14.43 -31.86
C ILE B 337 -13.34 -15.29 -31.52
N GLN B 338 -12.59 -15.69 -32.53
CA GLN B 338 -11.40 -16.50 -32.31
C GLN B 338 -10.22 -15.87 -33.05
N GLU B 339 -9.13 -15.65 -32.33
CA GLU B 339 -7.94 -15.07 -32.95
C GLU B 339 -7.29 -16.15 -33.81
N TYR B 340 -6.81 -15.76 -34.99
CA TYR B 340 -6.17 -16.72 -35.87
C TYR B 340 -4.90 -16.20 -36.52
N MET B 341 -3.78 -16.80 -36.14
CA MET B 341 -2.47 -16.47 -36.70
C MET B 341 -2.02 -17.77 -37.36
N ARG B 342 -1.69 -17.71 -38.64
CA ARG B 342 -1.28 -18.89 -39.37
C ARG B 342 0.08 -19.45 -38.94
N HIS B 343 0.13 -20.78 -38.76
CA HIS B 343 1.37 -21.45 -38.40
C HIS B 343 2.14 -21.69 -39.70
N THR B 344 3.41 -22.09 -39.59
CA THR B 344 4.22 -22.37 -40.77
C THR B 344 3.84 -23.74 -41.31
N GLU B 345 4.21 -24.03 -42.55
CA GLU B 345 3.89 -25.33 -43.14
C GLU B 345 4.51 -26.45 -42.32
N GLU B 346 5.74 -26.23 -41.86
CA GLU B 346 6.43 -27.26 -41.06
C GLU B 346 5.62 -27.60 -39.81
N THR B 347 5.06 -26.58 -39.18
CA THR B 347 4.28 -26.79 -37.98
C THR B 347 3.03 -27.61 -38.31
N ASP B 348 2.38 -27.28 -39.42
CA ASP B 348 1.19 -28.02 -39.83
C ASP B 348 1.52 -29.49 -40.10
N ALA B 349 2.72 -29.75 -40.61
CA ALA B 349 3.15 -31.11 -40.90
C ALA B 349 3.44 -31.89 -39.61
N VAL B 350 4.06 -31.22 -38.65
CA VAL B 350 4.39 -31.86 -37.38
C VAL B 350 3.16 -32.13 -36.53
N PHE B 351 2.12 -31.31 -36.71
CA PHE B 351 0.88 -31.47 -35.96
C PHE B 351 -0.33 -31.67 -36.87
N PRO B 352 -0.50 -32.88 -37.44
CA PRO B 352 -1.65 -33.15 -38.31
C PRO B 352 -2.93 -32.75 -37.57
N HIS B 353 -3.77 -31.96 -38.21
CA HIS B 353 -5.00 -31.53 -37.54
C HIS B 353 -6.22 -31.51 -38.44
N ASP B 354 -7.41 -31.62 -37.84
CA ASP B 354 -8.63 -31.60 -38.61
C ASP B 354 -9.43 -30.32 -38.42
N TYR B 355 -8.92 -29.24 -39.02
CA TYR B 355 -9.57 -27.94 -39.00
C TYR B 355 -8.99 -27.17 -40.18
N TRP B 356 -9.76 -26.23 -40.73
CA TRP B 356 -9.31 -25.47 -41.88
C TRP B 356 -9.97 -24.11 -41.90
N PHE B 357 -9.40 -23.21 -42.70
CA PHE B 357 -9.89 -21.84 -42.83
C PHE B 357 -10.56 -21.63 -44.19
N GLU B 358 -11.61 -20.83 -44.20
CA GLU B 358 -12.31 -20.53 -45.43
C GLU B 358 -13.15 -19.26 -45.29
N LYS B 359 -12.82 -18.27 -46.10
CA LYS B 359 -13.52 -16.99 -46.14
C LYS B 359 -13.83 -16.36 -44.78
N GLY B 360 -12.79 -16.11 -43.99
CA GLY B 360 -12.96 -15.47 -42.69
C GLY B 360 -13.45 -16.33 -41.54
N GLU B 361 -13.51 -17.64 -41.74
CA GLU B 361 -13.97 -18.54 -40.68
C GLU B 361 -13.09 -19.79 -40.59
N LEU B 362 -13.01 -20.34 -39.38
CA LEU B 362 -12.28 -21.57 -39.16
C LEU B 362 -13.36 -22.63 -38.96
N PHE B 363 -13.04 -23.88 -39.26
CA PHE B 363 -13.99 -24.98 -39.13
C PHE B 363 -13.26 -26.17 -38.54
N VAL B 364 -13.86 -26.85 -37.57
CA VAL B 364 -13.23 -28.01 -36.98
C VAL B 364 -13.88 -29.26 -37.60
N GLY B 365 -13.09 -30.31 -37.79
CA GLY B 365 -13.58 -31.53 -38.40
C GLY B 365 -14.25 -32.54 -37.48
N GLU B 366 -14.67 -33.65 -38.07
CA GLU B 366 -15.35 -34.73 -37.34
C GLU B 366 -14.44 -35.82 -36.79
N THR B 367 -13.13 -35.67 -36.94
CA THR B 367 -12.20 -36.67 -36.43
C THR B 367 -12.35 -36.83 -34.91
N PRO B 368 -12.54 -38.07 -34.43
CA PRO B 368 -12.68 -38.32 -32.99
C PRO B 368 -11.49 -37.77 -32.22
N GLY B 369 -11.74 -37.23 -31.03
CA GLY B 369 -10.68 -36.63 -30.24
C GLY B 369 -10.73 -35.14 -30.55
N HIS B 370 -9.67 -34.38 -30.26
CA HIS B 370 -9.70 -32.97 -30.63
C HIS B 370 -9.27 -32.85 -32.09
N GLY B 371 -8.95 -34.00 -32.69
CA GLY B 371 -8.56 -34.04 -34.10
C GLY B 371 -7.12 -33.71 -34.45
N VAL B 372 -6.29 -33.46 -33.45
CA VAL B 372 -4.90 -33.14 -33.71
C VAL B 372 -4.01 -34.28 -33.24
N ASP B 373 -2.85 -34.41 -33.85
CA ASP B 373 -1.90 -35.45 -33.47
C ASP B 373 -0.51 -34.85 -33.66
N ILE B 374 0.51 -35.63 -33.38
CA ILE B 374 1.88 -35.14 -33.55
C ILE B 374 2.72 -36.22 -34.22
N ASP B 375 3.47 -35.83 -35.25
CA ASP B 375 4.34 -36.77 -35.94
C ASP B 375 5.66 -36.72 -35.19
N GLU B 376 5.85 -37.64 -34.25
CA GLU B 376 7.05 -37.70 -33.45
C GLU B 376 8.35 -37.81 -34.24
N GLU B 377 8.33 -38.57 -35.33
CA GLU B 377 9.52 -38.75 -36.15
C GLU B 377 9.91 -37.42 -36.80
N LEU B 378 8.94 -36.72 -37.38
CA LEU B 378 9.21 -35.44 -38.02
C LEU B 378 9.57 -34.38 -36.97
N ALA B 379 8.85 -34.38 -35.85
CA ALA B 379 9.11 -33.42 -34.78
C ALA B 379 10.57 -33.46 -34.34
N ALA B 380 11.16 -34.66 -34.34
CA ALA B 380 12.54 -34.84 -33.93
C ALA B 380 13.56 -34.21 -34.89
N LYS B 381 13.11 -33.80 -36.08
CA LYS B 381 14.02 -33.18 -37.04
C LYS B 381 14.12 -31.67 -36.85
N TYR B 382 13.38 -31.15 -35.88
CA TYR B 382 13.38 -29.71 -35.60
C TYR B 382 13.73 -29.51 -34.13
N PRO B 383 15.03 -29.44 -33.82
CA PRO B 383 15.51 -29.25 -32.44
C PRO B 383 15.16 -27.91 -31.80
N TYR B 384 14.92 -27.96 -30.50
CA TYR B 384 14.60 -26.78 -29.70
C TYR B 384 15.63 -25.69 -29.97
N LYS B 385 15.17 -24.44 -29.99
CA LYS B 385 16.03 -23.27 -30.21
C LYS B 385 15.53 -22.12 -29.35
N PRO B 386 16.30 -21.73 -28.33
CA PRO B 386 15.94 -20.63 -27.42
C PRO B 386 15.44 -19.36 -28.11
N ALA B 387 14.28 -18.88 -27.69
CA ALA B 387 13.70 -17.66 -28.26
C ALA B 387 12.90 -16.95 -27.18
N TYR B 388 13.14 -15.64 -27.05
CA TYR B 388 12.48 -14.82 -26.04
C TYR B 388 11.52 -13.79 -26.61
N LEU B 389 10.54 -13.40 -25.80
CA LEU B 389 9.61 -12.35 -26.19
C LEU B 389 10.34 -11.05 -25.90
N PRO B 390 10.01 -9.97 -26.61
CA PRO B 390 10.73 -8.74 -26.29
C PRO B 390 10.27 -8.08 -25.02
N VAL B 391 10.99 -7.04 -24.61
CA VAL B 391 10.63 -6.28 -23.42
C VAL B 391 10.51 -4.84 -23.89
N ALA B 392 9.93 -3.99 -23.05
CA ALA B 392 9.76 -2.60 -23.41
C ALA B 392 10.21 -1.67 -22.31
N ARG B 393 10.81 -0.56 -22.71
CA ARG B 393 11.28 0.46 -21.78
C ARG B 393 10.81 1.81 -22.29
N LEU B 394 10.51 2.73 -21.37
CA LEU B 394 10.07 4.06 -21.73
C LEU B 394 11.31 4.81 -22.22
N GLU B 395 11.12 6.01 -22.78
CA GLU B 395 12.25 6.78 -23.30
C GLU B 395 13.34 7.05 -22.26
N ASP B 396 12.96 7.13 -20.99
CA ASP B 396 13.96 7.40 -19.94
C ASP B 396 14.60 6.12 -19.39
N GLY B 397 14.26 4.98 -19.99
CA GLY B 397 14.83 3.72 -19.55
C GLY B 397 13.99 2.89 -18.60
N THR B 398 12.87 3.46 -18.14
CA THR B 398 11.98 2.76 -17.21
C THR B 398 11.46 1.45 -17.79
N MET B 399 11.60 0.36 -17.01
CA MET B 399 11.10 -0.94 -17.45
C MET B 399 9.59 -0.79 -17.60
N TRP B 400 9.05 -1.18 -18.75
CA TRP B 400 7.62 -1.06 -18.96
C TRP B 400 7.00 -2.40 -19.35
N ASN B 401 5.76 -2.35 -19.80
CA ASN B 401 5.05 -3.55 -20.20
C ASN B 401 5.05 -3.67 -21.71
N TRP B 402 5.57 -4.78 -22.22
CA TRP B 402 5.59 -4.99 -23.65
C TRP B 402 4.23 -5.50 -24.12
N MET C 1 -12.91 49.11 15.47
CA MET C 1 -12.13 48.36 16.48
C MET C 1 -11.03 47.53 15.82
N LYS C 2 -9.86 47.49 16.45
CA LYS C 2 -8.74 46.75 15.88
C LYS C 2 -7.92 46.03 16.94
N ILE C 3 -7.30 44.93 16.52
CA ILE C 3 -6.43 44.19 17.41
C ILE C 3 -5.16 45.02 17.45
N THR C 4 -4.69 45.34 18.65
CA THR C 4 -3.48 46.14 18.81
C THR C 4 -2.30 45.28 19.19
N ALA C 5 -2.57 44.13 19.79
CA ALA C 5 -1.52 43.22 20.20
C ALA C 5 -2.02 41.80 20.37
N ALA C 6 -1.13 40.84 20.11
CA ALA C 6 -1.44 39.43 20.25
C ALA C 6 -0.18 38.82 20.87
N ARG C 7 -0.14 38.83 22.20
CA ARG C 7 1.02 38.33 22.93
C ARG C 7 0.90 36.89 23.43
N VAL C 8 2.02 36.18 23.40
CA VAL C 8 2.07 34.80 23.85
C VAL C 8 2.74 34.78 25.23
N ILE C 9 2.04 34.22 26.21
CA ILE C 9 2.55 34.14 27.57
C ILE C 9 2.83 32.69 27.95
N ILE C 10 4.05 32.44 28.42
CA ILE C 10 4.47 31.10 28.80
C ILE C 10 4.68 31.02 30.31
N THR C 11 4.20 29.95 30.93
CA THR C 11 4.34 29.77 32.37
C THR C 11 4.27 28.29 32.73
N CYS C 12 4.88 27.93 33.87
CA CYS C 12 4.89 26.53 34.30
C CYS C 12 4.56 26.38 35.79
N PRO C 13 3.31 26.66 36.17
CA PRO C 13 2.86 26.55 37.57
C PRO C 13 2.48 25.10 37.89
N GLY C 14 3.44 24.20 37.76
CA GLY C 14 3.18 22.79 38.01
C GLY C 14 3.44 22.01 36.73
N ARG C 15 3.17 22.68 35.61
CA ARG C 15 3.42 22.11 34.28
C ARG C 15 3.32 23.26 33.28
N ASN C 16 3.83 23.05 32.08
CA ASN C 16 3.83 24.09 31.04
C ASN C 16 2.47 24.43 30.44
N PHE C 17 2.21 25.72 30.29
CA PHE C 17 0.98 26.22 29.68
C PHE C 17 1.35 27.40 28.80
N VAL C 18 0.76 27.47 27.61
CA VAL C 18 1.01 28.57 26.69
C VAL C 18 -0.32 29.27 26.48
N THR C 19 -0.32 30.59 26.62
CA THR C 19 -1.53 31.37 26.48
C THR C 19 -1.37 32.54 25.52
N LEU C 20 -2.42 32.79 24.73
CA LEU C 20 -2.43 33.90 23.78
C LEU C 20 -3.34 34.98 24.34
N LYS C 21 -2.87 36.21 24.34
CA LYS C 21 -3.68 37.32 24.84
C LYS C 21 -3.84 38.35 23.73
N ILE C 22 -5.08 38.53 23.27
CA ILE C 22 -5.36 39.48 22.22
C ILE C 22 -5.92 40.77 22.80
N GLU C 23 -5.19 41.86 22.61
CA GLU C 23 -5.60 43.17 23.12
C GLU C 23 -6.16 44.02 21.99
N THR C 24 -7.11 44.89 22.32
CA THR C 24 -7.73 45.75 21.31
C THR C 24 -7.58 47.22 21.64
N ASP C 25 -7.98 48.08 20.70
CA ASP C 25 -7.91 49.52 20.89
C ASP C 25 -9.19 50.01 21.56
N GLN C 26 -9.99 49.06 22.04
CA GLN C 26 -11.24 49.38 22.72
C GLN C 26 -11.18 48.93 24.18
N GLY C 27 -9.95 48.71 24.66
CA GLY C 27 -9.77 48.29 26.04
C GLY C 27 -9.92 46.80 26.29
N VAL C 28 -11.04 46.23 25.85
CA VAL C 28 -11.30 44.80 26.05
C VAL C 28 -10.19 43.92 25.48
N TYR C 29 -10.00 42.75 26.09
CA TYR C 29 -9.00 41.80 25.64
C TYR C 29 -9.50 40.40 25.90
N GLY C 30 -8.89 39.42 25.23
CA GLY C 30 -9.30 38.04 25.41
C GLY C 30 -8.10 37.13 25.45
N ILE C 31 -8.26 35.94 26.02
CA ILE C 31 -7.16 35.00 26.09
C ILE C 31 -7.60 33.62 25.63
N GLY C 32 -6.65 32.86 25.10
CA GLY C 32 -6.93 31.52 24.62
C GLY C 32 -5.77 30.61 24.93
N ASP C 33 -6.06 29.32 25.08
CA ASP C 33 -5.04 28.31 25.38
C ASP C 33 -4.39 27.84 24.08
N ALA C 34 -3.08 27.63 24.11
CA ALA C 34 -2.34 27.17 22.94
C ALA C 34 -1.38 26.06 23.34
N THR C 35 -1.60 25.49 24.52
CA THR C 35 -0.75 24.44 25.05
C THR C 35 -0.77 23.13 24.28
N LEU C 36 0.41 22.69 23.83
CA LEU C 36 0.55 21.43 23.10
C LEU C 36 1.58 20.60 23.88
N ASN C 37 1.09 19.79 24.81
CA ASN C 37 1.94 18.98 25.67
C ASN C 37 3.09 18.25 24.99
N GLY C 38 4.31 18.56 25.42
CA GLY C 38 5.49 17.93 24.87
C GLY C 38 6.12 18.62 23.67
N ARG C 39 5.40 19.58 23.09
CA ARG C 39 5.88 20.33 21.91
C ARG C 39 5.43 21.78 22.00
N GLU C 40 5.27 22.26 23.23
CA GLU C 40 4.77 23.61 23.49
C GLU C 40 5.41 24.78 22.76
N LEU C 41 6.74 24.78 22.63
CA LEU C 41 7.41 25.90 21.99
C LEU C 41 7.20 26.02 20.48
N SER C 42 6.79 24.92 19.84
CA SER C 42 6.55 24.97 18.39
C SER C 42 5.34 25.87 18.14
N VAL C 43 4.35 25.81 19.03
CA VAL C 43 3.15 26.64 18.88
C VAL C 43 3.46 28.10 19.25
N VAL C 44 4.36 28.29 20.21
CA VAL C 44 4.77 29.62 20.62
C VAL C 44 5.33 30.34 19.40
N ALA C 45 6.23 29.66 18.70
CA ALA C 45 6.84 30.21 17.50
C ALA C 45 5.84 30.41 16.38
N TYR C 46 4.94 29.44 16.20
CA TYR C 46 3.93 29.52 15.15
C TYR C 46 3.09 30.80 15.31
N LEU C 47 2.71 31.07 16.56
CA LEU C 47 1.90 32.26 16.87
C LEU C 47 2.71 33.55 16.90
N GLN C 48 3.75 33.56 17.72
CA GLN C 48 4.60 34.72 17.90
C GLN C 48 5.30 35.19 16.64
N GLU C 49 5.91 34.27 15.92
CA GLU C 49 6.66 34.61 14.71
C GLU C 49 5.85 34.72 13.42
N HIS C 50 4.72 34.04 13.34
CA HIS C 50 3.96 34.09 12.10
C HIS C 50 2.54 34.62 12.17
N VAL C 51 1.70 34.01 13.00
CA VAL C 51 0.31 34.42 13.12
C VAL C 51 0.06 35.79 13.75
N ALA C 52 0.66 36.04 14.91
CA ALA C 52 0.47 37.31 15.61
C ALA C 52 0.64 38.55 14.74
N PRO C 53 1.77 38.66 14.02
CA PRO C 53 1.98 39.84 13.18
C PRO C 53 0.82 40.09 12.20
N CYS C 54 0.20 39.02 11.73
CA CYS C 54 -0.90 39.11 10.77
C CYS C 54 -2.21 39.60 11.40
N LEU C 55 -2.40 39.34 12.68
CA LEU C 55 -3.62 39.73 13.37
C LEU C 55 -3.70 41.22 13.67
N ILE C 56 -2.54 41.85 13.85
CA ILE C 56 -2.49 43.28 14.17
C ILE C 56 -3.26 44.11 13.15
N GLY C 57 -4.19 44.93 13.64
CA GLY C 57 -4.96 45.77 12.75
C GLY C 57 -6.26 45.17 12.25
N MET C 58 -6.48 43.88 12.50
CA MET C 58 -7.72 43.24 12.06
C MET C 58 -8.87 43.52 13.04
N ASP C 59 -10.09 43.37 12.54
CA ASP C 59 -11.30 43.59 13.35
C ASP C 59 -11.53 42.32 14.16
N PRO C 60 -11.34 42.38 15.49
CA PRO C 60 -11.53 41.21 16.36
C PRO C 60 -12.96 40.65 16.38
N ARG C 61 -13.92 41.46 15.93
CA ARG C 61 -15.32 41.02 15.90
C ARG C 61 -15.56 39.97 14.82
N ARG C 62 -14.69 39.95 13.82
CA ARG C 62 -14.82 39.02 12.70
C ARG C 62 -14.20 37.64 13.00
N ILE C 63 -14.79 36.94 13.96
CA ILE C 63 -14.30 35.62 14.37
C ILE C 63 -14.21 34.61 13.23
N GLU C 64 -15.29 34.45 12.47
CA GLU C 64 -15.31 33.50 11.37
C GLU C 64 -14.25 33.82 10.32
N ASP C 65 -14.17 35.08 9.92
CA ASP C 65 -13.20 35.50 8.91
C ASP C 65 -11.78 35.23 9.37
N ILE C 66 -11.48 35.53 10.62
CA ILE C 66 -10.14 35.32 11.15
C ILE C 66 -9.82 33.83 11.16
N TRP C 67 -10.77 33.01 11.60
CA TRP C 67 -10.58 31.58 11.64
C TRP C 67 -10.22 31.08 10.24
N GLN C 68 -11.02 31.47 9.25
CA GLN C 68 -10.80 31.07 7.87
C GLN C 68 -9.46 31.61 7.37
N TYR C 69 -9.12 32.83 7.77
CA TYR C 69 -7.86 33.46 7.36
C TYR C 69 -6.65 32.66 7.84
N VAL C 70 -6.64 32.32 9.13
CA VAL C 70 -5.55 31.55 9.69
C VAL C 70 -5.55 30.10 9.20
N TYR C 71 -6.74 29.51 9.06
CA TYR C 71 -6.83 28.12 8.61
C TYR C 71 -6.45 27.92 7.15
N ARG C 72 -7.08 28.68 6.26
CA ARG C 72 -6.79 28.55 4.83
C ARG C 72 -5.50 29.26 4.44
N GLY C 73 -5.27 30.43 5.02
CA GLY C 73 -4.09 31.22 4.73
C GLY C 73 -2.76 30.57 5.04
N ALA C 74 -2.76 29.58 5.93
CA ALA C 74 -1.54 28.88 6.28
C ALA C 74 -1.02 28.06 5.09
N TYR C 75 -1.94 27.76 4.18
CA TYR C 75 -1.67 26.97 2.97
C TYR C 75 -1.47 25.50 3.32
N TRP C 76 -0.59 25.23 4.28
CA TRP C 76 -0.34 23.87 4.74
C TRP C 76 -1.38 23.73 5.84
N ARG C 77 -2.44 22.99 5.57
CA ARG C 77 -3.56 22.86 6.50
C ARG C 77 -3.55 21.74 7.54
N ARG C 78 -4.33 21.93 8.60
CA ARG C 78 -4.48 20.97 9.68
C ARG C 78 -3.19 20.80 10.47
N GLY C 79 -3.19 19.84 11.40
CA GLY C 79 -2.01 19.58 12.20
C GLY C 79 -2.15 20.01 13.64
N PRO C 80 -1.48 19.29 14.57
CA PRO C 80 -1.55 19.64 15.99
C PRO C 80 -1.06 21.04 16.33
N VAL C 81 0.08 21.44 15.76
CA VAL C 81 0.64 22.75 16.03
C VAL C 81 -0.25 23.83 15.42
N THR C 82 -0.57 23.66 14.15
CA THR C 82 -1.41 24.58 13.41
C THR C 82 -2.77 24.84 14.07
N MET C 83 -3.47 23.78 14.42
CA MET C 83 -4.79 23.92 15.02
C MET C 83 -4.77 24.45 16.46
N ARG C 84 -3.66 24.25 17.16
CA ARG C 84 -3.55 24.76 18.53
C ARG C 84 -3.46 26.27 18.42
N ALA C 85 -2.70 26.74 17.42
CA ALA C 85 -2.53 28.18 17.21
C ALA C 85 -3.88 28.80 16.87
N ILE C 86 -4.61 28.16 15.96
CA ILE C 86 -5.94 28.63 15.55
C ILE C 86 -6.91 28.64 16.73
N ALA C 87 -6.86 27.60 17.55
CA ALA C 87 -7.74 27.49 18.70
C ALA C 87 -7.50 28.63 19.69
N ALA C 88 -6.24 28.94 19.94
CA ALA C 88 -5.87 30.01 20.87
C ALA C 88 -6.49 31.33 20.41
N VAL C 89 -6.36 31.59 19.11
CA VAL C 89 -6.92 32.81 18.52
C VAL C 89 -8.44 32.82 18.65
N ASP C 90 -9.05 31.70 18.28
CA ASP C 90 -10.50 31.57 18.33
C ASP C 90 -11.05 31.76 19.74
N MET C 91 -10.40 31.14 20.72
CA MET C 91 -10.85 31.25 22.12
C MET C 91 -10.78 32.69 22.61
N ALA C 92 -9.69 33.39 22.27
CA ALA C 92 -9.51 34.77 22.68
C ALA C 92 -10.55 35.67 22.02
N LEU C 93 -10.86 35.41 20.76
CA LEU C 93 -11.86 36.22 20.06
C LEU C 93 -13.26 36.01 20.63
N TRP C 94 -13.61 34.76 20.97
CA TRP C 94 -14.91 34.50 21.54
C TRP C 94 -14.98 35.12 22.94
N ASP C 95 -13.84 35.16 23.61
CA ASP C 95 -13.72 35.74 24.94
C ASP C 95 -14.05 37.24 24.81
N ILE C 96 -13.48 37.86 23.78
CA ILE C 96 -13.72 39.28 23.53
C ILE C 96 -15.18 39.55 23.16
N LYS C 97 -15.74 38.73 22.27
CA LYS C 97 -17.13 38.93 21.85
C LYS C 97 -18.11 38.76 23.00
N ALA C 98 -17.89 37.77 23.86
CA ALA C 98 -18.77 37.54 24.99
C ALA C 98 -18.68 38.72 25.96
N LYS C 99 -17.47 39.24 26.17
CA LYS C 99 -17.28 40.38 27.07
C LYS C 99 -18.01 41.60 26.51
N MET C 100 -17.84 41.85 25.21
CA MET C 100 -18.50 42.99 24.58
C MET C 100 -20.02 42.85 24.62
N ALA C 101 -20.50 41.61 24.58
CA ALA C 101 -21.93 41.36 24.64
C ALA C 101 -22.41 41.44 26.08
N GLY C 102 -21.48 41.36 27.02
CA GLY C 102 -21.81 41.42 28.43
C GLY C 102 -22.50 40.15 28.90
N MET C 103 -22.10 39.01 28.34
CA MET C 103 -22.69 37.74 28.70
C MET C 103 -21.67 36.62 28.83
N PRO C 104 -22.00 35.58 29.61
CA PRO C 104 -21.05 34.48 29.73
C PRO C 104 -21.09 33.82 28.34
N LEU C 105 -19.97 33.27 27.90
CA LEU C 105 -19.88 32.68 26.57
C LEU C 105 -21.00 31.71 26.15
N TYR C 106 -21.43 30.83 27.05
CA TYR C 106 -22.47 29.87 26.69
C TYR C 106 -23.75 30.54 26.17
N GLN C 107 -23.99 31.78 26.57
CA GLN C 107 -25.17 32.51 26.12
C GLN C 107 -25.07 32.81 24.61
N LEU C 108 -23.88 33.17 24.15
CA LEU C 108 -23.70 33.49 22.74
C LEU C 108 -23.80 32.27 21.84
N LEU C 109 -23.49 31.10 22.40
CA LEU C 109 -23.54 29.86 21.62
C LEU C 109 -24.96 29.36 21.37
N GLY C 110 -25.90 29.84 22.18
CA GLY C 110 -27.28 29.42 22.03
C GLY C 110 -28.01 29.27 23.34
N GLY C 111 -27.30 29.50 24.45
CA GLY C 111 -27.94 29.41 25.74
C GLY C 111 -27.70 28.08 26.46
N ARG C 112 -28.18 28.01 27.68
CA ARG C 112 -28.04 26.85 28.54
C ARG C 112 -28.95 25.67 28.15
N SER C 113 -28.35 24.48 28.05
CA SER C 113 -29.09 23.27 27.70
C SER C 113 -29.21 22.35 28.92
N ARG C 114 -28.36 22.61 29.92
CA ARG C 114 -28.35 21.79 31.13
C ARG C 114 -27.84 22.60 32.32
N ASP C 115 -27.99 22.05 33.51
CA ASP C 115 -27.52 22.72 34.71
C ASP C 115 -26.06 22.37 34.96
N GLY C 116 -25.80 21.14 35.41
CA GLY C 116 -24.44 20.73 35.69
C GLY C 116 -23.81 19.94 34.56
N ILE C 117 -22.48 19.87 34.58
CA ILE C 117 -21.70 19.15 33.58
C ILE C 117 -21.12 17.89 34.21
N MET C 118 -21.65 16.73 33.84
CA MET C 118 -21.15 15.47 34.40
C MET C 118 -19.72 15.24 33.97
N VAL C 119 -18.88 14.83 34.92
CA VAL C 119 -17.48 14.57 34.62
C VAL C 119 -17.11 13.17 35.08
N TYR C 120 -15.88 12.75 34.80
CA TYR C 120 -15.40 11.47 35.27
C TYR C 120 -14.02 11.69 35.86
N GLY C 121 -13.67 10.88 36.85
CA GLY C 121 -12.38 10.99 37.50
C GLY C 121 -11.43 9.87 37.11
N HIS C 122 -10.18 10.00 37.52
CA HIS C 122 -9.16 9.01 37.19
C HIS C 122 -8.74 8.13 38.36
N ALA C 123 -9.16 6.88 38.33
CA ALA C 123 -8.82 5.91 39.36
C ALA C 123 -7.70 5.03 38.80
N ASN C 124 -6.53 5.11 39.42
CA ASN C 124 -5.38 4.33 38.96
C ASN C 124 -4.83 3.42 40.05
N GLY C 125 -4.26 2.30 39.64
CA GLY C 125 -3.70 1.35 40.59
C GLY C 125 -2.62 0.51 39.92
N SER C 126 -1.66 0.04 40.70
CA SER C 126 -0.58 -0.78 40.17
C SER C 126 -1.07 -2.17 39.80
N ASP C 127 -2.20 -2.57 40.38
CA ASP C 127 -2.81 -3.86 40.08
C ASP C 127 -4.32 -3.75 40.31
N ILE C 128 -5.05 -4.83 40.05
CA ILE C 128 -6.51 -4.80 40.21
C ILE C 128 -6.96 -4.40 41.62
N ALA C 129 -6.40 -5.05 42.64
CA ALA C 129 -6.78 -4.74 44.03
C ALA C 129 -6.69 -3.24 44.31
N GLU C 130 -5.56 -2.64 43.95
CA GLU C 130 -5.36 -1.21 44.19
C GLU C 130 -6.28 -0.33 43.34
N THR C 131 -6.55 -0.75 42.11
CA THR C 131 -7.42 0.02 41.23
C THR C 131 -8.86 -0.06 41.76
N VAL C 132 -9.25 -1.23 42.25
CA VAL C 132 -10.58 -1.41 42.80
C VAL C 132 -10.75 -0.45 43.99
N GLU C 133 -9.71 -0.32 44.81
CA GLU C 133 -9.78 0.60 45.96
C GLU C 133 -9.90 2.04 45.46
N ALA C 134 -9.11 2.38 44.44
CA ALA C 134 -9.13 3.73 43.87
C ALA C 134 -10.50 4.12 43.34
N VAL C 135 -11.17 3.19 42.66
CA VAL C 135 -12.50 3.47 42.13
C VAL C 135 -13.43 3.72 43.32
N GLY C 136 -13.18 3.01 44.41
CA GLY C 136 -13.99 3.18 45.60
C GLY C 136 -13.83 4.59 46.15
N HIS C 137 -12.61 5.11 46.09
CA HIS C 137 -12.34 6.46 46.58
C HIS C 137 -13.10 7.50 45.76
N TYR C 138 -13.11 7.32 44.44
CA TYR C 138 -13.80 8.26 43.57
C TYR C 138 -15.31 8.21 43.77
N ILE C 139 -15.82 7.02 44.02
CA ILE C 139 -17.25 6.87 44.26
C ILE C 139 -17.59 7.67 45.52
N ASP C 140 -16.74 7.56 46.54
CA ASP C 140 -16.94 8.27 47.80
C ASP C 140 -16.71 9.77 47.68
N MET C 141 -15.98 10.17 46.64
CA MET C 141 -15.71 11.60 46.43
C MET C 141 -16.89 12.22 45.68
N GLY C 142 -17.90 11.40 45.38
CA GLY C 142 -19.08 11.90 44.71
C GLY C 142 -19.10 11.80 43.18
N TYR C 143 -18.12 11.14 42.58
CA TYR C 143 -18.11 11.02 41.12
C TYR C 143 -19.15 10.01 40.62
N LYS C 144 -19.86 10.40 39.58
CA LYS C 144 -20.87 9.54 38.98
C LYS C 144 -20.22 8.64 37.93
N ALA C 145 -19.10 9.08 37.40
CA ALA C 145 -18.37 8.33 36.37
C ALA C 145 -16.91 8.23 36.75
N ILE C 146 -16.31 7.06 36.58
CA ILE C 146 -14.91 6.88 36.93
C ILE C 146 -14.14 6.11 35.86
N ARG C 147 -12.98 6.63 35.47
CA ARG C 147 -12.15 5.94 34.50
C ARG C 147 -11.23 5.05 35.33
N ALA C 148 -11.17 3.76 35.00
CA ALA C 148 -10.32 2.85 35.75
C ALA C 148 -9.16 2.30 34.93
N GLN C 149 -7.94 2.56 35.40
CA GLN C 149 -6.73 2.10 34.72
C GLN C 149 -5.88 1.33 35.73
N THR C 150 -5.39 0.16 35.33
CA THR C 150 -4.56 -0.65 36.21
C THR C 150 -3.24 -1.01 35.56
N GLY C 151 -2.22 -1.17 36.38
CA GLY C 151 -0.94 -1.58 35.86
C GLY C 151 -1.13 -3.06 35.58
N VAL C 152 -0.34 -3.63 34.68
CA VAL C 152 -0.47 -5.04 34.37
C VAL C 152 0.78 -5.79 34.83
N PRO C 153 0.61 -6.71 35.78
CA PRO C 153 1.74 -7.50 36.29
C PRO C 153 2.43 -8.23 35.14
N GLY C 154 3.76 -8.14 35.10
CA GLY C 154 4.48 -8.80 34.03
C GLY C 154 4.96 -7.85 32.95
N ILE C 155 4.52 -6.60 33.02
CA ILE C 155 4.94 -5.58 32.05
C ILE C 155 5.01 -4.20 32.68
N SER C 174 12.39 15.69 31.71
CA SER C 174 13.54 16.18 30.97
C SER C 174 13.63 15.49 29.61
N LEU C 175 13.39 14.19 29.61
CA LEU C 175 13.41 13.39 28.39
C LEU C 175 12.29 12.36 28.52
N PRO C 176 11.74 11.91 27.40
CA PRO C 176 10.65 10.93 27.48
C PRO C 176 11.02 9.61 28.14
N SER C 177 10.18 9.18 29.08
CA SER C 177 10.37 7.92 29.78
C SER C 177 9.93 6.83 28.82
N VAL C 178 10.53 5.65 28.93
CA VAL C 178 10.17 4.53 28.08
C VAL C 178 9.39 3.49 28.86
N THR C 179 8.11 3.35 28.53
CA THR C 179 7.26 2.38 29.20
C THR C 179 7.16 1.11 28.36
N GLY C 180 6.91 -0.01 29.02
CA GLY C 180 6.81 -1.26 28.30
C GLY C 180 5.37 -1.65 28.04
N TRP C 181 5.17 -2.55 27.09
CA TRP C 181 3.83 -3.00 26.75
C TRP C 181 3.81 -4.41 26.17
N ASP C 182 2.73 -5.13 26.47
CA ASP C 182 2.52 -6.48 25.94
C ASP C 182 1.01 -6.69 25.89
N THR C 183 0.49 -6.81 24.68
CA THR C 183 -0.94 -6.97 24.48
C THR C 183 -1.56 -8.22 25.10
N ARG C 184 -0.94 -9.37 24.88
CA ARG C 184 -1.50 -10.60 25.44
C ARG C 184 -1.66 -10.50 26.96
N LYS C 185 -0.66 -9.97 27.65
CA LYS C 185 -0.75 -9.85 29.09
C LYS C 185 -1.90 -8.94 29.52
N ALA C 186 -2.08 -7.83 28.81
CA ALA C 186 -3.15 -6.90 29.12
C ALA C 186 -4.52 -7.52 28.82
N LEU C 187 -4.61 -8.24 27.69
CA LEU C 187 -5.87 -8.88 27.32
C LEU C 187 -6.33 -9.91 28.35
N ASN C 188 -5.39 -10.54 29.03
CA ASN C 188 -5.73 -11.53 30.04
C ASN C 188 -6.01 -10.90 31.40
N TYR C 189 -5.63 -9.64 31.56
CA TYR C 189 -5.79 -8.95 32.85
C TYR C 189 -6.88 -7.89 32.94
N VAL C 190 -6.95 -7.00 31.95
CA VAL C 190 -7.94 -5.92 31.98
C VAL C 190 -9.40 -6.35 32.20
N PRO C 191 -9.86 -7.41 31.54
CA PRO C 191 -11.25 -7.82 31.75
C PRO C 191 -11.51 -8.19 33.21
N LYS C 192 -10.50 -8.76 33.85
CA LYS C 192 -10.62 -9.15 35.25
C LYS C 192 -10.86 -7.92 36.13
N LEU C 193 -10.23 -6.80 35.76
CA LEU C 193 -10.42 -5.56 36.52
C LEU C 193 -11.89 -5.16 36.60
N PHE C 194 -12.54 -5.07 35.44
CA PHE C 194 -13.94 -4.65 35.40
C PHE C 194 -14.90 -5.68 35.96
N GLU C 195 -14.50 -6.95 35.91
CA GLU C 195 -15.34 -8.01 36.47
C GLU C 195 -15.36 -7.77 37.98
N GLU C 196 -14.19 -7.49 38.55
CA GLU C 196 -14.09 -7.23 39.98
C GLU C 196 -14.77 -5.93 40.38
N LEU C 197 -14.65 -4.91 39.52
CA LEU C 197 -15.28 -3.63 39.80
C LEU C 197 -16.78 -3.79 39.91
N ARG C 198 -17.38 -4.59 39.01
CA ARG C 198 -18.83 -4.78 39.04
C ARG C 198 -19.24 -5.70 40.19
N LYS C 199 -18.39 -6.66 40.54
CA LYS C 199 -18.70 -7.55 41.65
C LYS C 199 -18.70 -6.73 42.94
N THR C 200 -17.77 -5.79 43.01
CA THR C 200 -17.60 -4.95 44.19
C THR C 200 -18.56 -3.77 44.34
N TYR C 201 -18.79 -3.04 43.24
CA TYR C 201 -19.64 -1.85 43.32
C TYR C 201 -20.97 -1.89 42.60
N GLY C 202 -21.26 -2.99 41.91
CA GLY C 202 -22.54 -3.05 41.21
C GLY C 202 -22.53 -2.28 39.91
N PHE C 203 -23.71 -2.10 39.31
CA PHE C 203 -23.86 -1.41 38.04
C PHE C 203 -24.42 0.02 38.01
N ASP C 204 -24.49 0.69 39.16
CA ASP C 204 -25.03 2.05 39.19
C ASP C 204 -24.08 3.12 38.64
N HIS C 205 -22.78 2.94 38.85
CA HIS C 205 -21.81 3.92 38.38
C HIS C 205 -21.27 3.69 36.96
N HIS C 206 -20.99 4.79 36.26
CA HIS C 206 -20.44 4.71 34.91
C HIS C 206 -18.96 4.37 35.02
N LEU C 207 -18.52 3.35 34.28
CA LEU C 207 -17.11 2.97 34.32
C LEU C 207 -16.51 3.12 32.93
N LEU C 208 -15.36 3.79 32.86
CA LEU C 208 -14.69 4.02 31.60
C LEU C 208 -13.31 3.39 31.56
N HIS C 209 -12.81 3.12 30.36
CA HIS C 209 -11.46 2.58 30.22
C HIS C 209 -10.81 3.20 29.00
N ASP C 210 -9.53 3.49 29.14
CA ASP C 210 -8.77 4.11 28.06
C ASP C 210 -7.78 3.08 27.51
N GLY C 211 -8.02 2.60 26.29
CA GLY C 211 -7.12 1.63 25.67
C GLY C 211 -5.79 2.25 25.28
N HIS C 212 -5.78 3.58 25.23
CA HIS C 212 -4.59 4.36 24.89
C HIS C 212 -3.78 3.92 23.66
N HIS C 213 -4.49 3.69 22.55
CA HIS C 213 -3.88 3.32 21.28
C HIS C 213 -3.05 2.05 21.26
N ARG C 214 -3.19 1.21 22.29
CA ARG C 214 -2.38 0.00 22.39
C ARG C 214 -2.77 -1.23 21.57
N TYR C 215 -4.02 -1.29 21.13
CA TYR C 215 -4.50 -2.47 20.41
C TYR C 215 -4.75 -2.34 18.90
N THR C 216 -4.71 -3.46 18.20
CA THR C 216 -5.01 -3.50 16.77
C THR C 216 -6.54 -3.60 16.77
N PRO C 217 -7.18 -3.44 15.60
CA PRO C 217 -8.65 -3.53 15.55
C PRO C 217 -9.19 -4.87 16.06
N GLN C 218 -8.58 -5.98 15.66
CA GLN C 218 -9.05 -7.29 16.09
C GLN C 218 -8.89 -7.47 17.60
N GLU C 219 -7.77 -7.00 18.15
CA GLU C 219 -7.53 -7.12 19.58
C GLU C 219 -8.50 -6.24 20.36
N ALA C 220 -8.82 -5.09 19.78
CA ALA C 220 -9.76 -4.16 20.42
C ALA C 220 -11.17 -4.78 20.40
N ALA C 221 -11.49 -5.49 19.32
CA ALA C 221 -12.78 -6.15 19.17
C ALA C 221 -12.88 -7.28 20.21
N ASN C 222 -11.77 -7.97 20.41
CA ASN C 222 -11.69 -9.07 21.36
C ASN C 222 -11.89 -8.49 22.77
N LEU C 223 -11.12 -7.45 23.10
CA LEU C 223 -11.24 -6.79 24.40
C LEU C 223 -12.63 -6.21 24.62
N GLY C 224 -13.16 -5.52 23.61
CA GLY C 224 -14.48 -4.93 23.73
C GLY C 224 -15.54 -5.98 24.03
N LYS C 225 -15.42 -7.12 23.36
CA LYS C 225 -16.34 -8.22 23.55
C LYS C 225 -16.23 -8.73 24.99
N MET C 226 -15.01 -8.92 25.48
CA MET C 226 -14.81 -9.41 26.84
C MET C 226 -15.31 -8.42 27.91
N LEU C 227 -15.40 -7.14 27.55
CA LEU C 227 -15.85 -6.12 28.50
C LEU C 227 -17.37 -5.91 28.50
N GLU C 228 -18.05 -6.47 27.49
CA GLU C 228 -19.50 -6.31 27.37
C GLU C 228 -20.32 -6.63 28.61
N PRO C 229 -20.01 -7.74 29.30
CA PRO C 229 -20.78 -8.08 30.51
C PRO C 229 -20.70 -7.02 31.60
N TYR C 230 -19.71 -6.14 31.52
CA TYR C 230 -19.55 -5.14 32.56
C TYR C 230 -20.13 -3.76 32.25
N GLN C 231 -20.82 -3.64 31.12
CA GLN C 231 -21.49 -2.40 30.75
C GLN C 231 -20.67 -1.13 30.94
N LEU C 232 -19.58 -0.98 30.20
CA LEU C 232 -18.76 0.21 30.33
C LEU C 232 -19.41 1.42 29.65
N PHE C 233 -19.10 2.61 30.15
CA PHE C 233 -19.61 3.86 29.59
C PHE C 233 -18.94 4.00 28.22
N TRP C 234 -17.65 3.66 28.17
CA TRP C 234 -16.89 3.67 26.93
C TRP C 234 -15.53 3.03 27.02
N LEU C 235 -15.03 2.58 25.86
CA LEU C 235 -13.71 2.01 25.70
C LEU C 235 -13.11 3.08 24.79
N GLU C 236 -12.07 3.75 25.28
CA GLU C 236 -11.45 4.87 24.57
C GLU C 236 -10.16 4.61 23.80
N ASP C 237 -10.00 5.30 22.67
CA ASP C 237 -8.81 5.19 21.82
C ASP C 237 -8.32 3.74 21.78
N CYS C 238 -9.22 2.80 21.54
CA CYS C 238 -8.83 1.38 21.52
C CYS C 238 -7.74 1.02 20.52
N THR C 239 -7.71 1.71 19.38
CA THR C 239 -6.70 1.44 18.35
C THR C 239 -6.38 2.74 17.62
N PRO C 240 -5.14 2.89 17.10
CA PRO C 240 -4.74 4.10 16.37
C PRO C 240 -5.79 4.40 15.29
N ALA C 241 -6.14 5.66 15.11
CA ALA C 241 -7.17 6.00 14.14
C ALA C 241 -6.83 6.93 12.97
N GLU C 242 -5.57 6.99 12.56
CA GLU C 242 -5.22 7.84 11.42
C GLU C 242 -6.02 7.27 10.25
N ASN C 243 -6.20 5.95 10.27
CA ASN C 243 -7.00 5.26 9.26
C ASN C 243 -8.36 5.12 9.93
N GLN C 244 -9.32 5.95 9.53
CA GLN C 244 -10.64 5.90 10.14
C GLN C 244 -11.41 4.60 9.91
N GLU C 245 -10.88 3.73 9.05
CA GLU C 245 -11.53 2.44 8.80
C GLU C 245 -11.12 1.47 9.92
N ALA C 246 -10.13 1.86 10.71
CA ALA C 246 -9.62 1.01 11.79
C ALA C 246 -10.69 0.59 12.80
N PHE C 247 -11.71 1.41 12.99
CA PHE C 247 -12.76 1.08 13.95
C PHE C 247 -13.85 0.17 13.39
N ARG C 248 -13.77 -0.16 12.11
CA ARG C 248 -14.79 -1.02 11.49
C ARG C 248 -14.94 -2.40 12.11
N LEU C 249 -13.85 -3.12 12.27
CA LEU C 249 -13.90 -4.47 12.86
C LEU C 249 -14.34 -4.43 14.32
N VAL C 250 -13.92 -3.39 15.04
CA VAL C 250 -14.28 -3.26 16.45
C VAL C 250 -15.80 -3.10 16.56
N ARG C 251 -16.34 -2.13 15.83
CA ARG C 251 -17.78 -1.85 15.85
C ARG C 251 -18.62 -3.03 15.40
N GLN C 252 -18.08 -3.83 14.49
CA GLN C 252 -18.79 -4.98 13.96
C GLN C 252 -18.92 -6.11 14.98
N HIS C 253 -17.94 -6.25 15.88
CA HIS C 253 -17.96 -7.34 16.85
C HIS C 253 -18.34 -7.07 18.30
N THR C 254 -18.43 -5.81 18.71
CA THR C 254 -18.80 -5.53 20.10
C THR C 254 -19.78 -4.39 20.24
N VAL C 255 -20.61 -4.44 21.29
CA VAL C 255 -21.59 -3.40 21.56
C VAL C 255 -21.05 -2.47 22.66
N THR C 256 -19.82 -2.70 23.10
CA THR C 256 -19.21 -1.84 24.10
C THR C 256 -19.07 -0.47 23.45
N PRO C 257 -19.49 0.61 24.15
CA PRO C 257 -19.40 1.96 23.57
C PRO C 257 -17.95 2.34 23.27
N LEU C 258 -17.74 3.00 22.13
CA LEU C 258 -16.40 3.40 21.73
C LEU C 258 -16.26 4.92 21.71
N ALA C 259 -15.09 5.40 22.11
CA ALA C 259 -14.77 6.83 22.14
C ALA C 259 -13.38 7.04 21.55
N VAL C 260 -13.13 8.23 21.00
CA VAL C 260 -11.83 8.55 20.41
C VAL C 260 -11.77 10.03 20.04
N GLY C 261 -10.57 10.55 19.83
CA GLY C 261 -10.46 11.93 19.39
C GLY C 261 -9.67 12.98 20.15
N GLU C 262 -9.15 12.66 21.33
CA GLU C 262 -8.40 13.67 22.06
C GLU C 262 -7.23 14.22 21.25
N ILE C 263 -6.65 13.41 20.36
CA ILE C 263 -5.54 13.88 19.55
C ILE C 263 -5.94 14.40 18.16
N PHE C 264 -7.23 14.41 17.85
CA PHE C 264 -7.70 14.90 16.56
C PHE C 264 -7.60 16.43 16.58
N ASN C 265 -7.38 17.05 15.42
CA ASN C 265 -7.31 18.51 15.39
C ASN C 265 -8.26 19.17 14.39
N THR C 266 -9.00 18.36 13.63
CA THR C 266 -10.00 18.89 12.70
C THR C 266 -11.10 17.87 12.49
N ILE C 267 -12.23 18.35 11.98
CA ILE C 267 -13.38 17.50 11.72
C ILE C 267 -13.02 16.41 10.71
N TRP C 268 -11.99 16.67 9.90
CA TRP C 268 -11.55 15.71 8.88
C TRP C 268 -10.98 14.45 9.48
N ASP C 269 -10.58 14.51 10.75
CA ASP C 269 -10.02 13.35 11.44
C ASP C 269 -11.13 12.41 11.93
N ALA C 270 -12.37 12.88 11.94
CA ALA C 270 -13.46 12.07 12.47
C ALA C 270 -14.72 11.96 11.61
N LYS C 271 -14.75 12.66 10.48
CA LYS C 271 -15.94 12.62 9.64
C LYS C 271 -16.42 11.22 9.30
N ASP C 272 -15.50 10.33 8.93
CA ASP C 272 -15.88 8.96 8.57
C ASP C 272 -16.26 8.10 9.78
N LEU C 273 -15.54 8.29 10.88
CA LEU C 273 -15.83 7.55 12.09
C LEU C 273 -17.25 7.87 12.55
N ILE C 274 -17.65 9.12 12.35
CA ILE C 274 -18.98 9.56 12.75
C ILE C 274 -20.05 9.12 11.76
N GLN C 275 -19.86 9.43 10.48
CA GLN C 275 -20.85 9.07 9.47
C GLN C 275 -21.05 7.57 9.28
N ASN C 276 -20.02 6.77 9.62
CA ASN C 276 -20.14 5.33 9.50
C ASN C 276 -20.62 4.73 10.81
N GLN C 277 -20.88 5.60 11.78
CA GLN C 277 -21.35 5.19 13.11
C GLN C 277 -20.43 4.17 13.75
N LEU C 278 -19.15 4.52 13.82
CA LEU C 278 -18.15 3.65 14.42
C LEU C 278 -17.83 4.05 15.86
N ILE C 279 -18.31 5.22 16.27
CA ILE C 279 -18.06 5.70 17.63
C ILE C 279 -19.31 6.29 18.30
N ASP C 280 -19.30 6.31 19.63
CA ASP C 280 -20.42 6.85 20.38
C ASP C 280 -20.10 8.20 21.00
N TYR C 281 -18.81 8.47 21.22
CA TYR C 281 -18.38 9.72 21.80
C TYR C 281 -17.17 10.28 21.05
N ILE C 282 -17.20 11.58 20.75
CA ILE C 282 -16.09 12.24 20.07
C ILE C 282 -15.37 13.04 21.17
N ARG C 283 -14.07 12.78 21.30
CA ARG C 283 -13.25 13.40 22.35
C ARG C 283 -12.52 14.70 22.01
N ALA C 284 -12.70 15.20 20.80
CA ALA C 284 -12.04 16.43 20.38
C ALA C 284 -12.29 17.55 21.38
N THR C 285 -11.32 18.44 21.55
CA THR C 285 -11.44 19.55 22.49
C THR C 285 -11.34 20.91 21.83
N VAL C 286 -11.65 21.95 22.60
CA VAL C 286 -11.61 23.33 22.10
C VAL C 286 -10.19 23.74 21.71
N VAL C 287 -9.19 23.28 22.46
CA VAL C 287 -7.81 23.64 22.17
C VAL C 287 -7.19 22.75 21.08
N GLY C 288 -7.59 21.48 21.06
CA GLY C 288 -7.03 20.58 20.08
C GLY C 288 -7.64 20.68 18.69
N ALA C 289 -8.92 21.01 18.62
CA ALA C 289 -9.60 21.08 17.33
C ALA C 289 -10.04 22.44 16.80
N GLY C 290 -9.22 23.47 16.98
CA GLY C 290 -9.53 24.78 16.43
C GLY C 290 -10.51 25.74 17.08
N GLY C 291 -10.70 25.63 18.39
CA GLY C 291 -11.62 26.53 19.09
C GLY C 291 -13.09 26.20 19.02
N LEU C 292 -13.90 27.09 19.58
CA LEU C 292 -15.36 26.92 19.59
C LEU C 292 -15.92 26.89 18.18
N THR C 293 -15.40 27.77 17.32
CA THR C 293 -15.86 27.85 15.94
C THR C 293 -15.84 26.50 15.22
N HIS C 294 -14.78 25.74 15.41
CA HIS C 294 -14.68 24.45 14.74
C HIS C 294 -15.26 23.29 15.53
N LEU C 295 -15.07 23.28 16.85
CA LEU C 295 -15.59 22.20 17.66
C LEU C 295 -17.10 22.11 17.52
N ARG C 296 -17.73 23.28 17.34
CA ARG C 296 -19.17 23.37 17.17
C ARG C 296 -19.61 22.58 15.93
N ARG C 297 -18.79 22.64 14.89
CA ARG C 297 -19.10 21.94 13.66
C ARG C 297 -18.93 20.43 13.84
N ILE C 298 -17.94 20.04 14.63
CA ILE C 298 -17.71 18.63 14.90
C ILE C 298 -18.91 18.08 15.70
N ALA C 299 -19.32 18.81 16.73
CA ALA C 299 -20.43 18.39 17.57
C ALA C 299 -21.72 18.24 16.76
N ASP C 300 -22.00 19.23 15.91
CA ASP C 300 -23.22 19.18 15.10
C ASP C 300 -23.24 17.99 14.16
N LEU C 301 -22.10 17.67 13.55
CA LEU C 301 -22.03 16.52 12.65
C LEU C 301 -22.31 15.25 13.46
N ALA C 302 -21.65 15.14 14.60
CA ALA C 302 -21.83 13.99 15.46
C ALA C 302 -23.29 13.84 15.88
N SER C 303 -23.96 14.95 16.13
CA SER C 303 -25.35 14.89 16.57
C SER C 303 -26.29 14.24 15.55
N LEU C 304 -25.96 14.35 14.27
CA LEU C 304 -26.79 13.75 13.23
C LEU C 304 -26.85 12.23 13.38
N TYR C 305 -25.80 11.67 13.96
CA TYR C 305 -25.70 10.22 14.15
C TYR C 305 -25.78 9.85 15.63
N GLN C 306 -26.33 10.76 16.43
CA GLN C 306 -26.49 10.57 17.87
C GLN C 306 -25.20 10.31 18.62
N VAL C 307 -24.09 10.77 18.05
CA VAL C 307 -22.79 10.64 18.69
C VAL C 307 -22.74 11.83 19.66
N ARG C 308 -22.26 11.60 20.88
CA ARG C 308 -22.21 12.66 21.88
C ARG C 308 -20.79 13.15 22.16
N THR C 309 -20.69 14.34 22.77
CA THR C 309 -19.38 14.91 23.09
C THR C 309 -18.83 14.31 24.37
N GLY C 310 -17.52 14.08 24.39
CA GLY C 310 -16.86 13.54 25.56
C GLY C 310 -15.49 14.18 25.61
N CYS C 311 -15.48 15.51 25.60
CA CYS C 311 -14.25 16.29 25.61
C CYS C 311 -13.13 15.85 26.53
N HIS C 312 -11.96 15.69 25.94
CA HIS C 312 -10.73 15.33 26.64
C HIS C 312 -10.52 16.45 27.67
N GLY C 313 -9.92 16.12 28.81
CA GLY C 313 -9.73 17.15 29.82
C GLY C 313 -8.61 16.89 30.80
N ALA C 314 -7.48 16.40 30.31
CA ALA C 314 -6.31 16.13 31.14
C ALA C 314 -5.72 17.47 31.58
N THR C 315 -4.80 17.42 32.54
CA THR C 315 -4.19 18.65 33.05
C THR C 315 -3.40 19.48 32.03
N ASP C 316 -2.94 18.86 30.94
CA ASP C 316 -2.18 19.63 29.94
C ASP C 316 -3.03 20.62 29.14
N LEU C 317 -4.31 20.70 29.50
CA LEU C 317 -5.25 21.65 28.90
C LEU C 317 -5.47 22.65 30.05
N SER C 318 -5.04 23.89 29.86
CA SER C 318 -5.16 24.90 30.90
C SER C 318 -6.59 25.26 31.30
N PRO C 319 -6.74 25.98 32.43
CA PRO C 319 -8.07 26.39 32.90
C PRO C 319 -8.79 27.23 31.85
N VAL C 320 -8.05 27.83 30.92
CA VAL C 320 -8.66 28.63 29.88
C VAL C 320 -9.48 27.70 28.99
N THR C 321 -8.90 26.55 28.67
CA THR C 321 -9.58 25.56 27.83
C THR C 321 -10.77 25.00 28.59
N MET C 322 -10.58 24.71 29.87
CA MET C 322 -11.65 24.16 30.69
C MET C 322 -12.82 25.13 30.73
N GLY C 323 -12.50 26.42 30.87
CA GLY C 323 -13.55 27.43 30.89
C GLY C 323 -14.34 27.39 29.59
N CYS C 324 -13.63 27.46 28.46
CA CYS C 324 -14.29 27.43 27.16
C CYS C 324 -15.04 26.11 26.99
N ALA C 325 -14.40 25.02 27.41
CA ALA C 325 -15.01 23.70 27.30
C ALA C 325 -16.32 23.61 28.09
N LEU C 326 -16.35 24.23 29.27
CA LEU C 326 -17.54 24.20 30.10
C LEU C 326 -18.68 25.04 29.52
N HIS C 327 -18.34 26.17 28.91
CA HIS C 327 -19.37 27.01 28.28
C HIS C 327 -19.94 26.19 27.11
N PHE C 328 -19.05 25.52 26.38
CA PHE C 328 -19.44 24.68 25.25
C PHE C 328 -20.36 23.56 25.74
N ASP C 329 -19.92 22.86 26.78
CA ASP C 329 -20.69 21.75 27.36
C ASP C 329 -22.05 22.17 27.90
N THR C 330 -22.11 23.39 28.44
CA THR C 330 -23.34 23.90 29.02
C THR C 330 -24.40 24.12 27.94
N TRP C 331 -23.94 24.44 26.73
CA TRP C 331 -24.84 24.68 25.61
C TRP C 331 -25.12 23.49 24.67
N VAL C 332 -24.06 22.80 24.25
CA VAL C 332 -24.21 21.71 23.28
C VAL C 332 -25.31 20.71 23.62
N PRO C 333 -26.27 20.55 22.69
CA PRO C 333 -27.37 19.61 22.94
C PRO C 333 -26.93 18.16 23.11
N ASN C 334 -26.04 17.68 22.24
CA ASN C 334 -25.58 16.30 22.33
C ASN C 334 -24.37 16.10 23.25
N PHE C 335 -24.42 16.68 24.44
CA PHE C 335 -23.36 16.55 25.43
C PHE C 335 -23.33 15.11 25.95
N GLY C 336 -22.13 14.58 26.18
CA GLY C 336 -22.04 13.23 26.70
C GLY C 336 -21.43 13.21 28.09
N ILE C 337 -20.21 13.73 28.19
CA ILE C 337 -19.50 13.77 29.47
C ILE C 337 -18.28 14.67 29.30
N GLN C 338 -17.67 15.07 30.40
CA GLN C 338 -16.49 15.94 30.35
C GLN C 338 -15.40 15.38 31.24
N GLU C 339 -14.22 15.14 30.67
CA GLU C 339 -13.11 14.62 31.47
C GLU C 339 -12.63 15.72 32.42
N TYR C 340 -12.31 15.33 33.65
CA TYR C 340 -11.85 16.30 34.62
C TYR C 340 -10.68 15.84 35.48
N MET C 341 -9.54 16.48 35.30
CA MET C 341 -8.34 16.21 36.07
C MET C 341 -8.05 17.54 36.75
N ARG C 342 -7.96 17.56 38.07
CA ARG C 342 -7.71 18.81 38.79
C ARG C 342 -6.33 19.38 38.55
N HIS C 343 -6.27 20.71 38.43
CA HIS C 343 -5.01 21.42 38.23
C HIS C 343 -4.40 21.69 39.60
N THR C 344 -3.12 22.04 39.63
CA THR C 344 -2.45 22.33 40.90
C THR C 344 -2.94 23.68 41.41
N GLU C 345 -2.70 23.96 42.68
CA GLU C 345 -3.13 25.24 43.26
C GLU C 345 -2.45 26.40 42.55
N GLU C 346 -1.16 26.23 42.24
CA GLU C 346 -0.41 27.28 41.55
C GLU C 346 -1.08 27.63 40.23
N THR C 347 -1.46 26.59 39.48
CA THR C 347 -2.12 26.78 38.19
C THR C 347 -3.43 27.55 38.35
N ASP C 348 -4.25 27.14 39.31
CA ASP C 348 -5.52 27.82 39.54
C ASP C 348 -5.32 29.28 39.92
N ALA C 349 -4.21 29.57 40.61
CA ALA C 349 -3.92 30.94 41.03
C ALA C 349 -3.45 31.78 39.84
N VAL C 350 -2.73 31.15 38.93
CA VAL C 350 -2.23 31.84 37.74
C VAL C 350 -3.36 32.08 36.75
N PHE C 351 -4.35 31.20 36.76
CA PHE C 351 -5.50 31.31 35.86
C PHE C 351 -6.82 31.42 36.61
N PRO C 352 -7.11 32.59 37.20
CA PRO C 352 -8.38 32.73 37.92
C PRO C 352 -9.52 32.43 36.96
N HIS C 353 -10.48 31.62 37.41
CA HIS C 353 -11.59 31.21 36.56
C HIS C 353 -12.94 31.23 37.25
N ASP C 354 -14.01 31.16 36.44
CA ASP C 354 -15.35 31.14 36.98
C ASP C 354 -16.07 29.81 36.72
N TYR C 355 -15.57 28.75 37.34
CA TYR C 355 -16.18 27.44 37.26
C TYR C 355 -15.84 26.69 38.54
N TRP C 356 -16.72 25.78 38.96
CA TRP C 356 -16.49 25.03 40.19
C TRP C 356 -17.01 23.60 40.11
N PHE C 357 -16.54 22.77 41.03
CA PHE C 357 -16.93 21.37 41.08
C PHE C 357 -17.84 21.07 42.28
N GLU C 358 -18.85 20.24 42.05
CA GLU C 358 -19.79 19.87 43.09
C GLU C 358 -20.53 18.57 42.77
N LYS C 359 -20.44 17.60 43.67
CA LYS C 359 -21.09 16.30 43.53
C LYS C 359 -20.99 15.66 42.14
N GLY C 360 -19.76 15.45 41.68
CA GLY C 360 -19.54 14.82 40.39
C GLY C 360 -19.90 15.65 39.17
N GLU C 361 -20.04 16.96 39.35
CA GLU C 361 -20.37 17.84 38.23
C GLU C 361 -19.54 19.12 38.26
N LEU C 362 -19.28 19.68 37.09
CA LEU C 362 -18.58 20.94 36.97
C LEU C 362 -19.66 21.95 36.59
N PHE C 363 -19.44 23.21 36.94
CA PHE C 363 -20.41 24.26 36.66
C PHE C 363 -19.66 25.50 36.17
N VAL C 364 -20.21 26.18 35.18
CA VAL C 364 -19.57 27.39 34.68
C VAL C 364 -20.34 28.61 35.19
N GLY C 365 -19.62 29.68 35.52
CA GLY C 365 -20.24 30.88 36.05
C GLY C 365 -20.82 31.86 35.05
N GLU C 366 -21.32 32.97 35.57
CA GLU C 366 -21.95 34.01 34.76
C GLU C 366 -21.02 35.13 34.30
N THR C 367 -19.75 35.06 34.70
CA THR C 367 -18.78 36.08 34.30
C THR C 367 -18.75 36.21 32.78
N PRO C 368 -18.83 37.45 32.25
CA PRO C 368 -18.81 37.67 30.80
C PRO C 368 -17.49 37.17 30.22
N GLY C 369 -17.54 36.65 28.98
CA GLY C 369 -16.37 36.10 28.34
C GLY C 369 -16.41 34.62 28.69
N HIS C 370 -15.30 33.90 28.60
CA HIS C 370 -15.33 32.50 28.98
C HIS C 370 -15.09 32.37 30.50
N GLY C 371 -14.94 33.51 31.16
CA GLY C 371 -14.75 33.53 32.60
C GLY C 371 -13.35 33.27 33.14
N VAL C 372 -12.38 33.08 32.26
CA VAL C 372 -11.02 32.82 32.71
C VAL C 372 -10.10 33.99 32.35
N ASP C 373 -9.09 34.23 33.18
CA ASP C 373 -8.15 35.30 32.92
C ASP C 373 -6.78 34.82 33.35
N ILE C 374 -5.75 35.62 33.11
CA ILE C 374 -4.41 35.21 33.49
C ILE C 374 -3.68 36.30 34.27
N ASP C 375 -3.09 35.90 35.38
CA ASP C 375 -2.32 36.82 36.23
C ASP C 375 -0.90 36.79 35.67
N GLU C 376 -0.61 37.71 34.76
CA GLU C 376 0.71 37.77 34.15
C GLU C 376 1.85 37.93 35.13
N GLU C 377 1.66 38.74 36.16
CA GLU C 377 2.72 38.95 37.14
C GLU C 377 3.05 37.65 37.86
N LEU C 378 2.00 36.91 38.25
CA LEU C 378 2.21 35.65 38.93
C LEU C 378 2.76 34.60 37.97
N ALA C 379 2.25 34.58 36.75
CA ALA C 379 2.70 33.63 35.73
C ALA C 379 4.20 33.76 35.50
N ALA C 380 4.71 34.98 35.47
CA ALA C 380 6.12 35.23 35.24
C ALA C 380 7.04 34.66 36.32
N LYS C 381 6.45 34.16 37.41
CA LYS C 381 7.24 33.59 38.49
C LYS C 381 7.42 32.08 38.37
N TYR C 382 6.87 31.51 37.30
CA TYR C 382 6.97 30.07 37.04
C TYR C 382 7.54 29.87 35.65
N PRO C 383 8.88 29.91 35.52
CA PRO C 383 9.58 29.74 34.25
C PRO C 383 9.37 28.38 33.56
N TYR C 384 9.31 28.42 32.24
CA TYR C 384 9.14 27.23 31.42
C TYR C 384 10.13 26.15 31.81
N LYS C 385 9.67 24.90 31.83
CA LYS C 385 10.54 23.78 32.14
C LYS C 385 10.21 22.61 31.21
N PRO C 386 11.15 22.23 30.35
CA PRO C 386 10.99 21.13 29.39
C PRO C 386 10.46 19.84 30.00
N ALA C 387 9.38 19.32 29.44
CA ALA C 387 8.78 18.08 29.91
C ALA C 387 8.19 17.34 28.71
N TYR C 388 8.46 16.04 28.65
CA TYR C 388 8.00 15.19 27.54
C TYR C 388 7.01 14.12 27.96
N LEU C 389 6.19 13.69 27.00
CA LEU C 389 5.25 12.61 27.25
C LEU C 389 6.10 11.36 27.07
N PRO C 390 5.76 10.27 27.76
CA PRO C 390 6.58 9.07 27.59
C PRO C 390 6.30 8.37 26.27
N VAL C 391 7.14 7.40 25.92
CA VAL C 391 6.95 6.64 24.71
C VAL C 391 6.81 5.20 25.16
N ALA C 392 6.31 4.35 24.28
CA ALA C 392 6.12 2.95 24.63
C ALA C 392 6.80 2.04 23.61
N ARG C 393 7.34 0.93 24.10
CA ARG C 393 8.00 -0.05 23.26
C ARG C 393 7.51 -1.43 23.69
N LEU C 394 7.48 -2.36 22.75
CA LEU C 394 7.06 -3.73 23.06
C LEU C 394 8.24 -4.45 23.70
N GLU C 395 7.98 -5.68 24.16
CA GLU C 395 9.01 -6.51 24.80
C GLU C 395 10.29 -6.65 23.98
N ASP C 396 10.15 -6.76 22.66
CA ASP C 396 11.32 -6.93 21.80
C ASP C 396 11.99 -5.61 21.40
N GLY C 397 11.46 -4.50 21.90
CA GLY C 397 12.04 -3.20 21.60
C GLY C 397 11.31 -2.41 20.53
N THR C 398 10.32 -3.02 19.89
CA THR C 398 9.55 -2.36 18.83
C THR C 398 8.89 -1.07 19.31
N MET C 399 9.09 0.03 18.58
CA MET C 399 8.45 1.30 18.93
C MET C 399 6.95 1.08 18.84
N TRP C 400 6.23 1.45 19.90
CA TRP C 400 4.79 1.25 19.90
C TRP C 400 4.06 2.57 20.17
N ASN C 401 2.77 2.47 20.48
CA ASN C 401 1.97 3.65 20.75
C ASN C 401 1.75 3.78 22.26
N TRP C 402 2.19 4.90 22.83
CA TRP C 402 2.00 5.12 24.25
C TRP C 402 0.57 5.57 24.50
N MET D 1 27.75 3.45 17.24
CA MET D 1 27.92 4.92 17.08
C MET D 1 26.70 5.66 17.62
N LYS D 2 26.87 6.96 17.85
CA LYS D 2 25.78 7.75 18.39
C LYS D 2 25.73 9.17 17.85
N ILE D 3 24.54 9.75 17.91
CA ILE D 3 24.31 11.12 17.48
C ILE D 3 24.90 12.00 18.58
N THR D 4 25.77 12.93 18.19
CA THR D 4 26.40 13.82 19.16
C THR D 4 25.77 15.20 19.14
N ALA D 5 25.10 15.52 18.03
CA ALA D 5 24.44 16.81 17.89
C ALA D 5 23.44 16.83 16.72
N ALA D 6 22.38 17.61 16.88
CA ALA D 6 21.35 17.77 15.86
C ALA D 6 21.09 19.26 15.86
N ARG D 7 21.80 19.98 14.99
CA ARG D 7 21.70 21.42 14.91
C ARG D 7 20.82 21.94 13.79
N VAL D 8 20.08 23.01 14.09
CA VAL D 8 19.20 23.63 13.10
C VAL D 8 19.86 24.90 12.57
N ILE D 9 19.98 24.98 11.25
CA ILE D 9 20.61 26.14 10.61
C ILE D 9 19.57 26.89 9.77
N ILE D 10 19.51 28.20 9.98
CA ILE D 10 18.56 29.04 9.24
C ILE D 10 19.34 29.99 8.35
N THR D 11 18.86 30.19 7.12
CA THR D 11 19.51 31.08 6.17
C THR D 11 18.50 31.57 5.13
N CYS D 12 18.77 32.74 4.56
CA CYS D 12 17.85 33.31 3.56
C CYS D 12 18.58 33.83 2.31
N PRO D 13 19.17 32.92 1.52
CA PRO D 13 19.89 33.33 0.31
C PRO D 13 18.93 33.51 -0.86
N GLY D 14 17.98 34.42 -0.71
CA GLY D 14 16.98 34.67 -1.74
C GLY D 14 15.60 34.41 -1.18
N ARG D 15 15.53 33.47 -0.23
CA ARG D 15 14.29 33.11 0.45
C ARG D 15 14.71 32.23 1.63
N ASN D 16 13.84 32.08 2.62
CA ASN D 16 14.15 31.29 3.81
C ASN D 16 14.26 29.78 3.62
N PHE D 17 15.29 29.19 4.25
CA PHE D 17 15.50 27.75 4.22
C PHE D 17 15.93 27.32 5.63
N VAL D 18 15.39 26.21 6.09
CA VAL D 18 15.74 25.69 7.41
C VAL D 18 16.35 24.31 7.16
N THR D 19 17.52 24.08 7.73
CA THR D 19 18.22 22.82 7.55
C THR D 19 18.61 22.17 8.87
N LEU D 20 18.53 20.84 8.93
CA LEU D 20 18.90 20.10 10.13
C LEU D 20 20.19 19.35 9.85
N LYS D 21 21.17 19.50 10.74
CA LYS D 21 22.43 18.80 10.55
C LYS D 21 22.66 17.84 11.71
N ILE D 22 22.71 16.55 11.39
CA ILE D 22 22.93 15.54 12.42
C ILE D 22 24.39 15.09 12.40
N GLU D 23 25.08 15.33 13.52
CA GLU D 23 26.48 14.97 13.65
C GLU D 23 26.61 13.71 14.49
N THR D 24 27.65 12.93 14.23
CA THR D 24 27.88 11.68 14.95
C THR D 24 29.26 11.64 15.58
N ASP D 25 29.50 10.60 16.39
CA ASP D 25 30.80 10.42 17.04
C ASP D 25 31.67 9.56 16.14
N GLN D 26 31.22 9.39 14.90
CA GLN D 26 31.94 8.59 13.92
C GLN D 26 32.44 9.52 12.81
N GLY D 27 32.44 10.81 13.10
CA GLY D 27 32.88 11.81 12.14
C GLY D 27 31.84 12.21 11.12
N VAL D 28 31.21 11.23 10.49
CA VAL D 28 30.19 11.47 9.46
C VAL D 28 28.99 12.26 9.97
N TYR D 29 28.39 13.06 9.08
CA TYR D 29 27.21 13.83 9.40
C TYR D 29 26.24 13.80 8.23
N GLY D 30 25.00 14.21 8.49
CA GLY D 30 24.00 14.24 7.44
C GLY D 30 23.12 15.47 7.60
N ILE D 31 22.50 15.93 6.51
CA ILE D 31 21.64 17.10 6.61
C ILE D 31 20.27 16.84 5.99
N GLY D 32 19.26 17.53 6.50
CA GLY D 32 17.91 17.36 5.98
C GLY D 32 17.18 18.67 5.91
N ASP D 33 16.26 18.78 4.97
CA ASP D 33 15.48 20.01 4.79
C ASP D 33 14.28 20.01 5.75
N ALA D 34 13.97 21.18 6.30
CA ALA D 34 12.86 21.31 7.24
C ALA D 34 12.05 22.56 6.93
N THR D 35 12.25 23.11 5.75
CA THR D 35 11.57 24.33 5.35
C THR D 35 10.05 24.22 5.15
N LEU D 36 9.31 25.05 5.87
CA LEU D 36 7.85 25.12 5.79
C LEU D 36 7.52 26.56 5.42
N ASN D 37 7.35 26.81 4.13
CA ASN D 37 7.10 28.15 3.62
C ASN D 37 6.04 28.96 4.37
N GLY D 38 6.46 30.12 4.88
CA GLY D 38 5.55 31.00 5.59
C GLY D 38 5.35 30.70 7.07
N ARG D 39 5.88 29.57 7.53
CA ARG D 39 5.75 29.16 8.93
C ARG D 39 7.06 28.50 9.39
N GLU D 40 8.16 28.90 8.75
CA GLU D 40 9.48 28.33 9.04
C GLU D 40 9.93 28.20 10.49
N LEU D 41 9.74 29.23 11.29
CA LEU D 41 10.19 29.18 12.67
C LEU D 41 9.47 28.19 13.58
N SER D 42 8.26 27.77 13.20
CA SER D 42 7.54 26.80 14.02
C SER D 42 8.28 25.47 13.99
N VAL D 43 8.80 25.13 12.80
CA VAL D 43 9.56 23.88 12.64
C VAL D 43 10.90 24.00 13.37
N VAL D 44 11.52 25.17 13.32
CA VAL D 44 12.79 25.40 14.00
C VAL D 44 12.66 25.09 15.48
N ALA D 45 11.58 25.59 16.09
CA ALA D 45 11.35 25.35 17.51
C ALA D 45 11.00 23.89 17.78
N TYR D 46 10.20 23.30 16.90
CA TYR D 46 9.80 21.89 17.05
C TYR D 46 11.05 21.01 17.16
N LEU D 47 12.01 21.25 16.26
CA LEU D 47 13.25 20.47 16.24
C LEU D 47 14.24 20.86 17.34
N GLN D 48 14.58 22.13 17.39
CA GLN D 48 15.56 22.65 18.34
C GLN D 48 15.17 22.48 19.81
N GLU D 49 13.92 22.77 20.14
CA GLU D 49 13.48 22.67 21.53
C GLU D 49 12.95 21.32 21.97
N HIS D 50 12.42 20.53 21.03
CA HIS D 50 11.83 19.25 21.40
C HIS D 50 12.46 17.98 20.83
N VAL D 51 12.53 17.87 19.51
CA VAL D 51 13.09 16.68 18.89
C VAL D 51 14.60 16.49 19.09
N ALA D 52 15.38 17.49 18.70
CA ALA D 52 16.83 17.42 18.79
C ALA D 52 17.36 16.83 20.10
N PRO D 53 16.90 17.33 21.25
CA PRO D 53 17.38 16.80 22.54
C PRO D 53 17.15 15.29 22.73
N CYS D 54 16.11 14.76 22.11
CA CYS D 54 15.80 13.34 22.22
C CYS D 54 16.70 12.48 21.34
N LEU D 55 17.23 13.08 20.27
CA LEU D 55 18.10 12.36 19.34
C LEU D 55 19.51 12.10 19.85
N ILE D 56 19.96 12.96 20.76
CA ILE D 56 21.30 12.83 21.33
C ILE D 56 21.50 11.48 22.00
N GLY D 57 22.52 10.76 21.56
CA GLY D 57 22.80 9.47 22.16
C GLY D 57 22.19 8.29 21.40
N MET D 58 21.29 8.58 20.46
CA MET D 58 20.66 7.51 19.69
C MET D 58 21.58 7.00 18.59
N ASP D 59 21.32 5.77 18.14
CA ASP D 59 22.09 5.13 17.08
C ASP D 59 21.48 5.63 15.75
N PRO D 60 22.22 6.49 15.03
CA PRO D 60 21.75 7.04 13.76
C PRO D 60 21.53 6.02 12.64
N ARG D 61 21.99 4.79 12.86
CA ARG D 61 21.82 3.73 11.86
C ARG D 61 20.39 3.19 11.89
N ARG D 62 19.69 3.45 12.99
CA ARG D 62 18.32 2.97 13.16
C ARG D 62 17.31 3.98 12.61
N ILE D 63 17.33 4.15 11.30
CA ILE D 63 16.43 5.11 10.65
C ILE D 63 14.96 4.83 10.91
N GLU D 64 14.52 3.59 10.67
CA GLU D 64 13.13 3.22 10.89
C GLU D 64 12.72 3.46 12.34
N ASP D 65 13.53 2.99 13.28
CA ASP D 65 13.22 3.15 14.70
C ASP D 65 13.04 4.61 15.09
N ILE D 66 13.98 5.44 14.67
CA ILE D 66 13.93 6.86 14.97
C ILE D 66 12.70 7.51 14.32
N TRP D 67 12.38 7.09 13.09
CA TRP D 67 11.22 7.64 12.40
C TRP D 67 9.96 7.35 13.25
N GLN D 68 9.82 6.09 13.67
CA GLN D 68 8.67 5.67 14.47
C GLN D 68 8.68 6.37 15.83
N TYR D 69 9.87 6.58 16.38
CA TYR D 69 10.02 7.24 17.67
C TYR D 69 9.49 8.67 17.62
N VAL D 70 9.87 9.40 16.58
CA VAL D 70 9.43 10.78 16.44
C VAL D 70 7.97 10.89 15.97
N TYR D 71 7.56 9.97 15.10
CA TYR D 71 6.19 10.00 14.60
C TYR D 71 5.20 9.62 15.71
N ARG D 72 5.39 8.43 16.28
CA ARG D 72 4.52 7.93 17.33
C ARG D 72 4.73 8.66 18.66
N GLY D 73 5.99 8.90 19.01
CA GLY D 73 6.33 9.55 20.26
C GLY D 73 5.79 10.95 20.48
N ALA D 74 5.48 11.67 19.41
CA ALA D 74 4.95 13.03 19.54
C ALA D 74 3.57 13.01 20.18
N TYR D 75 2.93 11.85 20.11
CA TYR D 75 1.58 11.64 20.63
C TYR D 75 0.55 12.33 19.75
N TRP D 76 0.75 13.62 19.48
CA TRP D 76 -0.15 14.37 18.59
C TRP D 76 0.47 14.11 17.22
N ARG D 77 -0.20 13.28 16.42
CA ARG D 77 0.33 12.89 15.11
C ARG D 77 -0.06 13.68 13.87
N ARG D 78 0.75 13.53 12.82
CA ARG D 78 0.54 14.18 11.53
C ARG D 78 0.70 15.69 11.64
N GLY D 79 0.46 16.40 10.54
CA GLY D 79 0.58 17.85 10.55
C GLY D 79 1.76 18.40 9.77
N PRO D 80 1.61 19.60 9.19
CA PRO D 80 2.67 20.26 8.40
C PRO D 80 3.97 20.44 9.19
N VAL D 81 3.85 20.98 10.40
CA VAL D 81 5.03 21.22 11.23
C VAL D 81 5.67 19.91 11.67
N THR D 82 4.88 19.05 12.28
CA THR D 82 5.33 17.75 12.77
C THR D 82 6.08 16.94 11.71
N MET D 83 5.45 16.76 10.55
CA MET D 83 6.06 15.97 9.49
C MET D 83 7.28 16.61 8.83
N ARG D 84 7.35 17.94 8.83
CA ARG D 84 8.50 18.63 8.26
C ARG D 84 9.70 18.28 9.14
N ALA D 85 9.48 18.27 10.45
CA ALA D 85 10.54 17.95 11.40
C ALA D 85 11.01 16.51 11.22
N ILE D 86 10.06 15.59 11.11
CA ILE D 86 10.37 14.18 10.92
C ILE D 86 11.14 13.98 9.62
N ALA D 87 10.72 14.70 8.58
CA ALA D 87 11.36 14.60 7.28
C ALA D 87 12.83 15.04 7.34
N ALA D 88 13.10 16.11 8.08
CA ALA D 88 14.46 16.64 8.20
C ALA D 88 15.36 15.60 8.86
N VAL D 89 14.83 14.95 9.90
CA VAL D 89 15.58 13.91 10.61
C VAL D 89 15.82 12.72 9.68
N ASP D 90 14.77 12.28 8.99
CA ASP D 90 14.86 11.14 8.09
C ASP D 90 15.84 11.36 6.95
N MET D 91 15.79 12.53 6.33
CA MET D 91 16.71 12.85 5.23
C MET D 91 18.16 12.83 5.72
N ALA D 92 18.40 13.42 6.89
CA ALA D 92 19.75 13.48 7.44
C ALA D 92 20.26 12.08 7.76
N LEU D 93 19.40 11.21 8.25
CA LEU D 93 19.81 9.85 8.57
C LEU D 93 20.10 9.02 7.32
N TRP D 94 19.28 9.18 6.28
CA TRP D 94 19.53 8.45 5.04
C TRP D 94 20.83 8.96 4.41
N ASP D 95 21.08 10.25 4.59
CA ASP D 95 22.30 10.88 4.06
C ASP D 95 23.47 10.17 4.75
N ILE D 96 23.41 10.07 6.07
CA ILE D 96 24.46 9.40 6.84
C ILE D 96 24.62 7.94 6.43
N LYS D 97 23.52 7.22 6.27
CA LYS D 97 23.61 5.82 5.90
C LYS D 97 24.25 5.61 4.53
N ALA D 98 23.87 6.45 3.57
CA ALA D 98 24.43 6.34 2.22
C ALA D 98 25.93 6.66 2.25
N LYS D 99 26.31 7.66 3.04
CA LYS D 99 27.72 8.03 3.15
C LYS D 99 28.52 6.86 3.75
N MET D 100 27.95 6.21 4.76
CA MET D 100 28.63 5.08 5.41
C MET D 100 28.71 3.86 4.49
N ALA D 101 27.76 3.75 3.57
CA ALA D 101 27.76 2.63 2.64
C ALA D 101 28.63 2.97 1.44
N GLY D 102 29.05 4.22 1.35
CA GLY D 102 29.88 4.65 0.24
C GLY D 102 29.11 4.64 -1.07
N MET D 103 27.82 4.95 -0.99
CA MET D 103 26.97 4.93 -2.19
C MET D 103 26.01 6.11 -2.29
N PRO D 104 25.62 6.47 -3.51
CA PRO D 104 24.67 7.58 -3.63
C PRO D 104 23.35 7.00 -3.10
N LEU D 105 22.55 7.81 -2.45
CA LEU D 105 21.29 7.35 -1.87
C LEU D 105 20.41 6.43 -2.73
N TYR D 106 20.18 6.77 -4.00
CA TYR D 106 19.32 5.93 -4.82
C TYR D 106 19.73 4.46 -4.84
N GLN D 107 21.02 4.18 -4.67
CA GLN D 107 21.48 2.78 -4.66
C GLN D 107 20.92 2.01 -3.47
N LEU D 108 20.80 2.67 -2.32
CA LEU D 108 20.27 2.02 -1.13
C LEU D 108 18.78 1.75 -1.23
N LEU D 109 18.08 2.63 -1.95
CA LEU D 109 16.63 2.50 -2.13
C LEU D 109 16.29 1.33 -3.04
N GLY D 110 17.26 0.86 -3.83
CA GLY D 110 17.01 -0.24 -4.72
C GLY D 110 17.65 -0.09 -6.09
N GLY D 111 18.44 0.95 -6.29
CA GLY D 111 19.09 1.12 -7.57
C GLY D 111 18.36 1.98 -8.58
N ARG D 112 19.04 2.24 -9.69
CA ARG D 112 18.52 3.07 -10.78
C ARG D 112 17.46 2.38 -11.63
N SER D 113 16.33 3.08 -11.84
CA SER D 113 15.24 2.56 -12.66
C SER D 113 15.20 3.35 -13.98
N ARG D 114 15.88 4.49 -14.01
CA ARG D 114 15.90 5.33 -15.20
C ARG D 114 17.14 6.21 -15.23
N ASP D 115 17.38 6.83 -16.37
CA ASP D 115 18.53 7.70 -16.53
C ASP D 115 18.16 9.11 -16.09
N GLY D 116 17.49 9.85 -16.96
CA GLY D 116 17.09 11.21 -16.64
C GLY D 116 15.74 11.30 -15.95
N ILE D 117 15.51 12.43 -15.29
CA ILE D 117 14.27 12.69 -14.57
C ILE D 117 13.52 13.79 -15.31
N MET D 118 12.43 13.43 -15.99
CA MET D 118 11.66 14.44 -16.73
C MET D 118 11.07 15.46 -15.76
N VAL D 119 11.20 16.74 -16.11
CA VAL D 119 10.66 17.80 -15.27
C VAL D 119 9.73 18.67 -16.09
N TYR D 120 9.11 19.65 -15.43
CA TYR D 120 8.26 20.59 -16.15
C TYR D 120 8.64 21.97 -15.62
N GLY D 121 8.59 22.96 -16.50
CA GLY D 121 8.92 24.32 -16.11
C GLY D 121 7.66 25.15 -15.93
N HIS D 122 7.84 26.38 -15.47
CA HIS D 122 6.69 27.25 -15.23
C HIS D 122 6.54 28.43 -16.18
N ALA D 123 5.58 28.33 -17.09
CA ALA D 123 5.31 29.41 -18.04
C ALA D 123 4.13 30.21 -17.51
N ASN D 124 4.40 31.46 -17.13
CA ASN D 124 3.38 32.35 -16.58
C ASN D 124 3.23 33.59 -17.46
N GLY D 125 2.03 34.16 -17.44
CA GLY D 125 1.77 35.35 -18.23
C GLY D 125 0.57 36.10 -17.66
N SER D 126 0.50 37.40 -17.87
CA SER D 126 -0.61 38.20 -17.38
C SER D 126 -1.88 37.89 -18.16
N ASP D 127 -1.71 37.36 -19.37
CA ASP D 127 -2.83 36.98 -20.21
C ASP D 127 -2.40 35.86 -21.14
N ILE D 128 -3.34 35.33 -21.90
CA ILE D 128 -3.06 34.23 -22.82
C ILE D 128 -1.87 34.49 -23.75
N ALA D 129 -1.90 35.61 -24.46
CA ALA D 129 -0.82 35.95 -25.39
C ALA D 129 0.55 35.84 -24.74
N GLU D 130 0.69 36.43 -23.55
CA GLU D 130 1.96 36.42 -22.82
C GLU D 130 2.33 35.00 -22.36
N THR D 131 1.33 34.24 -21.92
CA THR D 131 1.57 32.88 -21.47
C THR D 131 2.01 32.01 -22.64
N VAL D 132 1.38 32.21 -23.81
CA VAL D 132 1.73 31.44 -25.00
C VAL D 132 3.18 31.67 -25.35
N GLU D 133 3.63 32.91 -25.23
CA GLU D 133 5.02 33.25 -25.51
C GLU D 133 5.93 32.54 -24.51
N ALA D 134 5.52 32.55 -23.25
CA ALA D 134 6.30 31.92 -22.18
C ALA D 134 6.48 30.43 -22.43
N VAL D 135 5.42 29.75 -22.84
CA VAL D 135 5.52 28.32 -23.10
C VAL D 135 6.52 28.09 -24.23
N GLY D 136 6.46 28.91 -25.27
CA GLY D 136 7.39 28.78 -26.38
C GLY D 136 8.84 28.89 -25.94
N HIS D 137 9.09 29.74 -24.96
CA HIS D 137 10.44 29.93 -24.42
C HIS D 137 10.95 28.66 -23.75
N TYR D 138 10.07 27.97 -23.03
CA TYR D 138 10.46 26.73 -22.36
C TYR D 138 10.68 25.64 -23.39
N ILE D 139 9.84 25.63 -24.42
CA ILE D 139 9.98 24.65 -25.48
C ILE D 139 11.35 24.85 -26.13
N ASP D 140 11.72 26.11 -26.31
CA ASP D 140 13.01 26.44 -26.93
C ASP D 140 14.19 26.03 -26.04
N MET D 141 13.94 25.93 -24.73
CA MET D 141 15.00 25.54 -23.80
C MET D 141 15.13 24.02 -23.70
N GLY D 142 14.28 23.30 -24.41
CA GLY D 142 14.34 21.85 -24.38
C GLY D 142 13.42 21.16 -23.39
N TYR D 143 12.47 21.89 -22.82
CA TYR D 143 11.54 21.28 -21.88
C TYR D 143 10.54 20.40 -22.61
N LYS D 144 10.28 19.23 -22.04
CA LYS D 144 9.34 18.28 -22.62
C LYS D 144 7.95 18.50 -22.05
N ALA D 145 7.88 19.15 -20.88
CA ALA D 145 6.62 19.41 -20.21
C ALA D 145 6.60 20.83 -19.66
N ILE D 146 5.47 21.51 -19.79
CA ILE D 146 5.37 22.87 -19.31
C ILE D 146 4.06 23.16 -18.61
N ARG D 147 4.14 23.74 -17.42
CA ARG D 147 2.92 24.11 -16.71
C ARG D 147 2.60 25.52 -17.18
N ALA D 148 1.36 25.74 -17.59
CA ALA D 148 0.95 27.05 -18.09
C ALA D 148 -0.11 27.69 -17.19
N GLN D 149 0.21 28.87 -16.68
CA GLN D 149 -0.69 29.63 -15.81
C GLN D 149 -0.83 31.04 -16.39
N THR D 150 -2.06 31.53 -16.46
CA THR D 150 -2.31 32.85 -17.00
C THR D 150 -3.14 33.68 -16.04
N GLY D 151 -2.94 34.99 -16.08
CA GLY D 151 -3.72 35.86 -15.24
C GLY D 151 -5.06 35.92 -15.94
N VAL D 152 -6.13 36.23 -15.20
CA VAL D 152 -7.45 36.31 -15.78
C VAL D 152 -7.95 37.74 -15.77
N PRO D 153 -8.18 38.33 -16.96
CA PRO D 153 -8.66 39.71 -17.05
C PRO D 153 -9.96 39.88 -16.28
N GLY D 154 -10.05 40.91 -15.44
CA GLY D 154 -11.25 41.14 -14.67
C GLY D 154 -11.10 40.74 -13.22
N ILE D 155 -10.07 39.93 -12.94
CA ILE D 155 -9.79 39.50 -11.57
C ILE D 155 -8.64 40.29 -11.00
N ALA D 173 4.59 39.76 1.00
CA ALA D 173 5.97 39.54 1.44
C ALA D 173 6.07 39.64 2.95
N SER D 174 6.33 40.85 3.45
CA SER D 174 6.45 41.08 4.90
C SER D 174 5.17 40.66 5.61
N LEU D 175 4.06 40.74 4.89
CA LEU D 175 2.76 40.35 5.41
C LEU D 175 2.06 39.68 4.24
N PRO D 176 1.07 38.81 4.52
CA PRO D 176 0.37 38.14 3.43
C PRO D 176 -0.28 39.09 2.44
N SER D 177 0.07 38.93 1.16
CA SER D 177 -0.52 39.75 0.12
C SER D 177 -1.92 39.18 -0.11
N VAL D 178 -2.86 40.02 -0.51
CA VAL D 178 -4.24 39.58 -0.74
C VAL D 178 -4.59 39.57 -2.23
N THR D 179 -4.82 38.38 -2.77
CA THR D 179 -5.16 38.23 -4.18
C THR D 179 -6.66 38.01 -4.37
N GLY D 180 -7.19 38.46 -5.50
CA GLY D 180 -8.60 38.31 -5.76
C GLY D 180 -8.90 37.09 -6.62
N TRP D 181 -10.15 36.65 -6.60
CA TRP D 181 -10.54 35.49 -7.38
C TRP D 181 -12.03 35.46 -7.72
N ASP D 182 -12.33 34.94 -8.90
CA ASP D 182 -13.71 34.78 -9.35
C ASP D 182 -13.72 33.55 -10.26
N THR D 183 -14.47 32.54 -9.86
CA THR D 183 -14.52 31.30 -10.63
C THR D 183 -15.14 31.43 -12.01
N ARG D 184 -16.25 32.14 -12.12
CA ARG D 184 -16.90 32.30 -13.41
C ARG D 184 -15.96 32.94 -14.44
N LYS D 185 -15.25 33.99 -14.04
CA LYS D 185 -14.31 34.63 -14.96
C LYS D 185 -13.24 33.64 -15.41
N ALA D 186 -12.74 32.85 -14.46
CA ALA D 186 -11.70 31.86 -14.76
C ALA D 186 -12.21 30.76 -15.70
N LEU D 187 -13.40 30.22 -15.41
CA LEU D 187 -13.96 29.17 -16.24
C LEU D 187 -14.14 29.62 -17.69
N ASN D 188 -14.43 30.91 -17.88
CA ASN D 188 -14.62 31.45 -19.21
C ASN D 188 -13.30 31.74 -19.92
N TYR D 189 -12.20 31.79 -19.17
CA TYR D 189 -10.89 32.13 -19.75
C TYR D 189 -9.84 31.02 -19.86
N VAL D 190 -9.61 30.31 -18.77
CA VAL D 190 -8.60 29.25 -18.74
C VAL D 190 -8.63 28.27 -19.90
N PRO D 191 -9.82 27.80 -20.29
CA PRO D 191 -9.89 26.86 -21.41
C PRO D 191 -9.34 27.45 -22.72
N LYS D 192 -9.56 28.74 -22.92
CA LYS D 192 -9.06 29.40 -24.14
C LYS D 192 -7.54 29.39 -24.19
N LEU D 193 -6.91 29.39 -23.02
CA LEU D 193 -5.45 29.36 -22.94
C LEU D 193 -4.91 28.10 -23.59
N PHE D 194 -5.43 26.96 -23.18
CA PHE D 194 -4.96 25.69 -23.70
C PHE D 194 -5.39 25.46 -25.14
N GLU D 195 -6.51 26.05 -25.52
CA GLU D 195 -6.96 25.93 -26.89
C GLU D 195 -5.92 26.65 -27.76
N GLU D 196 -5.48 27.82 -27.31
CA GLU D 196 -4.47 28.58 -28.04
C GLU D 196 -3.12 27.90 -28.06
N LEU D 197 -2.75 27.28 -26.94
CA LEU D 197 -1.47 26.58 -26.85
C LEU D 197 -1.40 25.41 -27.82
N ARG D 198 -2.48 24.64 -27.94
CA ARG D 198 -2.45 23.50 -28.85
C ARG D 198 -2.47 23.93 -30.32
N LYS D 199 -3.14 25.02 -30.64
CA LYS D 199 -3.16 25.45 -32.04
C LYS D 199 -1.81 26.05 -32.41
N THR D 200 -1.14 26.62 -31.42
CA THR D 200 0.17 27.25 -31.66
C THR D 200 1.31 26.25 -31.69
N TYR D 201 1.35 25.35 -30.71
CA TYR D 201 2.44 24.38 -30.59
C TYR D 201 2.12 22.91 -30.87
N GLY D 202 0.86 22.59 -31.13
CA GLY D 202 0.52 21.20 -31.39
C GLY D 202 0.43 20.35 -30.13
N PHE D 203 0.39 19.03 -30.31
CA PHE D 203 0.26 18.10 -29.19
C PHE D 203 1.51 17.31 -28.80
N ASP D 204 2.68 17.74 -29.24
CA ASP D 204 3.91 17.02 -28.91
C ASP D 204 4.40 17.21 -27.48
N HIS D 205 4.14 18.38 -26.91
CA HIS D 205 4.58 18.67 -25.54
C HIS D 205 3.53 18.43 -24.46
N HIS D 206 3.99 18.03 -23.27
CA HIS D 206 3.10 17.79 -22.15
C HIS D 206 2.73 19.16 -21.58
N LEU D 207 1.44 19.41 -21.40
CA LEU D 207 0.99 20.67 -20.84
C LEU D 207 0.28 20.42 -19.52
N LEU D 208 0.65 21.20 -18.50
CA LEU D 208 0.07 21.05 -17.17
C LEU D 208 -0.62 22.33 -16.71
N HIS D 209 -1.60 22.17 -15.83
CA HIS D 209 -2.28 23.32 -15.26
C HIS D 209 -2.55 23.10 -13.78
N ASP D 210 -2.30 24.14 -12.99
CA ASP D 210 -2.50 24.09 -11.56
C ASP D 210 -3.77 24.84 -11.20
N GLY D 211 -4.80 24.12 -10.76
CA GLY D 211 -6.05 24.75 -10.38
C GLY D 211 -5.91 25.53 -9.08
N HIS D 212 -4.86 25.20 -8.34
CA HIS D 212 -4.56 25.86 -7.07
C HIS D 212 -5.68 26.01 -6.04
N HIS D 213 -6.43 24.93 -5.83
CA HIS D 213 -7.52 24.88 -4.83
C HIS D 213 -8.68 25.86 -5.00
N ARG D 214 -8.82 26.47 -6.17
CA ARG D 214 -9.86 27.48 -6.37
C ARG D 214 -11.28 27.00 -6.68
N TYR D 215 -11.40 25.77 -7.18
CA TYR D 215 -12.70 25.27 -7.60
C TYR D 215 -13.42 24.27 -6.68
N THR D 216 -14.75 24.22 -6.80
CA THR D 216 -15.53 23.25 -6.05
C THR D 216 -15.45 22.00 -6.93
N PRO D 217 -15.88 20.84 -6.43
CA PRO D 217 -15.81 19.63 -7.26
C PRO D 217 -16.57 19.73 -8.59
N GLN D 218 -17.74 20.36 -8.58
CA GLN D 218 -18.53 20.49 -9.79
C GLN D 218 -17.85 21.40 -10.81
N GLU D 219 -17.31 22.52 -10.35
CA GLU D 219 -16.63 23.46 -11.23
C GLU D 219 -15.36 22.84 -11.77
N ALA D 220 -14.73 21.98 -10.98
CA ALA D 220 -13.51 21.30 -11.39
C ALA D 220 -13.87 20.32 -12.49
N ALA D 221 -14.99 19.63 -12.32
CA ALA D 221 -15.46 18.67 -13.32
C ALA D 221 -15.77 19.43 -14.60
N ASN D 222 -16.39 20.59 -14.45
CA ASN D 222 -16.74 21.46 -15.58
C ASN D 222 -15.46 21.87 -16.29
N LEU D 223 -14.50 22.41 -15.54
CA LEU D 223 -13.23 22.83 -16.12
C LEU D 223 -12.51 21.67 -16.81
N GLY D 224 -12.39 20.54 -16.10
CA GLY D 224 -11.71 19.38 -16.66
C GLY D 224 -12.30 18.94 -18.00
N LYS D 225 -13.62 18.94 -18.08
CA LYS D 225 -14.32 18.55 -19.28
C LYS D 225 -13.96 19.50 -20.43
N MET D 226 -13.93 20.80 -20.12
CA MET D 226 -13.61 21.80 -21.13
C MET D 226 -12.14 21.74 -21.58
N LEU D 227 -11.28 21.11 -20.77
CA LEU D 227 -9.86 21.00 -21.09
C LEU D 227 -9.52 19.69 -21.81
N GLU D 228 -10.48 18.76 -21.85
CA GLU D 228 -10.28 17.46 -22.48
C GLU D 228 -9.76 17.48 -23.92
N PRO D 229 -10.30 18.37 -24.77
CA PRO D 229 -9.83 18.42 -26.15
C PRO D 229 -8.35 18.76 -26.26
N TYR D 230 -7.80 19.37 -25.20
CA TYR D 230 -6.41 19.78 -25.24
C TYR D 230 -5.40 18.80 -24.65
N GLN D 231 -5.89 17.64 -24.23
CA GLN D 231 -5.02 16.58 -23.73
C GLN D 231 -3.96 17.00 -22.71
N LEU D 232 -4.37 17.48 -21.53
CA LEU D 232 -3.39 17.90 -20.54
C LEU D 232 -2.69 16.75 -19.84
N PHE D 233 -1.47 17.01 -19.37
CA PHE D 233 -0.68 16.02 -18.64
C PHE D 233 -1.42 15.83 -17.32
N TRP D 234 -1.88 16.93 -16.75
CA TRP D 234 -2.66 16.91 -15.53
C TRP D 234 -3.28 18.25 -15.16
N LEU D 235 -4.34 18.17 -14.36
CA LEU D 235 -5.03 19.33 -13.81
C LEU D 235 -4.75 19.08 -12.34
N GLU D 236 -3.99 19.99 -11.74
CA GLU D 236 -3.54 19.88 -10.34
C GLU D 236 -4.34 20.62 -9.27
N ASP D 237 -4.45 19.99 -8.09
CA ASP D 237 -5.16 20.57 -6.96
C ASP D 237 -6.41 21.32 -7.40
N CYS D 238 -7.25 20.69 -8.22
CA CYS D 238 -8.44 21.36 -8.72
C CYS D 238 -9.38 21.83 -7.62
N THR D 239 -9.51 21.05 -6.54
CA THR D 239 -10.38 21.41 -5.44
C THR D 239 -9.74 21.01 -4.10
N PRO D 240 -10.05 21.75 -3.01
CA PRO D 240 -9.47 21.41 -1.71
C PRO D 240 -9.74 19.94 -1.44
N ALA D 241 -8.76 19.23 -0.89
CA ALA D 241 -8.93 17.80 -0.66
C ALA D 241 -8.87 17.26 0.78
N GLU D 242 -9.20 18.08 1.77
CA GLU D 242 -9.17 17.58 3.15
C GLU D 242 -10.20 16.47 3.18
N ASN D 243 -11.27 16.65 2.42
CA ASN D 243 -12.32 15.66 2.29
C ASN D 243 -11.88 14.90 1.03
N GLN D 244 -11.35 13.69 1.21
CA GLN D 244 -10.88 12.92 0.07
C GLN D 244 -11.98 12.49 -0.90
N GLU D 245 -13.24 12.70 -0.51
CA GLU D 245 -14.37 12.36 -1.39
C GLU D 245 -14.57 13.51 -2.39
N ALA D 246 -13.92 14.64 -2.13
CA ALA D 246 -14.05 15.82 -2.99
C ALA D 246 -13.74 15.56 -4.47
N PHE D 247 -12.83 14.64 -4.75
CA PHE D 247 -12.45 14.34 -6.12
C PHE D 247 -13.39 13.37 -6.83
N ARG D 248 -14.36 12.81 -6.10
CA ARG D 248 -15.31 11.85 -6.68
C ARG D 248 -16.07 12.39 -7.90
N LEU D 249 -16.68 13.55 -7.74
CA LEU D 249 -17.46 14.15 -8.83
C LEU D 249 -16.59 14.49 -10.02
N VAL D 250 -15.37 14.96 -9.75
CA VAL D 250 -14.45 15.32 -10.82
C VAL D 250 -14.09 14.10 -11.65
N ARG D 251 -13.66 13.05 -10.97
CA ARG D 251 -13.24 11.81 -11.62
C ARG D 251 -14.36 11.17 -12.44
N GLN D 252 -15.59 11.32 -11.98
CA GLN D 252 -16.73 10.73 -12.67
C GLN D 252 -17.10 11.45 -13.97
N HIS D 253 -16.77 12.74 -14.04
CA HIS D 253 -17.13 13.52 -15.22
C HIS D 253 -16.07 13.89 -16.25
N THR D 254 -14.79 13.70 -15.94
CA THR D 254 -13.77 14.04 -16.91
C THR D 254 -12.63 13.03 -16.95
N VAL D 255 -12.01 12.89 -18.12
CA VAL D 255 -10.89 11.98 -18.28
C VAL D 255 -9.58 12.76 -18.24
N THR D 256 -9.66 14.06 -17.95
CA THR D 256 -8.45 14.88 -17.84
C THR D 256 -7.71 14.34 -16.62
N PRO D 257 -6.40 14.05 -16.75
CA PRO D 257 -5.64 13.53 -15.61
C PRO D 257 -5.68 14.46 -14.40
N LEU D 258 -5.72 13.90 -13.21
CA LEU D 258 -5.77 14.69 -11.99
C LEU D 258 -4.55 14.44 -11.11
N ALA D 259 -4.06 15.50 -10.48
CA ALA D 259 -2.91 15.43 -9.59
C ALA D 259 -3.22 16.23 -8.33
N VAL D 260 -2.61 15.87 -7.20
CA VAL D 260 -2.83 16.57 -5.95
C VAL D 260 -1.83 16.09 -4.90
N GLY D 261 -1.62 16.88 -3.85
CA GLY D 261 -0.72 16.42 -2.81
C GLY D 261 0.46 17.22 -2.30
N GLU D 262 0.79 18.34 -2.93
CA GLU D 262 1.93 19.11 -2.46
C GLU D 262 1.78 19.53 -1.00
N ILE D 263 0.54 19.69 -0.53
CA ILE D 263 0.34 20.10 0.86
C ILE D 263 0.08 18.93 1.81
N PHE D 264 0.05 17.71 1.29
CA PHE D 264 -0.17 16.54 2.15
C PHE D 264 1.08 16.31 2.98
N ASN D 265 0.94 15.65 4.13
CA ASN D 265 2.10 15.35 4.96
C ASN D 265 2.18 13.89 5.41
N THR D 266 1.13 13.11 5.14
CA THR D 266 1.15 11.68 5.48
C THR D 266 0.33 10.89 4.45
N ILE D 267 0.57 9.59 4.42
CA ILE D 267 -0.13 8.71 3.50
C ILE D 267 -1.63 8.73 3.79
N TRP D 268 -1.99 9.11 5.01
CA TRP D 268 -3.39 9.18 5.42
C TRP D 268 -4.17 10.27 4.69
N ASP D 269 -3.47 11.26 4.16
CA ASP D 269 -4.12 12.34 3.43
C ASP D 269 -4.47 11.90 2.01
N ALA D 270 -3.90 10.78 1.57
CA ALA D 270 -4.11 10.33 0.20
C ALA D 270 -4.56 8.89 -0.04
N LYS D 271 -4.62 8.08 1.01
CA LYS D 271 -4.99 6.69 0.81
C LYS D 271 -6.30 6.47 0.09
N ASP D 272 -7.34 7.24 0.44
CA ASP D 272 -8.64 7.09 -0.22
C ASP D 272 -8.60 7.61 -1.65
N LEU D 273 -7.94 8.75 -1.87
CA LEU D 273 -7.83 9.31 -3.20
C LEU D 273 -7.17 8.31 -4.14
N ILE D 274 -6.21 7.56 -3.60
CA ILE D 274 -5.49 6.56 -4.38
C ILE D 274 -6.26 5.26 -4.58
N GLN D 275 -6.73 4.67 -3.49
CA GLN D 275 -7.46 3.40 -3.59
C GLN D 275 -8.77 3.52 -4.35
N ASN D 276 -9.37 4.71 -4.35
CA ASN D 276 -10.62 4.90 -5.08
C ASN D 276 -10.34 5.34 -6.51
N GLN D 277 -9.05 5.40 -6.85
CA GLN D 277 -8.60 5.78 -8.18
C GLN D 277 -9.16 7.13 -8.63
N LEU D 278 -9.01 8.13 -7.76
CA LEU D 278 -9.50 9.47 -8.06
C LEU D 278 -8.39 10.38 -8.58
N ILE D 279 -7.14 9.94 -8.52
CA ILE D 279 -6.02 10.73 -9.02
C ILE D 279 -5.04 9.91 -9.86
N ASP D 280 -4.29 10.59 -10.72
CA ASP D 280 -3.32 9.91 -11.56
C ASP D 280 -1.88 10.17 -11.10
N TYR D 281 -1.70 11.25 -10.35
CA TYR D 281 -0.36 11.61 -9.86
C TYR D 281 -0.46 12.09 -8.41
N ILE D 282 0.44 11.60 -7.57
CA ILE D 282 0.49 12.01 -6.17
C ILE D 282 1.68 12.96 -6.08
N ARG D 283 1.42 14.17 -5.58
CA ARG D 283 2.44 15.23 -5.50
C ARG D 283 3.19 15.36 -4.19
N ALA D 284 2.96 14.47 -3.24
CA ALA D 284 3.65 14.54 -1.95
C ALA D 284 5.16 14.57 -2.15
N THR D 285 5.88 15.26 -1.27
CA THR D 285 7.33 15.36 -1.38
C THR D 285 8.07 14.79 -0.20
N VAL D 286 9.39 14.66 -0.34
CA VAL D 286 10.24 14.14 0.71
C VAL D 286 10.19 15.00 1.97
N VAL D 287 10.19 16.32 1.80
CA VAL D 287 10.17 17.21 2.96
C VAL D 287 8.75 17.39 3.52
N GLY D 288 7.76 17.39 2.65
CA GLY D 288 6.39 17.55 3.13
C GLY D 288 5.79 16.31 3.77
N ALA D 289 6.18 15.12 3.30
CA ALA D 289 5.60 13.88 3.81
C ALA D 289 6.48 12.92 4.61
N GLY D 290 7.28 13.44 5.54
CA GLY D 290 8.11 12.59 6.38
C GLY D 290 9.34 11.89 5.85
N GLY D 291 9.99 12.47 4.85
CA GLY D 291 11.22 11.87 4.31
C GLY D 291 11.08 10.68 3.39
N LEU D 292 12.22 10.08 3.02
CA LEU D 292 12.25 8.92 2.13
C LEU D 292 11.50 7.74 2.74
N THR D 293 11.67 7.55 4.04
CA THR D 293 11.03 6.45 4.73
C THR D 293 9.51 6.42 4.49
N HIS D 294 8.85 7.55 4.65
CA HIS D 294 7.40 7.59 4.45
C HIS D 294 6.97 7.77 2.99
N LEU D 295 7.67 8.64 2.25
CA LEU D 295 7.28 8.86 0.85
C LEU D 295 7.32 7.54 0.06
N ARG D 296 8.24 6.67 0.44
CA ARG D 296 8.40 5.37 -0.20
C ARG D 296 7.10 4.56 -0.05
N ARG D 297 6.49 4.66 1.12
CA ARG D 297 5.26 3.94 1.38
C ARG D 297 4.12 4.53 0.55
N ILE D 298 4.11 5.85 0.41
CA ILE D 298 3.09 6.51 -0.38
C ILE D 298 3.22 6.08 -1.84
N ALA D 299 4.46 6.10 -2.36
CA ALA D 299 4.68 5.70 -3.75
C ALA D 299 4.29 4.25 -4.00
N ASP D 300 4.59 3.37 -3.05
CA ASP D 300 4.25 1.96 -3.21
C ASP D 300 2.73 1.73 -3.26
N LEU D 301 1.98 2.45 -2.42
CA LEU D 301 0.53 2.31 -2.43
C LEU D 301 0.01 2.80 -3.77
N ALA D 302 0.51 3.95 -4.21
CA ALA D 302 0.09 4.52 -5.48
C ALA D 302 0.36 3.55 -6.64
N SER D 303 1.50 2.86 -6.61
CA SER D 303 1.84 1.94 -7.69
C SER D 303 0.81 0.84 -7.91
N LEU D 304 0.18 0.39 -6.83
CA LEU D 304 -0.81 -0.67 -6.93
C LEU D 304 -1.99 -0.28 -7.82
N TYR D 305 -2.25 1.02 -7.92
CA TYR D 305 -3.34 1.54 -8.73
C TYR D 305 -2.83 2.31 -9.94
N GLN D 306 -1.59 2.06 -10.29
CA GLN D 306 -0.94 2.71 -11.43
C GLN D 306 -0.90 4.22 -11.32
N VAL D 307 -0.91 4.72 -10.10
CA VAL D 307 -0.83 6.15 -9.85
C VAL D 307 0.68 6.44 -9.85
N ARG D 308 1.09 7.54 -10.48
CA ARG D 308 2.50 7.88 -10.56
C ARG D 308 2.92 9.07 -9.70
N THR D 309 4.21 9.17 -9.40
CA THR D 309 4.72 10.27 -8.59
C THR D 309 4.88 11.53 -9.44
N GLY D 310 4.56 12.67 -8.84
CA GLY D 310 4.69 13.94 -9.52
C GLY D 310 5.11 14.95 -8.46
N CYS D 311 6.18 14.61 -7.74
CA CYS D 311 6.70 15.44 -6.66
C CYS D 311 6.73 16.95 -6.87
N HIS D 312 6.18 17.65 -5.90
CA HIS D 312 6.14 19.11 -5.84
C HIS D 312 7.61 19.53 -5.81
N GLY D 313 7.94 20.66 -6.44
CA GLY D 313 9.32 21.11 -6.48
C GLY D 313 9.51 22.60 -6.64
N ALA D 314 8.72 23.38 -5.91
CA ALA D 314 8.82 24.83 -5.96
C ALA D 314 10.11 25.25 -5.25
N THR D 315 10.47 26.52 -5.37
CA THR D 315 11.70 27.00 -4.74
C THR D 315 11.72 26.92 -3.21
N ASP D 316 10.56 26.88 -2.56
CA ASP D 316 10.55 26.82 -1.10
C ASP D 316 11.00 25.46 -0.54
N LEU D 317 11.38 24.55 -1.44
CA LEU D 317 11.92 23.25 -1.06
C LEU D 317 13.40 23.42 -1.40
N SER D 318 14.27 23.41 -0.38
CA SER D 318 15.71 23.62 -0.59
C SER D 318 16.41 22.56 -1.45
N PRO D 319 17.63 22.87 -1.93
CA PRO D 319 18.38 21.93 -2.74
C PRO D 319 18.55 20.57 -2.05
N VAL D 320 18.46 20.56 -0.72
CA VAL D 320 18.60 19.30 0.01
C VAL D 320 17.41 18.40 -0.32
N THR D 321 16.22 18.99 -0.38
CA THR D 321 15.02 18.23 -0.72
C THR D 321 15.12 17.76 -2.16
N MET D 322 15.56 18.66 -3.05
CA MET D 322 15.68 18.31 -4.47
C MET D 322 16.64 17.13 -4.63
N GLY D 323 17.74 17.15 -3.89
CA GLY D 323 18.70 16.06 -3.96
C GLY D 323 18.05 14.75 -3.58
N CYS D 324 17.39 14.72 -2.43
CA CYS D 324 16.70 13.51 -1.98
C CYS D 324 15.59 13.12 -2.95
N ALA D 325 14.88 14.12 -3.47
CA ALA D 325 13.78 13.87 -4.41
C ALA D 325 14.29 13.20 -5.67
N LEU D 326 15.42 13.69 -6.18
CA LEU D 326 16.00 13.13 -7.39
C LEU D 326 16.51 11.70 -7.18
N HIS D 327 17.01 11.40 -5.99
CA HIS D 327 17.47 10.04 -5.69
C HIS D 327 16.23 9.15 -5.69
N PHE D 328 15.20 9.65 -5.03
CA PHE D 328 13.92 8.95 -4.97
C PHE D 328 13.41 8.72 -6.40
N ASP D 329 13.34 9.80 -7.19
CA ASP D 329 12.87 9.75 -8.57
C ASP D 329 13.67 8.78 -9.45
N THR D 330 14.97 8.71 -9.20
CA THR D 330 15.84 7.85 -9.98
C THR D 330 15.54 6.37 -9.77
N TRP D 331 15.07 6.03 -8.58
CA TRP D 331 14.74 4.64 -8.24
C TRP D 331 13.28 4.22 -8.38
N VAL D 332 12.37 5.04 -7.86
CA VAL D 332 10.95 4.70 -7.85
C VAL D 332 10.41 4.21 -9.19
N PRO D 333 9.87 2.99 -9.21
CA PRO D 333 9.31 2.39 -10.42
C PRO D 333 8.22 3.22 -11.09
N ASN D 334 7.26 3.68 -10.29
CA ASN D 334 6.13 4.45 -10.80
C ASN D 334 6.33 5.97 -10.85
N PHE D 335 7.48 6.38 -11.37
CA PHE D 335 7.81 7.79 -11.51
C PHE D 335 6.95 8.40 -12.62
N GLY D 336 6.47 9.62 -12.40
CA GLY D 336 5.67 10.28 -13.41
C GLY D 336 6.41 11.49 -13.95
N ILE D 337 6.68 12.45 -13.07
CA ILE D 337 7.37 13.66 -13.45
C ILE D 337 7.87 14.34 -12.18
N GLN D 338 8.79 15.30 -12.35
CA GLN D 338 9.33 16.02 -11.21
C GLN D 338 9.22 17.52 -11.51
N GLU D 339 8.62 18.27 -10.58
CA GLU D 339 8.50 19.71 -10.77
C GLU D 339 9.88 20.33 -10.55
N TYR D 340 10.24 21.31 -11.38
CA TYR D 340 11.53 21.96 -11.24
C TYR D 340 11.47 23.47 -11.37
N MET D 341 11.64 24.15 -10.24
CA MET D 341 11.65 25.60 -10.19
C MET D 341 13.09 25.93 -9.81
N ARG D 342 13.79 26.68 -10.66
CA ARG D 342 15.19 27.01 -10.39
C ARG D 342 15.46 27.88 -9.18
N HIS D 343 16.43 27.49 -8.37
CA HIS D 343 16.80 28.24 -7.17
C HIS D 343 17.70 29.41 -7.60
N THR D 344 17.91 30.36 -6.70
CA THR D 344 18.77 31.51 -7.01
C THR D 344 20.22 31.07 -6.97
N GLU D 345 21.09 31.90 -7.53
CA GLU D 345 22.51 31.61 -7.58
C GLU D 345 23.07 31.54 -6.14
N GLU D 346 22.59 32.42 -5.27
CA GLU D 346 23.04 32.44 -3.89
C GLU D 346 22.64 31.16 -3.15
N THR D 347 21.46 30.65 -3.47
CA THR D 347 20.96 29.42 -2.86
C THR D 347 21.83 28.23 -3.25
N ASP D 348 22.16 28.13 -4.53
CA ASP D 348 23.00 27.02 -4.99
C ASP D 348 24.40 27.06 -4.35
N ALA D 349 24.88 28.26 -4.04
CA ALA D 349 26.20 28.39 -3.43
C ALA D 349 26.16 27.92 -1.98
N VAL D 350 25.08 28.25 -1.28
CA VAL D 350 24.93 27.85 0.11
C VAL D 350 24.71 26.34 0.23
N PHE D 351 24.09 25.76 -0.80
CA PHE D 351 23.81 24.33 -0.79
C PHE D 351 24.45 23.59 -1.97
N PRO D 352 25.78 23.37 -1.92
CA PRO D 352 26.46 22.66 -3.00
C PRO D 352 25.77 21.31 -3.23
N HIS D 353 25.56 20.93 -4.48
CA HIS D 353 24.88 19.68 -4.80
C HIS D 353 25.45 19.03 -6.06
N ASP D 354 25.21 17.73 -6.22
CA ASP D 354 25.73 17.02 -7.38
C ASP D 354 24.73 16.76 -8.52
N TYR D 355 23.51 17.28 -8.41
CA TYR D 355 22.53 17.07 -9.48
C TYR D 355 22.63 18.18 -10.53
N TRP D 356 22.22 17.89 -11.75
CA TRP D 356 22.29 18.88 -12.84
C TRP D 356 21.12 18.79 -13.79
N PHE D 357 20.92 19.83 -14.58
CA PHE D 357 19.83 19.91 -15.54
C PHE D 357 20.36 19.87 -16.97
N GLU D 358 19.66 19.14 -17.83
CA GLU D 358 20.10 19.02 -19.22
C GLU D 358 18.97 18.60 -20.14
N LYS D 359 18.59 19.50 -21.04
CA LYS D 359 17.55 19.22 -22.02
C LYS D 359 16.22 18.72 -21.45
N GLY D 360 15.64 19.49 -20.53
CA GLY D 360 14.37 19.10 -19.94
C GLY D 360 14.40 17.96 -18.95
N GLU D 361 15.59 17.61 -18.47
CA GLU D 361 15.74 16.54 -17.51
C GLU D 361 16.75 16.89 -16.42
N LEU D 362 16.47 16.46 -15.18
CA LEU D 362 17.39 16.67 -14.09
C LEU D 362 18.07 15.30 -13.95
N PHE D 363 19.25 15.28 -13.34
CA PHE D 363 19.98 14.04 -13.17
C PHE D 363 20.62 14.07 -11.78
N VAL D 364 20.61 12.95 -11.08
CA VAL D 364 21.21 12.90 -9.75
C VAL D 364 22.63 12.37 -9.91
N GLY D 365 23.53 12.82 -9.02
CA GLY D 365 24.93 12.40 -9.09
C GLY D 365 25.25 11.09 -8.39
N GLU D 366 26.55 10.77 -8.32
CA GLU D 366 27.02 9.54 -7.70
C GLU D 366 27.70 9.75 -6.35
N THR D 367 27.67 10.97 -5.85
CA THR D 367 28.28 11.29 -4.57
C THR D 367 27.61 10.54 -3.42
N PRO D 368 28.41 9.88 -2.55
CA PRO D 368 27.84 9.13 -1.42
C PRO D 368 26.96 10.06 -0.59
N GLY D 369 25.80 9.56 -0.17
CA GLY D 369 24.85 10.37 0.59
C GLY D 369 23.80 10.85 -0.41
N HIS D 370 23.10 11.95 -0.12
CA HIS D 370 22.13 12.44 -1.09
C HIS D 370 22.75 13.48 -2.02
N GLY D 371 24.07 13.67 -1.87
CA GLY D 371 24.80 14.58 -2.73
C GLY D 371 24.73 16.07 -2.44
N VAL D 372 24.03 16.46 -1.38
CA VAL D 372 23.93 17.86 -1.05
C VAL D 372 24.58 18.13 0.29
N ASP D 373 25.07 19.35 0.46
CA ASP D 373 25.69 19.75 1.72
C ASP D 373 25.36 21.22 1.91
N ILE D 374 25.74 21.77 3.05
CA ILE D 374 25.48 23.17 3.32
C ILE D 374 26.75 23.89 3.78
N ASP D 375 26.99 25.06 3.22
CA ASP D 375 28.16 25.87 3.58
C ASP D 375 27.71 26.76 4.73
N GLU D 376 27.95 26.31 5.95
CA GLU D 376 27.54 27.05 7.14
C GLU D 376 28.10 28.47 7.22
N GLU D 377 29.36 28.65 6.84
CA GLU D 377 29.95 29.97 6.89
C GLU D 377 29.20 30.91 5.94
N LEU D 378 29.00 30.47 4.71
CA LEU D 378 28.29 31.29 3.73
C LEU D 378 26.82 31.49 4.12
N ALA D 379 26.19 30.45 4.66
CA ALA D 379 24.79 30.53 5.08
C ALA D 379 24.55 31.64 6.10
N ALA D 380 25.51 31.81 7.01
CA ALA D 380 25.39 32.84 8.04
C ALA D 380 25.40 34.26 7.49
N LYS D 381 25.81 34.41 6.23
CA LYS D 381 25.87 35.73 5.61
C LYS D 381 24.48 36.19 5.13
N TYR D 382 23.53 35.27 5.13
CA TYR D 382 22.17 35.57 4.69
C TYR D 382 21.18 35.33 5.81
N PRO D 383 20.97 36.35 6.66
CA PRO D 383 20.05 36.27 7.80
C PRO D 383 18.57 36.09 7.42
N TYR D 384 17.86 35.39 8.31
CA TYR D 384 16.44 35.12 8.14
C TYR D 384 15.64 36.40 7.89
N LYS D 385 14.67 36.32 6.99
CA LYS D 385 13.83 37.47 6.68
C LYS D 385 12.38 36.99 6.54
N PRO D 386 11.49 37.45 7.42
CA PRO D 386 10.08 37.05 7.37
C PRO D 386 9.44 37.24 5.99
N ALA D 387 8.74 36.21 5.53
CA ALA D 387 8.05 36.24 4.25
C ALA D 387 6.84 35.29 4.29
N TYR D 388 5.69 35.80 3.88
CA TYR D 388 4.44 35.03 3.89
C TYR D 388 3.90 34.68 2.52
N LEU D 389 3.15 33.58 2.45
CA LEU D 389 2.51 33.20 1.21
C LEU D 389 1.28 34.09 1.14
N PRO D 390 0.81 34.40 -0.07
CA PRO D 390 -0.38 35.26 -0.13
C PRO D 390 -1.65 34.50 0.23
N VAL D 391 -2.74 35.26 0.42
CA VAL D 391 -4.03 34.66 0.73
C VAL D 391 -4.96 35.12 -0.39
N ALA D 392 -6.13 34.52 -0.50
CA ALA D 392 -7.06 34.91 -1.54
C ALA D 392 -8.47 35.11 -1.01
N ARG D 393 -9.15 36.11 -1.58
CA ARG D 393 -10.53 36.41 -1.20
C ARG D 393 -11.36 36.56 -2.46
N LEU D 394 -12.63 36.17 -2.39
CA LEU D 394 -13.52 36.32 -3.53
C LEU D 394 -13.85 37.80 -3.65
N GLU D 395 -14.55 38.17 -4.72
CA GLU D 395 -14.89 39.56 -4.95
C GLU D 395 -15.75 40.19 -3.86
N ASP D 396 -16.51 39.38 -3.12
CA ASP D 396 -17.33 39.94 -2.05
C ASP D 396 -16.59 39.99 -0.72
N GLY D 397 -15.34 39.55 -0.72
CA GLY D 397 -14.54 39.55 0.49
C GLY D 397 -14.39 38.22 1.20
N THR D 398 -15.06 37.19 0.68
CA THR D 398 -15.00 35.86 1.30
C THR D 398 -13.60 35.24 1.29
N MET D 399 -13.10 34.86 2.46
CA MET D 399 -11.79 34.22 2.54
C MET D 399 -11.85 32.98 1.65
N TRP D 400 -10.88 32.81 0.77
CA TRP D 400 -10.87 31.67 -0.13
C TRP D 400 -9.54 30.92 -0.04
N ASN D 401 -9.31 30.02 -0.99
CA ASN D 401 -8.09 29.22 -1.01
C ASN D 401 -7.12 29.78 -2.04
N TRP D 402 -5.95 30.21 -1.58
CA TRP D 402 -4.97 30.73 -2.51
C TRP D 402 -4.30 29.57 -3.24
MG MG E . 0.48 -23.43 7.11
O1B KDG F . 5.98 -27.10 1.49
C1 KDG F . 4.76 -26.84 2.19
C2 KDG F . 5.05 -26.70 3.70
O2 KDG F . 6.00 -25.65 3.87
C3 KDG F . 3.77 -26.42 4.52
O3 KDG F . 2.93 -27.58 4.48
C4 KDG F . 4.06 -26.12 6.00
O5 KDG F . 1.82 -25.36 6.31
C5 KDG F . 2.99 -25.34 6.74
C6 KDG F . 3.36 -24.56 8.02
O6A KDG F . 2.71 -23.53 8.31
O6B KDG F . 4.32 -24.97 8.70
MG MG G . -2.91 -9.34 -27.23
O1B KDG H . 3.49 -15.02 -26.62
C1 KDG H . 2.82 -13.75 -26.57
C2 KDG H . 1.99 -13.53 -27.85
O2 KDG H . 1.06 -14.62 -27.94
C3 KDG H . 1.25 -12.18 -27.86
O3 KDG H . 2.22 -11.14 -27.79
C4 KDG H . 0.41 -11.95 -29.12
O5 KDG H . -0.67 -10.06 -28.11
C5 KDG H . -0.75 -10.98 -28.93
C6 KDG H . -2.03 -11.16 -29.79
O6A KDG H . -3.12 -10.76 -29.32
O6B KDG H . -1.92 -11.69 -30.91
MG MG I . -7.14 9.11 26.52
O1B KDG J . -0.93 15.16 26.86
C1 KDG J . -1.49 13.85 26.68
C2 KDG J . -2.50 13.56 27.79
O2 KDG J . -3.49 14.59 27.77
C3 KDG J . -3.15 12.16 27.67
O3 KDG J . -2.12 11.19 27.76
C4 KDG J . -4.19 11.86 28.77
O5 KDG J . -5.05 9.98 27.53
C5 KDG J . -5.28 10.86 28.38
C6 KDG J . -6.66 10.95 29.09
O6A KDG J . -7.67 10.56 28.47
O6B KDG J . -6.70 11.42 30.24
MG MG K . 0.59 23.45 -7.07
O1B KDG L . 4.96 27.36 -0.69
C1 KDG L . 3.86 27.06 -1.57
C2 KDG L . 4.37 26.89 -3.00
O2 KDG L . 5.34 25.84 -3.00
C3 KDG L . 3.24 26.57 -4.01
O3 KDG L . 2.31 27.65 -4.00
C4 KDG L . 3.74 26.41 -5.44
O5 KDG L . 1.62 25.55 -6.16
C5 KDG L . 2.85 25.56 -6.34
C6 KDG L . 3.51 24.72 -7.47
O6A KDG L . 2.90 23.73 -7.91
O6B KDG L . 4.64 25.08 -7.88
#